data_2FCE
#
_entry.id   2FCE
#
_cell.length_a   1.000
_cell.length_b   1.000
_cell.length_c   1.000
_cell.angle_alpha   90.00
_cell.angle_beta   90.00
_cell.angle_gamma   90.00
#
_symmetry.space_group_name_H-M   'P 1'
#
_entity_poly.entity_id   1
_entity_poly.type   'polypeptide(L)'
_entity_poly.pdbx_seq_one_letter_code
;KAKTEDFVKAFQVFDKESTGKVSVGDLRYMLTGLGEKLTDAEVDELLKGVEVDSNGEIDYKKFIEDVLRQ
;
_entity_poly.pdbx_strand_id   A
#
# COMPACT_ATOMS: atom_id res chain seq x y z
N LYS A 1 -10.35 6.18 -16.31
CA LYS A 1 -9.43 6.32 -15.14
C LYS A 1 -8.27 5.32 -15.25
N ALA A 2 -7.63 5.04 -14.14
CA ALA A 2 -6.50 4.08 -14.12
C ALA A 2 -6.96 2.72 -13.59
N LYS A 3 -6.35 1.65 -14.06
CA LYS A 3 -6.77 0.29 -13.60
C LYS A 3 -5.81 -0.26 -12.54
N THR A 4 -6.20 -1.34 -11.92
CA THR A 4 -5.36 -1.95 -10.84
C THR A 4 -3.93 -2.17 -11.36
N GLU A 5 -3.79 -2.41 -12.64
CA GLU A 5 -2.43 -2.62 -13.24
C GLU A 5 -1.48 -1.47 -12.87
N ASP A 6 -1.98 -0.27 -12.84
CA ASP A 6 -1.11 0.90 -12.48
C ASP A 6 -0.59 0.72 -11.05
N PHE A 7 -1.47 0.40 -10.14
CA PHE A 7 -1.05 0.21 -8.72
C PHE A 7 -0.31 -1.13 -8.52
N VAL A 8 -0.77 -2.17 -9.16
CA VAL A 8 -0.11 -3.51 -8.97
C VAL A 8 1.35 -3.46 -9.44
N LYS A 9 1.59 -2.98 -10.64
CA LYS A 9 2.99 -2.92 -11.17
C LYS A 9 3.89 -2.10 -10.24
N ALA A 10 3.35 -1.10 -9.60
CA ALA A 10 4.16 -0.24 -8.70
C ALA A 10 4.78 -1.04 -7.54
N PHE A 11 3.97 -1.66 -6.72
CA PHE A 11 4.53 -2.43 -5.56
C PHE A 11 5.12 -3.78 -5.99
N GLN A 12 4.36 -4.58 -6.69
CA GLN A 12 4.84 -5.95 -7.09
C GLN A 12 6.26 -5.93 -7.70
N VAL A 13 6.58 -4.94 -8.50
CA VAL A 13 7.95 -4.91 -9.11
C VAL A 13 9.01 -4.86 -7.99
N PHE A 14 8.71 -4.19 -6.90
CA PHE A 14 9.70 -4.14 -5.77
C PHE A 14 9.88 -5.56 -5.21
N ASP A 15 8.81 -6.32 -5.09
CA ASP A 15 8.93 -7.71 -4.54
C ASP A 15 9.82 -8.59 -5.43
N LYS A 16 11.11 -8.47 -5.28
CA LYS A 16 12.04 -9.29 -6.11
C LYS A 16 11.85 -10.78 -5.82
N GLU A 17 11.69 -11.15 -4.57
CA GLU A 17 11.50 -12.59 -4.23
C GLU A 17 10.00 -12.95 -4.21
N SER A 18 9.16 -12.13 -4.78
CA SER A 18 7.69 -12.40 -4.86
C SER A 18 7.10 -13.04 -3.59
N THR A 19 7.19 -12.37 -2.46
CA THR A 19 6.62 -12.95 -1.20
C THR A 19 5.16 -12.51 -1.06
N GLY A 20 4.84 -11.32 -1.51
CA GLY A 20 3.44 -10.82 -1.41
C GLY A 20 3.26 -9.93 -0.18
N LYS A 21 4.32 -9.56 0.50
CA LYS A 21 4.18 -8.70 1.71
C LYS A 21 5.18 -7.55 1.66
N VAL A 22 4.89 -6.45 2.33
CA VAL A 22 5.85 -5.30 2.32
C VAL A 22 5.73 -4.52 3.64
N SER A 23 6.73 -3.75 3.98
CA SER A 23 6.69 -2.96 5.25
C SER A 23 5.88 -1.67 5.02
N VAL A 24 5.16 -1.25 6.02
CA VAL A 24 4.34 0.00 5.88
C VAL A 24 5.22 1.19 5.50
N GLY A 25 6.40 1.30 6.07
CA GLY A 25 7.29 2.44 5.75
C GLY A 25 7.62 2.46 4.25
N ASP A 26 7.85 1.31 3.67
CA ASP A 26 8.16 1.26 2.21
C ASP A 26 6.88 1.32 1.39
N LEU A 27 5.85 0.66 1.84
CA LEU A 27 4.55 0.65 1.09
C LEU A 27 4.02 2.08 0.95
N ARG A 28 3.95 2.82 2.04
CA ARG A 28 3.42 4.22 1.96
C ARG A 28 4.35 5.11 1.14
N TYR A 29 5.63 4.82 1.12
CA TYR A 29 6.56 5.68 0.33
C TYR A 29 6.25 5.56 -1.17
N MET A 30 6.11 4.35 -1.67
CA MET A 30 5.81 4.19 -3.13
C MET A 30 4.46 4.82 -3.46
N LEU A 31 3.48 4.66 -2.61
CA LEU A 31 2.15 5.26 -2.89
C LEU A 31 2.32 6.77 -3.10
N THR A 32 3.10 7.38 -2.24
CA THR A 32 3.37 8.85 -2.39
C THR A 32 4.06 9.12 -3.73
N GLY A 33 4.82 8.17 -4.21
CA GLY A 33 5.50 8.30 -5.52
C GLY A 33 4.56 7.85 -6.65
N LEU A 34 3.49 7.17 -6.32
CA LEU A 34 2.54 6.64 -7.34
C LEU A 34 1.35 7.60 -7.60
N GLY A 35 1.36 8.79 -7.04
CA GLY A 35 0.20 9.71 -7.24
C GLY A 35 -0.67 9.71 -5.98
N GLU A 36 -0.06 9.50 -4.84
CA GLU A 36 -0.81 9.50 -3.56
C GLU A 36 -0.40 10.70 -2.71
N LYS A 37 -1.33 11.56 -2.38
CA LYS A 37 -1.00 12.73 -1.52
C LYS A 37 -1.88 12.71 -0.28
N LEU A 38 -1.77 11.65 0.48
CA LEU A 38 -2.54 11.52 1.75
C LEU A 38 -1.68 12.09 2.89
N THR A 39 -2.29 12.65 3.89
CA THR A 39 -1.50 13.20 5.04
C THR A 39 -1.72 12.35 6.28
N ASP A 40 -0.70 12.12 7.09
CA ASP A 40 -0.84 11.26 8.32
C ASP A 40 -2.17 11.49 9.06
N ALA A 41 -2.75 12.66 8.95
CA ALA A 41 -4.06 12.92 9.61
C ALA A 41 -5.11 11.97 9.02
N GLU A 42 -5.23 11.95 7.71
CA GLU A 42 -6.22 11.04 7.06
C GLU A 42 -5.68 9.61 7.03
N VAL A 43 -4.41 9.45 6.72
CA VAL A 43 -3.80 8.07 6.68
C VAL A 43 -3.91 7.40 8.05
N ASP A 44 -3.76 8.15 9.12
CA ASP A 44 -3.88 7.53 10.47
C ASP A 44 -5.30 6.98 10.66
N GLU A 45 -6.28 7.68 10.16
CA GLU A 45 -7.69 7.20 10.27
C GLU A 45 -7.84 5.88 9.50
N LEU A 46 -7.38 5.87 8.27
CA LEU A 46 -7.47 4.64 7.44
C LEU A 46 -6.71 3.49 8.11
N LEU A 47 -5.48 3.74 8.50
CA LEU A 47 -4.66 2.70 9.17
C LEU A 47 -5.30 2.23 10.48
N LYS A 48 -6.23 2.97 11.01
CA LYS A 48 -6.85 2.60 12.32
C LYS A 48 -7.48 1.20 12.27
N GLY A 49 -7.71 0.65 11.10
CA GLY A 49 -8.33 -0.70 11.00
C GLY A 49 -7.35 -1.72 10.41
N VAL A 50 -6.22 -1.28 9.88
CA VAL A 50 -5.26 -2.25 9.27
C VAL A 50 -4.58 -3.08 10.37
N GLU A 51 -4.47 -4.36 10.13
CA GLU A 51 -3.85 -5.29 11.11
C GLU A 51 -2.44 -5.70 10.67
N VAL A 52 -1.44 -5.08 11.25
CA VAL A 52 -0.02 -5.43 10.91
C VAL A 52 0.40 -6.62 11.77
N ASP A 53 1.41 -7.36 11.34
CA ASP A 53 1.85 -8.55 12.12
C ASP A 53 3.01 -8.20 13.06
N SER A 54 3.50 -9.18 13.77
CA SER A 54 4.63 -8.96 14.74
C SER A 54 5.96 -8.70 14.01
N ASN A 55 5.98 -8.73 12.69
CA ASN A 55 7.25 -8.45 11.96
C ASN A 55 7.18 -7.07 11.29
N GLY A 56 6.03 -6.45 11.25
CA GLY A 56 5.91 -5.10 10.62
C GLY A 56 5.61 -5.25 9.12
N GLU A 57 4.99 -6.33 8.74
CA GLU A 57 4.68 -6.54 7.29
C GLU A 57 3.17 -6.45 7.03
N ILE A 58 2.81 -5.79 5.97
CA ILE A 58 1.37 -5.65 5.60
C ILE A 58 1.17 -6.12 4.16
N ASP A 59 -0.06 -6.29 3.73
CA ASP A 59 -0.31 -6.74 2.34
C ASP A 59 -0.57 -5.54 1.44
N TYR A 60 0.32 -5.25 0.52
CA TYR A 60 0.13 -4.07 -0.38
C TYR A 60 -1.12 -4.21 -1.25
N LYS A 61 -1.53 -5.42 -1.57
CA LYS A 61 -2.73 -5.59 -2.44
C LYS A 61 -4.01 -5.28 -1.66
N LYS A 62 -4.02 -5.60 -0.38
CA LYS A 62 -5.23 -5.37 0.46
C LYS A 62 -5.47 -3.88 0.71
N PHE A 63 -4.45 -3.14 1.06
CA PHE A 63 -4.65 -1.69 1.37
C PHE A 63 -4.95 -0.90 0.10
N ILE A 64 -4.47 -1.36 -1.02
CA ILE A 64 -4.76 -0.65 -2.31
C ILE A 64 -6.20 -0.93 -2.74
N GLU A 65 -6.64 -2.16 -2.67
CA GLU A 65 -8.05 -2.48 -3.06
C GLU A 65 -9.02 -1.71 -2.16
N ASP A 66 -8.63 -1.38 -0.96
CA ASP A 66 -9.53 -0.62 -0.04
C ASP A 66 -9.34 0.89 -0.26
N VAL A 67 -8.31 1.30 -0.95
CA VAL A 67 -8.10 2.76 -1.22
C VAL A 67 -8.69 3.06 -2.61
N LEU A 68 -8.48 2.18 -3.54
CA LEU A 68 -9.01 2.35 -4.93
C LEU A 68 -10.54 2.54 -4.91
N ARG A 69 -11.20 2.13 -3.85
CA ARG A 69 -12.68 2.30 -3.77
C ARG A 69 -13.06 3.78 -3.88
N GLN A 70 -12.30 4.64 -3.26
CA GLN A 70 -12.61 6.10 -3.33
C GLN A 70 -11.31 6.92 -3.30
N LYS A 1 -9.46 7.54 -14.49
CA LYS A 1 -9.75 6.08 -14.62
C LYS A 1 -8.44 5.30 -14.79
N ALA A 2 -7.94 4.75 -13.72
CA ALA A 2 -6.67 3.96 -13.76
C ALA A 2 -6.97 2.48 -13.53
N LYS A 3 -6.10 1.61 -14.00
CA LYS A 3 -6.33 0.15 -13.81
C LYS A 3 -5.45 -0.40 -12.70
N THR A 4 -5.83 -1.54 -12.16
CA THR A 4 -5.04 -2.17 -11.06
C THR A 4 -3.56 -2.26 -11.49
N GLU A 5 -3.32 -2.40 -12.76
CA GLU A 5 -1.93 -2.48 -13.30
C GLU A 5 -1.08 -1.32 -12.79
N ASP A 6 -1.65 -0.15 -12.70
CA ASP A 6 -0.87 1.04 -12.22
C ASP A 6 -0.35 0.78 -10.81
N PHE A 7 -1.22 0.36 -9.92
CA PHE A 7 -0.81 0.08 -8.51
C PHE A 7 -0.04 -1.24 -8.42
N VAL A 8 -0.48 -2.26 -9.14
CA VAL A 8 0.22 -3.58 -9.06
C VAL A 8 1.68 -3.46 -9.53
N LYS A 9 1.89 -2.86 -10.67
CA LYS A 9 3.28 -2.72 -11.21
C LYS A 9 4.15 -1.93 -10.23
N ALA A 10 3.57 -0.97 -9.56
CA ALA A 10 4.37 -0.13 -8.60
C ALA A 10 4.96 -0.97 -7.47
N PHE A 11 4.15 -1.75 -6.80
CA PHE A 11 4.68 -2.57 -5.66
C PHE A 11 5.45 -3.81 -6.16
N GLN A 12 4.82 -4.62 -6.97
CA GLN A 12 5.46 -5.89 -7.45
C GLN A 12 6.89 -5.68 -7.95
N VAL A 13 7.21 -4.57 -8.58
CA VAL A 13 8.62 -4.38 -9.06
C VAL A 13 9.57 -4.40 -7.85
N PHE A 14 9.09 -3.98 -6.71
CA PHE A 14 9.92 -4.00 -5.47
C PHE A 14 9.69 -5.32 -4.71
N ASP A 15 9.26 -6.35 -5.38
CA ASP A 15 9.05 -7.67 -4.73
C ASP A 15 9.70 -8.76 -5.57
N LYS A 16 10.99 -8.89 -5.47
CA LYS A 16 11.72 -9.92 -6.28
C LYS A 16 11.30 -11.34 -5.90
N GLU A 17 11.19 -11.65 -4.63
CA GLU A 17 10.79 -13.04 -4.23
C GLU A 17 9.26 -13.16 -4.11
N SER A 18 8.52 -12.24 -4.69
CA SER A 18 7.02 -12.31 -4.68
C SER A 18 6.42 -12.80 -3.36
N THR A 19 6.96 -12.41 -2.22
CA THR A 19 6.38 -12.90 -0.93
C THR A 19 4.94 -12.38 -0.78
N GLY A 20 4.66 -11.20 -1.27
CA GLY A 20 3.28 -10.65 -1.20
C GLY A 20 3.10 -9.76 0.04
N LYS A 21 4.17 -9.35 0.68
CA LYS A 21 4.03 -8.49 1.90
C LYS A 21 4.99 -7.29 1.81
N VAL A 22 4.67 -6.20 2.48
CA VAL A 22 5.57 -5.01 2.45
C VAL A 22 5.43 -4.22 3.75
N SER A 23 6.40 -3.41 4.08
CA SER A 23 6.33 -2.58 5.32
C SER A 23 5.55 -1.30 5.04
N VAL A 24 4.83 -0.79 6.01
CA VAL A 24 4.05 0.47 5.77
C VAL A 24 5.00 1.63 5.46
N GLY A 25 6.17 1.66 6.06
CA GLY A 25 7.12 2.77 5.78
C GLY A 25 7.50 2.77 4.29
N ASP A 26 7.74 1.61 3.74
CA ASP A 26 8.10 1.52 2.30
C ASP A 26 6.84 1.63 1.45
N LEU A 27 5.78 0.97 1.87
CA LEU A 27 4.50 1.03 1.11
C LEU A 27 4.03 2.48 1.02
N ARG A 28 4.00 3.18 2.14
CA ARG A 28 3.54 4.59 2.14
C ARG A 28 4.49 5.46 1.30
N TYR A 29 5.76 5.13 1.27
CA TYR A 29 6.72 5.95 0.48
C TYR A 29 6.42 5.83 -1.01
N MET A 30 6.26 4.63 -1.52
CA MET A 30 5.97 4.47 -2.96
C MET A 30 4.56 4.96 -3.28
N LEU A 31 3.64 4.74 -2.37
CA LEU A 31 2.24 5.20 -2.62
C LEU A 31 2.23 6.69 -2.97
N THR A 32 2.97 7.47 -2.23
CA THR A 32 3.03 8.95 -2.52
C THR A 32 3.70 9.23 -3.86
N GLY A 33 4.44 8.27 -4.37
CA GLY A 33 5.12 8.43 -5.68
C GLY A 33 4.18 8.02 -6.82
N LEU A 34 3.09 7.35 -6.50
CA LEU A 34 2.15 6.87 -7.56
C LEU A 34 0.97 7.83 -7.79
N GLY A 35 0.99 9.00 -7.22
CA GLY A 35 -0.16 9.95 -7.41
C GLY A 35 -1.01 9.95 -6.14
N GLU A 36 -0.39 9.73 -5.02
CA GLU A 36 -1.12 9.72 -3.72
C GLU A 36 -0.64 10.88 -2.84
N LYS A 37 -1.51 11.76 -2.44
CA LYS A 37 -1.10 12.89 -1.56
C LYS A 37 -1.90 12.88 -0.26
N LEU A 38 -1.78 11.80 0.47
CA LEU A 38 -2.48 11.67 1.79
C LEU A 38 -1.54 12.18 2.88
N THR A 39 -2.06 12.74 3.94
CA THR A 39 -1.18 13.24 5.04
C THR A 39 -1.35 12.36 6.28
N ASP A 40 -0.30 12.13 7.04
CA ASP A 40 -0.38 11.23 8.26
C ASP A 40 -1.69 11.44 9.05
N ALA A 41 -2.24 12.62 9.01
CA ALA A 41 -3.55 12.87 9.71
C ALA A 41 -4.62 11.94 9.09
N GLU A 42 -4.78 12.01 7.79
CA GLU A 42 -5.77 11.14 7.10
C GLU A 42 -5.24 9.70 7.00
N VAL A 43 -3.97 9.56 6.70
CA VAL A 43 -3.37 8.19 6.57
C VAL A 43 -3.42 7.46 7.91
N ASP A 44 -3.24 8.14 9.01
CA ASP A 44 -3.28 7.44 10.34
C ASP A 44 -4.66 6.78 10.51
N GLU A 45 -5.70 7.47 10.09
CA GLU A 45 -7.07 6.89 10.19
C GLU A 45 -7.12 5.55 9.45
N LEU A 46 -6.53 5.51 8.27
CA LEU A 46 -6.52 4.23 7.47
C LEU A 46 -5.79 3.14 8.25
N LEU A 47 -4.60 3.46 8.73
CA LEU A 47 -3.80 2.47 9.52
C LEU A 47 -4.47 2.16 10.85
N LYS A 48 -5.31 3.05 11.32
CA LYS A 48 -5.97 2.84 12.65
C LYS A 48 -6.76 1.53 12.68
N GLY A 49 -7.08 0.98 11.54
CA GLY A 49 -7.87 -0.30 11.53
C GLY A 49 -7.10 -1.41 10.82
N VAL A 50 -6.05 -1.10 10.08
CA VAL A 50 -5.30 -2.19 9.37
C VAL A 50 -4.61 -3.10 10.38
N GLU A 51 -4.82 -4.38 10.24
CA GLU A 51 -4.20 -5.38 11.17
C GLU A 51 -2.79 -5.77 10.71
N VAL A 52 -1.80 -5.18 11.33
CA VAL A 52 -0.39 -5.51 10.99
C VAL A 52 0.03 -6.76 11.77
N ASP A 53 1.03 -7.47 11.29
CA ASP A 53 1.47 -8.70 12.01
C ASP A 53 2.66 -8.43 12.92
N SER A 54 3.21 -9.46 13.50
CA SER A 54 4.38 -9.30 14.42
C SER A 54 5.67 -8.94 13.65
N ASN A 55 5.61 -8.83 12.35
CA ASN A 55 6.84 -8.45 11.57
C ASN A 55 6.72 -7.01 11.06
N GLY A 56 5.55 -6.42 11.16
CA GLY A 56 5.38 -5.00 10.68
C GLY A 56 5.11 -5.00 9.17
N GLU A 57 4.57 -6.06 8.65
CA GLU A 57 4.29 -6.12 7.18
C GLU A 57 2.78 -6.13 6.91
N ILE A 58 2.36 -5.41 5.90
CA ILE A 58 0.91 -5.37 5.55
C ILE A 58 0.74 -5.72 4.07
N ASP A 59 -0.34 -6.38 3.75
CA ASP A 59 -0.59 -6.78 2.33
C ASP A 59 -0.86 -5.54 1.47
N TYR A 60 0.01 -5.24 0.54
CA TYR A 60 -0.17 -4.03 -0.33
C TYR A 60 -1.39 -4.19 -1.25
N LYS A 61 -1.60 -5.37 -1.79
CA LYS A 61 -2.75 -5.57 -2.72
C LYS A 61 -4.08 -5.35 -1.98
N LYS A 62 -4.13 -5.78 -0.75
CA LYS A 62 -5.38 -5.61 0.05
C LYS A 62 -5.63 -4.13 0.40
N PHE A 63 -4.59 -3.43 0.78
CA PHE A 63 -4.74 -2.00 1.17
C PHE A 63 -5.03 -1.14 -0.05
N ILE A 64 -4.55 -1.54 -1.20
CA ILE A 64 -4.78 -0.75 -2.44
C ILE A 64 -6.14 -1.11 -3.06
N GLU A 65 -6.39 -2.39 -3.28
CA GLU A 65 -7.68 -2.81 -3.87
C GLU A 65 -8.86 -2.42 -2.98
N ASP A 66 -8.64 -2.31 -1.68
CA ASP A 66 -9.76 -1.91 -0.78
C ASP A 66 -9.84 -0.38 -0.67
N VAL A 67 -8.83 0.33 -1.11
CA VAL A 67 -8.90 1.83 -1.08
C VAL A 67 -9.36 2.31 -2.47
N LEU A 68 -8.89 1.65 -3.49
CA LEU A 68 -9.29 2.02 -4.89
C LEU A 68 -10.80 1.88 -5.09
N ARG A 69 -11.47 1.14 -4.24
CA ARG A 69 -12.95 0.98 -4.37
C ARG A 69 -13.65 2.34 -4.30
N GLN A 70 -14.62 2.56 -5.15
CA GLN A 70 -15.35 3.87 -5.14
C GLN A 70 -16.66 3.74 -5.91
N LYS A 1 -9.54 6.58 -13.26
CA LYS A 1 -9.55 5.86 -14.57
C LYS A 1 -8.26 5.04 -14.74
N ALA A 2 -7.79 4.48 -13.67
CA ALA A 2 -6.53 3.67 -13.71
C ALA A 2 -6.85 2.20 -13.42
N LYS A 3 -6.03 1.29 -13.89
CA LYS A 3 -6.29 -0.15 -13.65
C LYS A 3 -5.36 -0.70 -12.57
N THR A 4 -5.73 -1.84 -12.02
CA THR A 4 -4.90 -2.47 -10.94
C THR A 4 -3.44 -2.57 -11.41
N GLU A 5 -3.24 -2.71 -12.69
CA GLU A 5 -1.86 -2.81 -13.27
C GLU A 5 -0.99 -1.64 -12.81
N ASP A 6 -1.57 -0.46 -12.72
CA ASP A 6 -0.78 0.73 -12.28
C ASP A 6 -0.24 0.51 -10.87
N PHE A 7 -1.09 0.11 -9.96
CA PHE A 7 -0.65 -0.14 -8.56
C PHE A 7 0.13 -1.46 -8.46
N VAL A 8 -0.27 -2.47 -9.18
CA VAL A 8 0.45 -3.78 -9.09
C VAL A 8 1.90 -3.64 -9.58
N LYS A 9 2.09 -3.04 -10.73
CA LYS A 9 3.46 -2.89 -11.30
C LYS A 9 4.36 -2.08 -10.36
N ALA A 10 3.80 -1.11 -9.69
CA ALA A 10 4.61 -0.26 -8.76
C ALA A 10 5.24 -1.11 -7.64
N PHE A 11 4.46 -1.90 -6.96
CA PHE A 11 5.02 -2.73 -5.85
C PHE A 11 5.77 -3.95 -6.39
N GLN A 12 5.13 -4.73 -7.23
CA GLN A 12 5.76 -5.98 -7.75
C GLN A 12 7.18 -5.75 -8.30
N VAL A 13 7.46 -4.65 -8.96
CA VAL A 13 8.85 -4.44 -9.48
C VAL A 13 9.84 -4.46 -8.30
N PHE A 14 9.39 -4.02 -7.15
CA PHE A 14 10.26 -4.04 -5.93
C PHE A 14 10.00 -5.33 -5.14
N ASP A 15 9.52 -6.37 -5.80
CA ASP A 15 9.26 -7.67 -5.11
C ASP A 15 9.87 -8.81 -5.92
N LYS A 16 11.16 -8.97 -5.83
CA LYS A 16 11.84 -10.06 -6.60
C LYS A 16 11.49 -11.45 -6.04
N GLU A 17 10.86 -11.53 -4.90
CA GLU A 17 10.50 -12.86 -4.32
C GLU A 17 8.97 -13.02 -4.24
N SER A 18 8.22 -12.14 -4.86
CA SER A 18 6.73 -12.23 -4.87
C SER A 18 6.11 -12.72 -3.56
N THR A 19 6.66 -12.32 -2.42
CA THR A 19 6.07 -12.79 -1.13
C THR A 19 4.65 -12.25 -0.98
N GLY A 20 4.41 -11.06 -1.47
CA GLY A 20 3.04 -10.47 -1.38
C GLY A 20 2.92 -9.59 -0.13
N LYS A 21 4.02 -9.24 0.50
CA LYS A 21 3.95 -8.39 1.73
C LYS A 21 4.98 -7.26 1.64
N VAL A 22 4.75 -6.18 2.36
CA VAL A 22 5.72 -5.04 2.35
C VAL A 22 5.65 -4.29 3.69
N SER A 23 6.68 -3.54 4.01
CA SER A 23 6.68 -2.78 5.29
C SER A 23 5.91 -1.46 5.10
N VAL A 24 5.21 -1.03 6.13
CA VAL A 24 4.44 0.25 6.03
C VAL A 24 5.35 1.42 5.63
N GLY A 25 6.55 1.47 6.18
CA GLY A 25 7.47 2.60 5.85
C GLY A 25 7.76 2.63 4.35
N ASP A 26 7.96 1.48 3.75
CA ASP A 26 8.24 1.44 2.28
C ASP A 26 6.94 1.56 1.49
N LEU A 27 5.91 0.88 1.92
CA LEU A 27 4.61 0.94 1.19
C LEU A 27 4.10 2.38 1.17
N ARG A 28 4.06 3.03 2.30
CA ARG A 28 3.57 4.45 2.35
C ARG A 28 4.50 5.35 1.54
N TYR A 29 5.78 5.06 1.53
CA TYR A 29 6.75 5.92 0.78
C TYR A 29 6.49 5.81 -0.72
N MET A 30 6.38 4.60 -1.23
CA MET A 30 6.14 4.43 -2.69
C MET A 30 4.74 4.84 -3.06
N LEU A 31 3.79 4.61 -2.19
CA LEU A 31 2.37 5.00 -2.50
C LEU A 31 2.34 6.49 -2.86
N THR A 32 3.01 7.31 -2.08
CA THR A 32 3.04 8.77 -2.37
C THR A 32 3.72 9.05 -3.72
N GLY A 33 4.50 8.11 -4.20
CA GLY A 33 5.19 8.27 -5.51
C GLY A 33 4.29 7.80 -6.66
N LEU A 34 3.22 7.09 -6.34
CA LEU A 34 2.32 6.54 -7.40
C LEU A 34 1.12 7.47 -7.68
N GLY A 35 1.09 8.66 -7.13
CA GLY A 35 -0.08 9.57 -7.37
C GLY A 35 -0.97 9.56 -6.13
N GLU A 36 -0.36 9.39 -4.99
CA GLU A 36 -1.12 9.39 -3.70
C GLU A 36 -0.70 10.59 -2.84
N LYS A 37 -1.61 11.45 -2.50
CA LYS A 37 -1.25 12.62 -1.64
C LYS A 37 -2.09 12.62 -0.36
N LEU A 38 -1.97 11.55 0.39
CA LEU A 38 -2.69 11.42 1.69
C LEU A 38 -1.78 11.97 2.78
N THR A 39 -2.34 12.53 3.83
CA THR A 39 -1.50 13.07 4.93
C THR A 39 -1.66 12.22 6.18
N ASP A 40 -0.60 11.99 6.94
CA ASP A 40 -0.68 11.13 8.18
C ASP A 40 -1.97 11.37 8.99
N ALA A 41 -2.51 12.57 8.92
CA ALA A 41 -3.79 12.86 9.62
C ALA A 41 -4.89 11.96 9.05
N GLU A 42 -5.05 11.96 7.76
CA GLU A 42 -6.09 11.10 7.12
C GLU A 42 -5.59 9.64 7.05
N VAL A 43 -4.34 9.45 6.70
CA VAL A 43 -3.78 8.07 6.62
C VAL A 43 -3.86 7.37 7.98
N ASP A 44 -3.69 8.10 9.06
CA ASP A 44 -3.78 7.45 10.40
C ASP A 44 -5.20 6.90 10.61
N GLU A 45 -6.19 7.63 10.17
CA GLU A 45 -7.60 7.15 10.30
C GLU A 45 -7.76 5.82 9.56
N LEU A 46 -7.28 5.76 8.34
CA LEU A 46 -7.38 4.50 7.54
C LEU A 46 -6.62 3.37 8.23
N LEU A 47 -5.43 3.67 8.68
CA LEU A 47 -4.59 2.63 9.37
C LEU A 47 -5.25 2.16 10.67
N LYS A 48 -6.17 2.92 11.19
CA LYS A 48 -6.82 2.54 12.49
C LYS A 48 -7.44 1.13 12.43
N GLY A 49 -7.68 0.62 11.24
CA GLY A 49 -8.29 -0.74 11.13
C GLY A 49 -7.31 -1.74 10.50
N VAL A 50 -6.18 -1.28 9.99
CA VAL A 50 -5.21 -2.23 9.36
C VAL A 50 -4.54 -3.11 10.42
N GLU A 51 -4.48 -4.39 10.15
CA GLU A 51 -3.85 -5.35 11.11
C GLU A 51 -2.42 -5.69 10.69
N VAL A 52 -1.45 -5.06 11.30
CA VAL A 52 -0.03 -5.35 10.98
C VAL A 52 0.41 -6.60 11.75
N ASP A 53 1.42 -7.29 11.26
CA ASP A 53 1.88 -8.52 11.95
C ASP A 53 3.08 -8.23 12.86
N SER A 54 3.62 -9.26 13.47
CA SER A 54 4.79 -9.09 14.39
C SER A 54 6.08 -8.77 13.62
N ASN A 55 6.03 -8.71 12.31
CA ASN A 55 7.25 -8.39 11.52
C ASN A 55 7.15 -6.96 10.93
N GLY A 56 5.98 -6.38 10.94
CA GLY A 56 5.83 -4.99 10.38
C GLY A 56 5.48 -5.07 8.90
N GLU A 57 4.82 -6.12 8.48
CA GLU A 57 4.47 -6.28 7.04
C GLU A 57 2.96 -6.14 6.83
N ILE A 58 2.58 -5.39 5.83
CA ILE A 58 1.12 -5.20 5.53
C ILE A 58 0.87 -5.58 4.07
N ASP A 59 -0.26 -6.19 3.80
CA ASP A 59 -0.57 -6.61 2.40
C ASP A 59 -0.84 -5.37 1.54
N TYR A 60 0.02 -5.09 0.59
CA TYR A 60 -0.16 -3.89 -0.28
C TYR A 60 -1.38 -4.05 -1.20
N LYS A 61 -1.67 -5.24 -1.66
CA LYS A 61 -2.83 -5.43 -2.57
C LYS A 61 -4.15 -5.23 -1.82
N LYS A 62 -4.17 -5.57 -0.56
CA LYS A 62 -5.42 -5.42 0.24
C LYS A 62 -5.70 -3.95 0.58
N PHE A 63 -4.70 -3.20 0.96
CA PHE A 63 -4.93 -1.77 1.34
C PHE A 63 -5.25 -0.94 0.10
N ILE A 64 -4.76 -1.33 -1.05
CA ILE A 64 -5.07 -0.57 -2.30
C ILE A 64 -6.51 -0.86 -2.74
N GLU A 65 -6.92 -2.11 -2.76
CA GLU A 65 -8.33 -2.43 -3.15
C GLU A 65 -9.31 -1.72 -2.22
N ASP A 66 -8.92 -1.42 -1.02
CA ASP A 66 -9.83 -0.70 -0.09
C ASP A 66 -9.66 0.82 -0.24
N VAL A 67 -8.63 1.26 -0.93
CA VAL A 67 -8.46 2.73 -1.16
C VAL A 67 -9.06 3.07 -2.53
N LEU A 68 -8.82 2.23 -3.50
CA LEU A 68 -9.37 2.44 -4.87
C LEU A 68 -10.89 2.63 -4.84
N ARG A 69 -11.55 2.17 -3.80
CA ARG A 69 -13.03 2.33 -3.70
C ARG A 69 -13.42 3.81 -3.77
N GLN A 70 -12.66 4.66 -3.12
CA GLN A 70 -12.96 6.12 -3.14
C GLN A 70 -11.67 6.93 -3.22
N LYS A 1 -9.55 7.73 -13.81
CA LYS A 1 -9.89 6.34 -14.23
C LYS A 1 -8.60 5.51 -14.38
N ALA A 2 -8.10 5.04 -13.27
CA ALA A 2 -6.85 4.20 -13.28
C ALA A 2 -7.20 2.76 -12.92
N LYS A 3 -6.37 1.82 -13.33
CA LYS A 3 -6.66 0.39 -13.03
C LYS A 3 -5.69 -0.16 -11.99
N THR A 4 -6.07 -1.27 -11.38
CA THR A 4 -5.19 -1.89 -10.33
C THR A 4 -3.77 -2.08 -10.89
N GLU A 5 -3.67 -2.28 -12.18
CA GLU A 5 -2.34 -2.46 -12.84
C GLU A 5 -1.35 -1.36 -12.43
N ASP A 6 -1.83 -0.15 -12.28
CA ASP A 6 -0.94 0.97 -11.87
C ASP A 6 -0.30 0.67 -10.52
N PHE A 7 -1.09 0.30 -9.55
CA PHE A 7 -0.53 -0.02 -8.20
C PHE A 7 0.16 -1.39 -8.20
N VAL A 8 -0.40 -2.35 -8.89
CA VAL A 8 0.21 -3.74 -8.89
C VAL A 8 1.66 -3.67 -9.39
N LYS A 9 1.88 -3.12 -10.57
CA LYS A 9 3.26 -3.04 -11.13
C LYS A 9 4.17 -2.24 -10.20
N ALA A 10 3.62 -1.25 -9.53
CA ALA A 10 4.43 -0.40 -8.62
C ALA A 10 5.05 -1.22 -7.48
N PHE A 11 4.25 -1.99 -6.77
CA PHE A 11 4.80 -2.80 -5.64
C PHE A 11 5.50 -4.07 -6.15
N GLN A 12 4.80 -4.87 -6.92
CA GLN A 12 5.39 -6.17 -7.41
C GLN A 12 6.78 -6.00 -8.01
N VAL A 13 7.03 -4.95 -8.76
CA VAL A 13 8.39 -4.78 -9.37
C VAL A 13 9.46 -4.75 -8.27
N PHE A 14 9.17 -4.11 -7.16
CA PHE A 14 10.15 -4.08 -6.04
C PHE A 14 10.27 -5.48 -5.44
N ASP A 15 9.17 -6.16 -5.22
CA ASP A 15 9.21 -7.54 -4.64
C ASP A 15 9.98 -8.50 -5.55
N LYS A 16 11.30 -8.49 -5.45
CA LYS A 16 12.12 -9.41 -6.31
C LYS A 16 11.92 -10.87 -5.89
N GLU A 17 11.36 -11.11 -4.72
CA GLU A 17 11.14 -12.52 -4.27
C GLU A 17 9.64 -12.83 -4.21
N SER A 18 8.81 -11.98 -4.79
CA SER A 18 7.33 -12.21 -4.83
C SER A 18 6.76 -12.81 -3.54
N THR A 19 6.86 -12.12 -2.43
CA THR A 19 6.29 -12.66 -1.15
C THR A 19 4.85 -12.18 -0.99
N GLY A 20 4.57 -10.98 -1.43
CA GLY A 20 3.18 -10.44 -1.32
C GLY A 20 3.03 -9.58 -0.06
N LYS A 21 4.12 -9.23 0.59
CA LYS A 21 4.01 -8.38 1.82
C LYS A 21 5.01 -7.21 1.75
N VAL A 22 4.74 -6.14 2.44
CA VAL A 22 5.69 -4.98 2.43
C VAL A 22 5.59 -4.20 3.74
N SER A 23 6.60 -3.41 4.04
CA SER A 23 6.59 -2.60 5.30
C SER A 23 5.85 -1.28 5.07
N VAL A 24 5.19 -0.76 6.08
CA VAL A 24 4.46 0.53 5.92
C VAL A 24 5.42 1.63 5.45
N GLY A 25 6.62 1.67 5.98
CA GLY A 25 7.59 2.74 5.58
C GLY A 25 7.83 2.69 4.07
N ASP A 26 7.97 1.51 3.53
CA ASP A 26 8.22 1.37 2.06
C ASP A 26 6.90 1.50 1.29
N LEU A 27 5.87 0.85 1.77
CA LEU A 27 4.55 0.92 1.07
C LEU A 27 4.06 2.36 1.01
N ARG A 28 4.06 3.06 2.12
CA ARG A 28 3.59 4.47 2.11
C ARG A 28 4.51 5.34 1.25
N TYR A 29 5.78 5.01 1.20
CA TYR A 29 6.72 5.82 0.37
C TYR A 29 6.41 5.67 -1.11
N MET A 30 6.24 4.45 -1.59
CA MET A 30 5.95 4.26 -3.04
C MET A 30 4.61 4.88 -3.39
N LEU A 31 3.61 4.73 -2.54
CA LEU A 31 2.28 5.36 -2.85
C LEU A 31 2.49 6.85 -3.08
N THR A 32 3.26 7.46 -2.23
CA THR A 32 3.56 8.92 -2.39
C THR A 32 4.24 9.17 -3.75
N GLY A 33 4.98 8.21 -4.21
CA GLY A 33 5.66 8.31 -5.53
C GLY A 33 4.73 7.84 -6.65
N LEU A 34 3.66 7.16 -6.31
CA LEU A 34 2.72 6.62 -7.35
C LEU A 34 1.53 7.55 -7.60
N GLY A 35 1.52 8.74 -7.05
CA GLY A 35 0.35 9.66 -7.27
C GLY A 35 -0.53 9.64 -6.02
N GLU A 36 0.08 9.48 -4.88
CA GLU A 36 -0.68 9.49 -3.59
C GLU A 36 -0.27 10.70 -2.75
N LYS A 37 -1.20 11.57 -2.43
CA LYS A 37 -0.84 12.75 -1.59
C LYS A 37 -1.70 12.74 -0.32
N LEU A 38 -1.60 11.68 0.43
CA LEU A 38 -2.33 11.57 1.71
C LEU A 38 -1.43 12.09 2.83
N THR A 39 -1.99 12.65 3.87
CA THR A 39 -1.15 13.15 4.99
C THR A 39 -1.35 12.27 6.23
N ASP A 40 -0.32 12.04 7.02
CA ASP A 40 -0.45 11.15 8.24
C ASP A 40 -1.77 11.37 8.99
N ALA A 41 -2.34 12.54 8.91
CA ALA A 41 -3.66 12.78 9.58
C ALA A 41 -4.71 11.84 8.96
N GLU A 42 -4.85 11.85 7.66
CA GLU A 42 -5.84 10.96 6.99
C GLU A 42 -5.30 9.52 6.94
N VAL A 43 -4.04 9.36 6.62
CA VAL A 43 -3.44 7.99 6.55
C VAL A 43 -3.55 7.29 7.91
N ASP A 44 -3.43 8.02 8.99
CA ASP A 44 -3.53 7.37 10.34
C ASP A 44 -4.95 6.82 10.52
N GLU A 45 -5.94 7.53 10.04
CA GLU A 45 -7.35 7.05 10.16
C GLU A 45 -7.50 5.70 9.45
N LEU A 46 -6.99 5.60 8.25
CA LEU A 46 -7.08 4.32 7.49
C LEU A 46 -6.34 3.21 8.24
N LEU A 47 -5.12 3.48 8.64
CA LEU A 47 -4.32 2.47 9.38
C LEU A 47 -5.00 2.08 10.70
N LYS A 48 -5.91 2.90 11.18
CA LYS A 48 -6.59 2.61 12.48
C LYS A 48 -7.29 1.25 12.45
N GLY A 49 -7.59 0.75 11.27
CA GLY A 49 -8.28 -0.57 11.16
C GLY A 49 -7.35 -1.60 10.50
N VAL A 50 -6.27 -1.17 9.88
CA VAL A 50 -5.35 -2.13 9.22
C VAL A 50 -4.65 -3.00 10.27
N GLU A 51 -4.76 -4.29 10.11
CA GLU A 51 -4.13 -5.24 11.08
C GLU A 51 -2.70 -5.59 10.66
N VAL A 52 -1.73 -4.97 11.28
CA VAL A 52 -0.30 -5.27 10.96
C VAL A 52 0.13 -6.50 11.76
N ASP A 53 1.14 -7.21 11.30
CA ASP A 53 1.59 -8.43 12.02
C ASP A 53 2.78 -8.12 12.93
N SER A 54 3.32 -9.15 13.55
CA SER A 54 4.49 -8.95 14.46
C SER A 54 5.78 -8.62 13.70
N ASN A 55 5.73 -8.56 12.39
CA ASN A 55 6.96 -8.22 11.60
C ASN A 55 6.84 -6.81 11.02
N GLY A 56 5.68 -6.21 11.07
CA GLY A 56 5.50 -4.83 10.53
C GLY A 56 5.21 -4.89 9.03
N GLU A 57 4.63 -5.97 8.56
CA GLU A 57 4.32 -6.09 7.11
C GLU A 57 2.81 -6.07 6.86
N ILE A 58 2.39 -5.33 5.87
CA ILE A 58 0.93 -5.27 5.54
C ILE A 58 0.72 -5.66 4.07
N ASP A 59 -0.35 -6.36 3.81
CA ASP A 59 -0.63 -6.80 2.40
C ASP A 59 -1.00 -5.59 1.53
N TYR A 60 -0.13 -5.20 0.63
CA TYR A 60 -0.41 -4.01 -0.24
C TYR A 60 -1.60 -4.24 -1.19
N LYS A 61 -1.75 -5.44 -1.69
CA LYS A 61 -2.87 -5.73 -2.65
C LYS A 61 -4.24 -5.48 -2.00
N LYS A 62 -4.36 -5.68 -0.72
CA LYS A 62 -5.68 -5.50 -0.04
C LYS A 62 -5.93 -4.03 0.34
N PHE A 63 -4.90 -3.35 0.77
CA PHE A 63 -5.10 -1.92 1.20
C PHE A 63 -5.38 -1.04 -0.01
N ILE A 64 -4.86 -1.40 -1.15
CA ILE A 64 -5.10 -0.59 -2.38
C ILE A 64 -6.46 -0.96 -3.01
N GLU A 65 -6.71 -2.22 -3.22
CA GLU A 65 -8.00 -2.65 -3.83
C GLU A 65 -9.19 -2.26 -2.93
N ASP A 66 -8.98 -2.14 -1.65
CA ASP A 66 -10.12 -1.76 -0.75
C ASP A 66 -10.24 -0.24 -0.63
N VAL A 67 -9.23 0.51 -1.02
CA VAL A 67 -9.33 2.01 -0.95
C VAL A 67 -9.73 2.53 -2.34
N LEU A 68 -9.14 1.97 -3.37
CA LEU A 68 -9.47 2.39 -4.76
C LEU A 68 -10.93 2.10 -5.13
N ARG A 69 -11.60 1.28 -4.35
CA ARG A 69 -13.03 0.96 -4.65
C ARG A 69 -13.87 2.24 -4.61
N GLN A 70 -13.48 3.20 -3.80
CA GLN A 70 -14.23 4.49 -3.69
C GLN A 70 -15.72 4.22 -3.41
N LYS A 1 -10.26 5.84 -13.89
CA LYS A 1 -9.51 6.22 -15.12
C LYS A 1 -8.24 5.37 -15.25
N ALA A 2 -7.69 4.95 -14.14
CA ALA A 2 -6.46 4.12 -14.15
C ALA A 2 -6.80 2.67 -13.81
N LYS A 3 -5.94 1.73 -14.13
CA LYS A 3 -6.23 0.30 -13.83
C LYS A 3 -5.34 -0.22 -12.71
N THR A 4 -5.74 -1.32 -12.13
CA THR A 4 -4.96 -1.93 -11.01
C THR A 4 -3.48 -2.08 -11.43
N GLU A 5 -3.25 -2.27 -12.69
CA GLU A 5 -1.85 -2.41 -13.21
C GLU A 5 -0.97 -1.25 -12.76
N ASP A 6 -1.53 -0.06 -12.69
CA ASP A 6 -0.72 1.12 -12.26
C ASP A 6 -0.21 0.91 -10.83
N PHE A 7 -1.09 0.54 -9.93
CA PHE A 7 -0.67 0.31 -8.51
C PHE A 7 0.08 -1.02 -8.36
N VAL A 8 -0.38 -2.05 -9.03
CA VAL A 8 0.30 -3.38 -8.89
C VAL A 8 1.77 -3.30 -9.35
N LYS A 9 2.00 -2.75 -10.52
CA LYS A 9 3.40 -2.64 -11.05
C LYS A 9 4.28 -1.85 -10.08
N ALA A 10 3.71 -0.90 -9.40
CA ALA A 10 4.51 -0.05 -8.45
C ALA A 10 5.11 -0.88 -7.31
N PHE A 11 4.29 -1.56 -6.54
CA PHE A 11 4.82 -2.37 -5.39
C PHE A 11 5.41 -3.71 -5.86
N GLN A 12 4.63 -4.50 -6.55
CA GLN A 12 5.11 -5.86 -6.98
C GLN A 12 6.50 -5.84 -7.63
N VAL A 13 6.80 -4.84 -8.42
CA VAL A 13 8.15 -4.79 -9.08
C VAL A 13 9.26 -4.85 -8.01
N PHE A 14 9.07 -4.20 -6.90
CA PHE A 14 10.10 -4.23 -5.82
C PHE A 14 10.16 -5.65 -5.24
N ASP A 15 9.03 -6.29 -5.03
CA ASP A 15 9.03 -7.67 -4.46
C ASP A 15 9.79 -8.65 -5.35
N LYS A 16 11.10 -8.69 -5.21
CA LYS A 16 11.92 -9.63 -6.03
C LYS A 16 11.64 -11.09 -5.63
N GLU A 17 11.07 -11.32 -4.48
CA GLU A 17 10.77 -12.71 -4.05
C GLU A 17 9.25 -12.95 -3.99
N SER A 18 8.48 -12.08 -4.61
CA SER A 18 6.98 -12.22 -4.66
C SER A 18 6.36 -12.77 -3.36
N THR A 19 6.87 -12.40 -2.21
CA THR A 19 6.28 -12.91 -0.94
C THR A 19 4.82 -12.42 -0.81
N GLY A 20 4.55 -11.23 -1.30
CA GLY A 20 3.15 -10.70 -1.23
C GLY A 20 2.97 -9.81 0.01
N LYS A 21 4.05 -9.41 0.66
CA LYS A 21 3.90 -8.55 1.87
C LYS A 21 4.88 -7.36 1.81
N VAL A 22 4.56 -6.27 2.44
CA VAL A 22 5.49 -5.09 2.42
C VAL A 22 5.35 -4.29 3.72
N SER A 23 6.34 -3.49 4.03
CA SER A 23 6.27 -2.66 5.28
C SER A 23 5.49 -1.38 4.99
N VAL A 24 4.76 -0.86 5.95
CA VAL A 24 3.98 0.39 5.71
C VAL A 24 4.93 1.55 5.37
N GLY A 25 6.10 1.58 5.96
CA GLY A 25 7.06 2.69 5.66
C GLY A 25 7.43 2.67 4.18
N ASP A 26 7.67 1.49 3.64
CA ASP A 26 8.03 1.39 2.19
C ASP A 26 6.77 1.49 1.33
N LEU A 27 5.71 0.84 1.77
CA LEU A 27 4.44 0.88 0.99
C LEU A 27 3.96 2.34 0.87
N ARG A 28 3.93 3.06 1.96
CA ARG A 28 3.47 4.48 1.92
C ARG A 28 4.42 5.32 1.07
N TYR A 29 5.69 4.98 1.03
CA TYR A 29 6.65 5.79 0.23
C TYR A 29 6.32 5.68 -1.26
N MET A 30 6.12 4.48 -1.76
CA MET A 30 5.80 4.35 -3.21
C MET A 30 4.41 4.89 -3.48
N LEU A 31 3.47 4.62 -2.61
CA LEU A 31 2.07 5.10 -2.85
C LEU A 31 2.04 6.60 -3.10
N THR A 32 2.83 7.38 -2.38
CA THR A 32 2.82 8.86 -2.63
C THR A 32 3.52 9.19 -3.96
N GLY A 33 4.30 8.27 -4.46
CA GLY A 33 4.98 8.48 -5.77
C GLY A 33 4.06 8.05 -6.92
N LEU A 34 2.99 7.34 -6.62
CA LEU A 34 2.06 6.85 -7.67
C LEU A 34 0.86 7.80 -7.88
N GLY A 35 0.86 8.96 -7.28
CA GLY A 35 -0.30 9.89 -7.44
C GLY A 35 -1.15 9.87 -6.16
N GLU A 36 -0.52 9.63 -5.05
CA GLU A 36 -1.25 9.63 -3.74
C GLU A 36 -0.76 10.78 -2.86
N LYS A 37 -1.65 11.67 -2.46
CA LYS A 37 -1.22 12.80 -1.58
C LYS A 37 -2.04 12.79 -0.29
N LEU A 38 -1.92 11.73 0.46
CA LEU A 38 -2.63 11.61 1.76
C LEU A 38 -1.69 12.13 2.86
N THR A 39 -2.20 12.71 3.90
CA THR A 39 -1.32 13.23 4.99
C THR A 39 -1.47 12.38 6.24
N ASP A 40 -0.39 12.14 6.98
CA ASP A 40 -0.43 11.27 8.21
C ASP A 40 -1.72 11.48 9.03
N ALA A 41 -2.25 12.66 9.00
CA ALA A 41 -3.55 12.93 9.71
C ALA A 41 -4.62 12.01 9.12
N GLU A 42 -4.80 12.05 7.82
CA GLU A 42 -5.81 11.17 7.17
C GLU A 42 -5.28 9.74 7.05
N VAL A 43 -4.02 9.58 6.71
CA VAL A 43 -3.43 8.22 6.57
C VAL A 43 -3.46 7.48 7.92
N ASP A 44 -3.27 8.18 9.02
CA ASP A 44 -3.31 7.49 10.35
C ASP A 44 -4.68 6.84 10.54
N GLU A 45 -5.72 7.54 10.13
CA GLU A 45 -7.11 6.98 10.25
C GLU A 45 -7.18 5.63 9.52
N LEU A 46 -6.61 5.57 8.34
CA LEU A 46 -6.62 4.30 7.55
C LEU A 46 -5.89 3.19 8.31
N LEU A 47 -4.67 3.46 8.71
CA LEU A 47 -3.86 2.44 9.46
C LEU A 47 -4.53 2.09 10.79
N LYS A 48 -5.38 2.96 11.29
CA LYS A 48 -6.03 2.71 12.61
C LYS A 48 -6.79 1.38 12.62
N GLY A 49 -7.14 0.87 11.45
CA GLY A 49 -7.89 -0.41 11.39
C GLY A 49 -7.03 -1.50 10.71
N VAL A 50 -5.96 -1.12 10.05
CA VAL A 50 -5.11 -2.14 9.38
C VAL A 50 -4.42 -3.03 10.42
N GLU A 51 -4.59 -4.32 10.28
CA GLU A 51 -3.99 -5.29 11.23
C GLU A 51 -2.63 -5.77 10.75
N VAL A 52 -1.58 -5.24 11.33
CA VAL A 52 -0.20 -5.66 10.95
C VAL A 52 0.20 -6.89 11.78
N ASP A 53 1.15 -7.64 11.32
CA ASP A 53 1.57 -8.87 12.07
C ASP A 53 2.77 -8.58 12.99
N SER A 54 3.30 -9.61 13.60
CA SER A 54 4.47 -9.44 14.52
C SER A 54 5.76 -9.09 13.75
N ASN A 55 5.71 -9.00 12.44
CA ASN A 55 6.93 -8.62 11.67
C ASN A 55 6.82 -7.18 11.16
N GLY A 56 5.66 -6.56 11.29
CA GLY A 56 5.49 -5.15 10.82
C GLY A 56 5.21 -5.14 9.31
N GLU A 57 4.66 -6.21 8.79
CA GLU A 57 4.38 -6.25 7.33
C GLU A 57 2.87 -6.25 7.06
N ILE A 58 2.47 -5.59 6.01
CA ILE A 58 1.02 -5.52 5.65
C ILE A 58 0.86 -5.96 4.18
N ASP A 59 -0.35 -6.15 3.73
CA ASP A 59 -0.58 -6.57 2.31
C ASP A 59 -0.82 -5.34 1.43
N TYR A 60 0.04 -5.11 0.47
CA TYR A 60 -0.12 -3.92 -0.42
C TYR A 60 -1.34 -4.07 -1.35
N LYS A 61 -1.62 -5.25 -1.82
CA LYS A 61 -2.79 -5.43 -2.74
C LYS A 61 -4.10 -5.19 -1.99
N LYS A 62 -4.19 -5.67 -0.78
CA LYS A 62 -5.46 -5.48 0.00
C LYS A 62 -5.66 -4.02 0.41
N PHE A 63 -4.61 -3.37 0.84
CA PHE A 63 -4.74 -1.94 1.29
C PHE A 63 -5.01 -1.03 0.09
N ILE A 64 -4.51 -1.40 -1.06
CA ILE A 64 -4.72 -0.56 -2.27
C ILE A 64 -6.06 -0.91 -2.93
N GLU A 65 -6.31 -2.17 -3.17
CA GLU A 65 -7.59 -2.59 -3.81
C GLU A 65 -8.78 -2.24 -2.92
N ASP A 66 -8.60 -2.16 -1.63
CA ASP A 66 -9.73 -1.81 -0.73
C ASP A 66 -9.86 -0.28 -0.57
N VAL A 67 -8.85 0.47 -0.94
CA VAL A 67 -8.96 1.96 -0.84
C VAL A 67 -9.37 2.51 -2.21
N LEU A 68 -8.80 1.99 -3.26
CA LEU A 68 -9.14 2.46 -4.64
C LEU A 68 -10.61 2.20 -4.98
N ARG A 69 -11.28 1.36 -4.22
CA ARG A 69 -12.72 1.07 -4.50
C ARG A 69 -13.54 2.36 -4.43
N GLN A 70 -14.50 2.51 -5.31
CA GLN A 70 -15.34 3.75 -5.30
C GLN A 70 -16.08 3.89 -3.97
N LYS A 1 -9.62 7.62 -14.44
CA LYS A 1 -9.93 6.33 -15.12
C LYS A 1 -8.65 5.50 -15.26
N ALA A 2 -8.18 4.97 -14.16
CA ALA A 2 -6.94 4.13 -14.17
C ALA A 2 -7.28 2.67 -13.85
N LYS A 3 -6.42 1.75 -14.20
CA LYS A 3 -6.70 0.32 -13.93
C LYS A 3 -5.78 -0.24 -12.85
N THR A 4 -6.18 -1.35 -12.27
CA THR A 4 -5.35 -1.97 -11.19
C THR A 4 -3.90 -2.12 -11.66
N GLU A 5 -3.71 -2.30 -12.93
CA GLU A 5 -2.33 -2.44 -13.50
C GLU A 5 -1.42 -1.30 -13.04
N ASP A 6 -1.95 -0.12 -12.92
CA ASP A 6 -1.11 1.04 -12.46
C ASP A 6 -0.55 0.77 -11.06
N PHE A 7 -1.40 0.37 -10.15
CA PHE A 7 -0.93 0.07 -8.76
C PHE A 7 -0.21 -1.28 -8.70
N VAL A 8 -0.70 -2.27 -9.41
CA VAL A 8 -0.05 -3.62 -9.36
C VAL A 8 1.41 -3.54 -9.81
N LYS A 9 1.65 -2.98 -10.97
CA LYS A 9 3.04 -2.88 -11.51
C LYS A 9 3.94 -2.08 -10.55
N ALA A 10 3.38 -1.11 -9.88
CA ALA A 10 4.18 -0.28 -8.94
C ALA A 10 4.76 -1.10 -7.79
N PHE A 11 3.95 -1.86 -7.09
CA PHE A 11 4.48 -2.66 -5.95
C PHE A 11 5.24 -3.91 -6.43
N GLN A 12 4.61 -4.72 -7.23
CA GLN A 12 5.26 -5.99 -7.70
C GLN A 12 6.69 -5.78 -8.21
N VAL A 13 6.97 -4.69 -8.90
CA VAL A 13 8.36 -4.49 -9.41
C VAL A 13 9.35 -4.45 -8.24
N PHE A 14 8.96 -3.88 -7.13
CA PHE A 14 9.86 -3.85 -5.94
C PHE A 14 9.99 -5.26 -5.39
N ASP A 15 8.90 -5.96 -5.23
CA ASP A 15 8.96 -7.36 -4.67
C ASP A 15 9.77 -8.27 -5.59
N LYS A 16 11.08 -8.24 -5.48
CA LYS A 16 11.94 -9.10 -6.35
C LYS A 16 11.68 -10.57 -6.05
N GLU A 17 11.52 -10.94 -4.80
CA GLU A 17 11.26 -12.37 -4.46
C GLU A 17 9.76 -12.67 -4.44
N SER A 18 8.95 -11.81 -5.00
CA SER A 18 7.46 -12.02 -5.06
C SER A 18 6.86 -12.63 -3.79
N THR A 19 7.37 -12.28 -2.62
CA THR A 19 6.79 -12.87 -1.37
C THR A 19 5.33 -12.42 -1.22
N GLY A 20 5.03 -11.21 -1.64
CA GLY A 20 3.63 -10.71 -1.56
C GLY A 20 3.42 -9.88 -0.28
N LYS A 21 4.48 -9.52 0.42
CA LYS A 21 4.31 -8.71 1.67
C LYS A 21 5.29 -7.53 1.67
N VAL A 22 4.96 -6.46 2.36
CA VAL A 22 5.89 -5.28 2.42
C VAL A 22 5.72 -4.56 3.75
N SER A 23 6.69 -3.76 4.12
CA SER A 23 6.61 -2.99 5.40
C SER A 23 5.80 -1.71 5.19
N VAL A 24 5.06 -1.29 6.19
CA VAL A 24 4.25 -0.04 6.05
C VAL A 24 5.15 1.15 5.69
N GLY A 25 6.33 1.22 6.25
CA GLY A 25 7.25 2.36 5.94
C GLY A 25 7.56 2.39 4.44
N ASP A 26 7.77 1.24 3.85
CA ASP A 26 8.07 1.17 2.39
C ASP A 26 6.79 1.27 1.57
N LEU A 27 5.74 0.63 2.03
CA LEU A 27 4.45 0.66 1.28
C LEU A 27 3.95 2.11 1.16
N ARG A 28 3.91 2.84 2.25
CA ARG A 28 3.42 4.24 2.20
C ARG A 28 4.36 5.10 1.35
N TYR A 29 5.63 4.78 1.31
CA TYR A 29 6.58 5.60 0.50
C TYR A 29 6.27 5.46 -0.99
N MET A 30 6.10 4.25 -1.47
CA MET A 30 5.81 4.07 -2.93
C MET A 30 4.48 4.72 -3.28
N LEU A 31 3.50 4.62 -2.42
CA LEU A 31 2.18 5.26 -2.73
C LEU A 31 2.42 6.75 -2.99
N THR A 32 3.21 7.36 -2.15
CA THR A 32 3.54 8.81 -2.33
C THR A 32 4.23 9.03 -3.68
N GLY A 33 4.93 8.03 -4.14
CA GLY A 33 5.62 8.12 -5.46
C GLY A 33 4.67 7.66 -6.58
N LEU A 34 3.59 7.01 -6.24
CA LEU A 34 2.63 6.49 -7.26
C LEU A 34 1.47 7.43 -7.55
N GLY A 35 1.48 8.63 -7.00
CA GLY A 35 0.33 9.57 -7.24
C GLY A 35 -0.56 9.59 -5.98
N GLU A 36 0.06 9.41 -4.85
CA GLU A 36 -0.70 9.45 -3.56
C GLU A 36 -0.26 10.65 -2.73
N LYS A 37 -1.18 11.54 -2.41
CA LYS A 37 -0.80 12.71 -1.58
C LYS A 37 -1.65 12.73 -0.32
N LEU A 38 -1.56 11.67 0.46
CA LEU A 38 -2.30 11.57 1.73
C LEU A 38 -1.42 12.16 2.84
N THR A 39 -2.03 12.74 3.85
CA THR A 39 -1.23 13.32 4.97
C THR A 39 -1.44 12.49 6.23
N ASP A 40 -0.43 12.29 7.05
CA ASP A 40 -0.58 11.44 8.28
C ASP A 40 -1.91 11.68 9.00
N ALA A 41 -2.48 12.85 8.87
CA ALA A 41 -3.81 13.10 9.50
C ALA A 41 -4.85 12.22 8.80
N GLU A 42 -4.90 12.26 7.50
CA GLU A 42 -5.87 11.41 6.73
C GLU A 42 -5.41 9.95 6.70
N VAL A 43 -4.13 9.73 6.75
CA VAL A 43 -3.60 8.33 6.73
C VAL A 43 -3.77 7.68 8.11
N ASP A 44 -3.67 8.45 9.17
CA ASP A 44 -3.82 7.87 10.55
C ASP A 44 -5.26 7.42 10.78
N GLU A 45 -6.23 8.21 10.36
CA GLU A 45 -7.66 7.80 10.56
C GLU A 45 -7.92 6.47 9.81
N LEU A 46 -7.37 6.31 8.64
CA LEU A 46 -7.59 5.06 7.86
C LEU A 46 -6.85 3.89 8.52
N LEU A 47 -5.63 4.12 8.94
CA LEU A 47 -4.81 3.04 9.57
C LEU A 47 -5.47 2.51 10.86
N LYS A 48 -6.44 3.23 11.40
CA LYS A 48 -7.07 2.78 12.67
C LYS A 48 -7.69 1.38 12.52
N GLY A 49 -7.93 0.95 11.30
CA GLY A 49 -8.52 -0.40 11.09
C GLY A 49 -7.54 -1.31 10.33
N VAL A 50 -6.26 -1.03 10.43
CA VAL A 50 -5.26 -1.89 9.72
C VAL A 50 -4.52 -2.75 10.74
N GLU A 51 -4.55 -4.04 10.52
CA GLU A 51 -3.89 -5.00 11.45
C GLU A 51 -2.56 -5.52 10.89
N VAL A 52 -1.47 -5.04 11.44
CA VAL A 52 -0.12 -5.52 11.00
C VAL A 52 0.27 -6.74 11.84
N ASP A 53 1.23 -7.50 11.39
CA ASP A 53 1.63 -8.72 12.16
C ASP A 53 2.78 -8.41 13.11
N SER A 54 3.29 -9.42 13.77
CA SER A 54 4.42 -9.23 14.74
C SER A 54 5.74 -8.90 14.02
N ASN A 55 5.75 -8.86 12.71
CA ASN A 55 7.00 -8.51 11.97
C ASN A 55 6.92 -7.11 11.36
N GLY A 56 5.75 -6.52 11.33
CA GLY A 56 5.60 -5.15 10.75
C GLY A 56 5.35 -5.26 9.25
N GLU A 57 4.75 -6.34 8.81
CA GLU A 57 4.48 -6.51 7.35
C GLU A 57 2.98 -6.43 7.05
N ILE A 58 2.64 -5.75 5.99
CA ILE A 58 1.19 -5.60 5.60
C ILE A 58 1.03 -5.97 4.13
N ASP A 59 -0.03 -6.65 3.80
CA ASP A 59 -0.27 -7.06 2.38
C ASP A 59 -0.58 -5.82 1.53
N TYR A 60 0.32 -5.43 0.66
CA TYR A 60 0.07 -4.22 -0.19
C TYR A 60 -1.15 -4.38 -1.09
N LYS A 61 -1.45 -5.58 -1.53
CA LYS A 61 -2.62 -5.78 -2.44
C LYS A 61 -3.92 -5.58 -1.68
N LYS A 62 -3.94 -5.95 -0.42
CA LYS A 62 -5.18 -5.82 0.40
C LYS A 62 -5.48 -4.36 0.74
N PHE A 63 -4.49 -3.63 1.17
CA PHE A 63 -4.73 -2.20 1.56
C PHE A 63 -5.00 -1.33 0.34
N ILE A 64 -4.47 -1.67 -0.81
CA ILE A 64 -4.71 -0.85 -2.04
C ILE A 64 -6.09 -1.17 -2.63
N GLU A 65 -6.45 -2.44 -2.73
CA GLU A 65 -7.79 -2.79 -3.28
C GLU A 65 -8.89 -2.23 -2.38
N ASP A 66 -8.61 -2.02 -1.12
CA ASP A 66 -9.64 -1.43 -0.21
C ASP A 66 -9.58 0.10 -0.26
N VAL A 67 -8.54 0.66 -0.83
CA VAL A 67 -8.46 2.15 -0.95
C VAL A 67 -8.96 2.54 -2.35
N LEU A 68 -8.56 1.77 -3.34
CA LEU A 68 -9.01 2.04 -4.75
C LEU A 68 -10.53 2.00 -4.86
N ARG A 69 -11.17 1.22 -4.01
CA ARG A 69 -12.66 1.11 -4.04
C ARG A 69 -13.31 2.51 -3.98
N GLN A 70 -12.77 3.38 -3.17
CA GLN A 70 -13.35 4.76 -3.06
C GLN A 70 -13.00 5.58 -4.30
N LYS A 1 -9.92 6.48 -12.68
CA LYS A 1 -9.76 6.06 -14.11
C LYS A 1 -8.44 5.29 -14.30
N ALA A 2 -7.99 4.64 -13.26
CA ALA A 2 -6.72 3.87 -13.33
C ALA A 2 -6.99 2.38 -13.12
N LYS A 3 -6.10 1.52 -13.54
CA LYS A 3 -6.33 0.06 -13.37
C LYS A 3 -5.42 -0.51 -12.28
N THR A 4 -5.82 -1.64 -11.73
CA THR A 4 -5.00 -2.29 -10.65
C THR A 4 -3.54 -2.40 -11.12
N GLU A 5 -3.36 -2.55 -12.40
CA GLU A 5 -1.97 -2.66 -12.98
C GLU A 5 -1.08 -1.50 -12.52
N ASP A 6 -1.62 -0.31 -12.45
CA ASP A 6 -0.81 0.86 -12.02
C ASP A 6 -0.30 0.65 -10.59
N PHE A 7 -1.18 0.30 -9.69
CA PHE A 7 -0.78 0.06 -8.28
C PHE A 7 0.01 -1.24 -8.13
N VAL A 8 -0.33 -2.27 -8.88
CA VAL A 8 0.39 -3.57 -8.74
C VAL A 8 1.83 -3.44 -9.23
N LYS A 9 2.03 -2.84 -10.37
CA LYS A 9 3.41 -2.69 -10.94
C LYS A 9 4.33 -1.93 -9.98
N ALA A 10 3.81 -0.95 -9.31
CA ALA A 10 4.65 -0.13 -8.37
C ALA A 10 5.27 -1.00 -7.28
N PHE A 11 4.47 -1.70 -6.51
CA PHE A 11 5.03 -2.55 -5.40
C PHE A 11 5.62 -3.86 -5.93
N GLN A 12 4.86 -4.62 -6.68
CA GLN A 12 5.35 -5.96 -7.17
C GLN A 12 6.76 -5.89 -7.79
N VAL A 13 7.10 -4.86 -8.53
CA VAL A 13 8.47 -4.81 -9.13
C VAL A 13 9.53 -4.86 -8.04
N PHE A 14 9.26 -4.27 -6.90
CA PHE A 14 10.26 -4.31 -5.78
C PHE A 14 10.34 -5.74 -5.26
N ASP A 15 9.23 -6.42 -5.10
CA ASP A 15 9.27 -7.83 -4.57
C ASP A 15 10.02 -8.75 -5.54
N LYS A 16 11.33 -8.74 -5.48
CA LYS A 16 12.13 -9.61 -6.39
C LYS A 16 11.80 -11.08 -6.15
N GLU A 17 11.63 -11.48 -4.90
CA GLU A 17 11.31 -12.91 -4.61
C GLU A 17 9.79 -13.12 -4.54
N SER A 18 9.02 -12.22 -5.11
CA SER A 18 7.53 -12.35 -5.14
C SER A 18 6.91 -12.91 -3.85
N THR A 19 7.03 -12.19 -2.75
CA THR A 19 6.43 -12.70 -1.48
C THR A 19 5.00 -12.16 -1.35
N GLY A 20 4.78 -10.96 -1.83
CA GLY A 20 3.41 -10.36 -1.76
C GLY A 20 3.23 -9.55 -0.47
N LYS A 21 4.30 -9.23 0.22
CA LYS A 21 4.16 -8.45 1.49
C LYS A 21 5.15 -7.28 1.49
N VAL A 22 4.86 -6.21 2.19
CA VAL A 22 5.80 -5.06 2.24
C VAL A 22 5.69 -4.35 3.58
N SER A 23 6.70 -3.60 3.95
CA SER A 23 6.66 -2.86 5.25
C SER A 23 5.88 -1.55 5.09
N VAL A 24 5.15 -1.16 6.11
CA VAL A 24 4.36 0.10 6.03
C VAL A 24 5.26 1.29 5.67
N GLY A 25 6.46 1.34 6.21
CA GLY A 25 7.38 2.48 5.90
C GLY A 25 7.66 2.53 4.40
N ASP A 26 7.85 1.39 3.78
CA ASP A 26 8.13 1.36 2.31
C ASP A 26 6.83 1.49 1.51
N LEU A 27 5.78 0.85 1.97
CA LEU A 27 4.48 0.93 1.23
C LEU A 27 4.01 2.38 1.13
N ARG A 28 4.00 3.10 2.23
CA ARG A 28 3.55 4.53 2.18
C ARG A 28 4.50 5.38 1.33
N TYR A 29 5.76 5.02 1.27
CA TYR A 29 6.72 5.82 0.47
C TYR A 29 6.41 5.71 -1.03
N MET A 30 6.22 4.51 -1.52
CA MET A 30 5.93 4.34 -2.97
C MET A 30 4.53 4.83 -3.32
N LEU A 31 3.57 4.60 -2.46
CA LEU A 31 2.17 5.05 -2.77
C LEU A 31 2.18 6.55 -3.06
N THR A 32 2.91 7.30 -2.28
CA THR A 32 2.99 8.78 -2.52
C THR A 32 3.70 9.10 -3.84
N GLY A 33 4.46 8.15 -4.33
CA GLY A 33 5.17 8.35 -5.64
C GLY A 33 4.27 7.92 -6.81
N LEU A 34 3.21 7.20 -6.52
CA LEU A 34 2.31 6.69 -7.61
C LEU A 34 1.13 7.63 -7.87
N GLY A 35 1.10 8.80 -7.30
CA GLY A 35 -0.06 9.72 -7.51
C GLY A 35 -0.95 9.71 -6.26
N GLU A 36 -0.33 9.51 -5.12
CA GLU A 36 -1.08 9.53 -3.83
C GLU A 36 -0.64 10.72 -2.98
N LYS A 37 -1.54 11.60 -2.64
CA LYS A 37 -1.13 12.77 -1.79
C LYS A 37 -1.96 12.79 -0.50
N LEU A 38 -1.86 11.73 0.24
CA LEU A 38 -2.58 11.62 1.55
C LEU A 38 -1.63 12.14 2.63
N THR A 39 -2.15 12.72 3.69
CA THR A 39 -1.27 13.22 4.77
C THR A 39 -1.45 12.39 6.03
N ASP A 40 -0.39 12.12 6.77
CA ASP A 40 -0.49 11.27 8.02
C ASP A 40 -1.76 11.56 8.83
N ALA A 41 -2.26 12.76 8.77
CA ALA A 41 -3.52 13.10 9.48
C ALA A 41 -4.66 12.24 8.92
N GLU A 42 -4.84 12.26 7.63
CA GLU A 42 -5.90 11.42 6.99
C GLU A 42 -5.46 9.95 6.92
N VAL A 43 -4.22 9.72 6.55
CA VAL A 43 -3.71 8.31 6.45
C VAL A 43 -3.80 7.61 7.81
N ASP A 44 -3.61 8.33 8.89
CA ASP A 44 -3.72 7.68 10.24
C ASP A 44 -5.14 7.19 10.46
N GLU A 45 -6.12 7.94 9.99
CA GLU A 45 -7.55 7.52 10.16
C GLU A 45 -7.78 6.18 9.45
N LEU A 46 -7.30 6.04 8.24
CA LEU A 46 -7.49 4.77 7.49
C LEU A 46 -6.78 3.62 8.20
N LEU A 47 -5.60 3.88 8.71
CA LEU A 47 -4.82 2.81 9.41
C LEU A 47 -5.55 2.32 10.67
N LYS A 48 -6.52 3.08 11.16
CA LYS A 48 -7.23 2.67 12.41
C LYS A 48 -7.85 1.28 12.26
N GLY A 49 -8.08 0.84 11.05
CA GLY A 49 -8.68 -0.51 10.84
C GLY A 49 -7.72 -1.41 10.08
N VAL A 50 -6.43 -1.15 10.18
CA VAL A 50 -5.43 -2.01 9.46
C VAL A 50 -4.70 -2.90 10.48
N GLU A 51 -4.67 -4.18 10.20
CA GLU A 51 -4.00 -5.15 11.12
C GLU A 51 -2.62 -5.58 10.59
N VAL A 52 -1.58 -5.03 11.17
CA VAL A 52 -0.20 -5.41 10.78
C VAL A 52 0.22 -6.66 11.56
N ASP A 53 1.19 -7.40 11.06
CA ASP A 53 1.62 -8.64 11.78
C ASP A 53 2.81 -8.38 12.69
N SER A 54 3.30 -9.42 13.32
CA SER A 54 4.46 -9.28 14.25
C SER A 54 5.78 -9.00 13.50
N ASN A 55 5.75 -8.96 12.19
CA ASN A 55 6.99 -8.68 11.41
C ASN A 55 6.94 -7.25 10.83
N GLY A 56 5.79 -6.61 10.89
CA GLY A 56 5.68 -5.22 10.34
C GLY A 56 5.36 -5.28 8.84
N GLU A 57 4.73 -6.34 8.40
CA GLU A 57 4.41 -6.47 6.95
C GLU A 57 2.90 -6.37 6.71
N ILE A 58 2.53 -5.68 5.67
CA ILE A 58 1.08 -5.52 5.33
C ILE A 58 0.84 -5.90 3.88
N ASP A 59 -0.26 -6.54 3.59
CA ASP A 59 -0.55 -6.95 2.19
C ASP A 59 -0.83 -5.72 1.33
N TYR A 60 0.03 -5.45 0.39
CA TYR A 60 -0.14 -4.24 -0.48
C TYR A 60 -1.42 -4.32 -1.34
N LYS A 61 -1.77 -5.49 -1.79
CA LYS A 61 -2.99 -5.62 -2.66
C LYS A 61 -4.26 -5.38 -1.84
N LYS A 62 -4.28 -5.83 -0.62
CA LYS A 62 -5.50 -5.67 0.23
C LYS A 62 -5.72 -4.20 0.63
N PHE A 63 -4.67 -3.52 1.05
CA PHE A 63 -4.84 -2.10 1.50
C PHE A 63 -5.10 -1.19 0.31
N ILE A 64 -4.61 -1.54 -0.85
CA ILE A 64 -4.85 -0.71 -2.06
C ILE A 64 -6.24 -0.99 -2.61
N GLU A 65 -6.60 -2.25 -2.76
CA GLU A 65 -7.96 -2.58 -3.27
C GLU A 65 -9.04 -2.02 -2.33
N ASP A 66 -8.73 -1.85 -1.07
CA ASP A 66 -9.73 -1.29 -0.13
C ASP A 66 -9.66 0.25 -0.12
N VAL A 67 -8.63 0.83 -0.70
CA VAL A 67 -8.55 2.32 -0.77
C VAL A 67 -9.10 2.75 -2.14
N LEU A 68 -8.79 1.99 -3.15
CA LEU A 68 -9.30 2.29 -4.54
C LEU A 68 -10.83 2.36 -4.55
N ARG A 69 -11.49 1.78 -3.58
CA ARG A 69 -12.98 1.82 -3.54
C ARG A 69 -13.47 3.28 -3.51
N GLN A 70 -14.62 3.53 -4.08
CA GLN A 70 -15.16 4.93 -4.09
C GLN A 70 -16.68 4.91 -4.30
N LYS A 1 -9.64 8.12 -15.31
CA LYS A 1 -9.98 6.68 -15.17
C LYS A 1 -8.71 5.83 -15.29
N ALA A 2 -8.24 5.35 -14.18
CA ALA A 2 -7.01 4.49 -14.16
C ALA A 2 -7.36 3.05 -13.79
N LYS A 3 -6.51 2.11 -14.12
CA LYS A 3 -6.81 0.68 -13.80
C LYS A 3 -5.90 0.16 -12.69
N THR A 4 -6.32 -0.89 -12.04
CA THR A 4 -5.50 -1.48 -10.93
C THR A 4 -4.05 -1.70 -11.39
N GLU A 5 -3.88 -1.95 -12.65
CA GLU A 5 -2.51 -2.19 -13.23
C GLU A 5 -1.49 -1.15 -12.73
N ASP A 6 -1.92 0.07 -12.50
CA ASP A 6 -0.95 1.11 -12.02
C ASP A 6 -0.35 0.72 -10.66
N PHE A 7 -1.17 0.25 -9.76
CA PHE A 7 -0.66 -0.15 -8.41
C PHE A 7 0.06 -1.50 -8.47
N VAL A 8 -0.48 -2.44 -9.22
CA VAL A 8 0.14 -3.80 -9.30
C VAL A 8 1.59 -3.71 -9.75
N LYS A 9 1.84 -3.13 -10.90
CA LYS A 9 3.23 -3.02 -11.44
C LYS A 9 4.11 -2.24 -10.47
N ALA A 10 3.56 -1.25 -9.81
CA ALA A 10 4.37 -0.43 -8.86
C ALA A 10 4.96 -1.27 -7.73
N PHE A 11 4.14 -2.01 -7.02
CA PHE A 11 4.68 -2.83 -5.89
C PHE A 11 5.38 -4.10 -6.40
N GLN A 12 4.70 -4.89 -7.19
CA GLN A 12 5.29 -6.18 -7.67
C GLN A 12 6.71 -6.02 -8.23
N VAL A 13 7.01 -4.95 -8.95
CA VAL A 13 8.39 -4.80 -9.50
C VAL A 13 9.41 -4.76 -8.34
N PHE A 14 9.06 -4.12 -7.25
CA PHE A 14 9.98 -4.08 -6.07
C PHE A 14 10.11 -5.49 -5.50
N ASP A 15 9.02 -6.19 -5.34
CA ASP A 15 9.07 -7.58 -4.76
C ASP A 15 9.92 -8.51 -5.65
N LYS A 16 11.22 -8.46 -5.50
CA LYS A 16 12.11 -9.33 -6.32
C LYS A 16 11.86 -10.81 -6.02
N GLU A 17 11.66 -11.17 -4.76
CA GLU A 17 11.39 -12.61 -4.42
C GLU A 17 9.88 -12.88 -4.37
N SER A 18 9.09 -12.01 -4.97
CA SER A 18 7.60 -12.20 -5.01
C SER A 18 7.00 -12.76 -3.71
N THR A 19 7.11 -12.04 -2.61
CA THR A 19 6.52 -12.55 -1.34
C THR A 19 5.09 -12.03 -1.21
N GLY A 20 4.84 -10.84 -1.68
CA GLY A 20 3.46 -10.27 -1.62
C GLY A 20 3.24 -9.49 -0.31
N LYS A 21 4.28 -9.21 0.43
CA LYS A 21 4.09 -8.45 1.71
C LYS A 21 5.07 -7.27 1.77
N VAL A 22 4.70 -6.20 2.43
CA VAL A 22 5.62 -5.02 2.53
C VAL A 22 5.40 -4.27 3.84
N SER A 23 6.31 -3.41 4.20
CA SER A 23 6.16 -2.61 5.45
C SER A 23 5.34 -1.35 5.14
N VAL A 24 4.56 -0.87 6.07
CA VAL A 24 3.75 0.36 5.79
C VAL A 24 4.67 1.55 5.51
N GLY A 25 5.82 1.61 6.13
CA GLY A 25 6.75 2.75 5.88
C GLY A 25 7.18 2.75 4.41
N ASP A 26 7.47 1.59 3.88
CA ASP A 26 7.88 1.50 2.45
C ASP A 26 6.65 1.55 1.55
N LEU A 27 5.59 0.89 1.96
CA LEU A 27 4.33 0.89 1.15
C LEU A 27 3.82 2.31 0.99
N ARG A 28 3.74 3.06 2.07
CA ARG A 28 3.26 4.46 1.97
C ARG A 28 4.21 5.31 1.12
N TYR A 29 5.48 4.96 1.12
CA TYR A 29 6.46 5.76 0.32
C TYR A 29 6.19 5.59 -1.17
N MET A 30 6.03 4.38 -1.64
CA MET A 30 5.77 4.17 -3.09
C MET A 30 4.44 4.82 -3.48
N LEU A 31 3.44 4.71 -2.64
CA LEU A 31 2.13 5.36 -2.96
C LEU A 31 2.38 6.86 -3.21
N THR A 32 3.17 7.44 -2.35
CA THR A 32 3.52 8.89 -2.51
C THR A 32 4.21 9.12 -3.85
N GLY A 33 4.93 8.13 -4.31
CA GLY A 33 5.63 8.23 -5.62
C GLY A 33 4.69 7.77 -6.75
N LEU A 34 3.60 7.12 -6.42
CA LEU A 34 2.65 6.60 -7.45
C LEU A 34 1.47 7.54 -7.69
N GLY A 35 1.47 8.73 -7.11
CA GLY A 35 0.31 9.66 -7.32
C GLY A 35 -0.58 9.64 -6.07
N GLU A 36 0.03 9.44 -4.92
CA GLU A 36 -0.74 9.45 -3.65
C GLU A 36 -0.32 10.64 -2.79
N LYS A 37 -1.23 11.52 -2.46
CA LYS A 37 -0.85 12.68 -1.61
C LYS A 37 -1.72 12.70 -0.34
N LEU A 38 -1.62 11.65 0.43
CA LEU A 38 -2.37 11.55 1.71
C LEU A 38 -1.48 12.11 2.83
N THR A 39 -2.06 12.70 3.84
CA THR A 39 -1.22 13.24 4.96
C THR A 39 -1.42 12.41 6.22
N ASP A 40 -0.39 12.19 7.01
CA ASP A 40 -0.51 11.33 8.26
C ASP A 40 -1.82 11.59 9.01
N ALA A 41 -2.37 12.78 8.91
CA ALA A 41 -3.68 13.06 9.58
C ALA A 41 -4.74 12.14 8.97
N GLU A 42 -4.87 12.15 7.67
CA GLU A 42 -5.86 11.26 6.99
C GLU A 42 -5.35 9.81 6.95
N VAL A 43 -4.09 9.64 6.64
CA VAL A 43 -3.50 8.25 6.59
C VAL A 43 -3.62 7.56 7.95
N ASP A 44 -3.48 8.30 9.04
CA ASP A 44 -3.60 7.65 10.38
C ASP A 44 -5.00 7.05 10.54
N GLU A 45 -6.00 7.74 10.04
CA GLU A 45 -7.39 7.22 10.13
C GLU A 45 -7.48 5.87 9.40
N LEU A 46 -6.91 5.79 8.22
CA LEU A 46 -6.94 4.50 7.45
C LEU A 46 -6.23 3.40 8.25
N LEU A 47 -5.02 3.67 8.68
CA LEU A 47 -4.25 2.64 9.46
C LEU A 47 -5.01 2.26 10.75
N LYS A 48 -5.93 3.08 11.18
CA LYS A 48 -6.68 2.80 12.44
C LYS A 48 -7.38 1.43 12.36
N GLY A 49 -7.64 0.96 11.18
CA GLY A 49 -8.32 -0.36 11.02
C GLY A 49 -7.40 -1.34 10.28
N VAL A 50 -6.10 -1.14 10.35
CA VAL A 50 -5.16 -2.07 9.67
C VAL A 50 -4.45 -2.94 10.70
N GLU A 51 -4.64 -4.23 10.59
CA GLU A 51 -4.02 -5.20 11.54
C GLU A 51 -2.66 -5.69 11.05
N VAL A 52 -1.60 -5.17 11.60
CA VAL A 52 -0.24 -5.62 11.21
C VAL A 52 0.14 -6.84 12.06
N ASP A 53 1.11 -7.60 11.63
CA ASP A 53 1.52 -8.81 12.41
C ASP A 53 2.70 -8.50 13.32
N SER A 54 3.25 -9.53 13.93
CA SER A 54 4.41 -9.34 14.86
C SER A 54 5.70 -9.00 14.09
N ASN A 55 5.65 -8.91 12.77
CA ASN A 55 6.87 -8.56 11.99
C ASN A 55 6.76 -7.11 11.47
N GLY A 56 5.60 -6.51 11.55
CA GLY A 56 5.44 -5.11 11.05
C GLY A 56 5.19 -5.11 9.54
N GLU A 57 4.68 -6.20 9.01
CA GLU A 57 4.43 -6.27 7.54
C GLU A 57 2.93 -6.28 7.24
N ILE A 58 2.53 -5.60 6.20
CA ILE A 58 1.08 -5.55 5.82
C ILE A 58 0.91 -5.97 4.35
N ASP A 59 -0.18 -6.60 4.04
CA ASP A 59 -0.42 -7.05 2.63
C ASP A 59 -0.66 -5.84 1.72
N TYR A 60 0.22 -5.63 0.77
CA TYR A 60 0.09 -4.46 -0.14
C TYR A 60 -1.14 -4.58 -1.07
N LYS A 61 -1.47 -5.77 -1.49
CA LYS A 61 -2.64 -5.94 -2.42
C LYS A 61 -3.97 -5.67 -1.70
N LYS A 62 -4.02 -5.89 -0.42
CA LYS A 62 -5.29 -5.69 0.34
C LYS A 62 -5.52 -4.21 0.68
N PHE A 63 -4.50 -3.51 1.13
CA PHE A 63 -4.68 -2.08 1.53
C PHE A 63 -4.93 -1.18 0.31
N ILE A 64 -4.38 -1.51 -0.83
CA ILE A 64 -4.60 -0.64 -2.04
C ILE A 64 -5.92 -0.99 -2.72
N GLU A 65 -6.22 -2.24 -2.88
CA GLU A 65 -7.51 -2.64 -3.55
C GLU A 65 -8.71 -2.26 -2.67
N ASP A 66 -8.51 -2.19 -1.37
CA ASP A 66 -9.66 -1.80 -0.49
C ASP A 66 -9.77 -0.27 -0.39
N VAL A 67 -8.76 0.45 -0.82
CA VAL A 67 -8.85 1.95 -0.80
C VAL A 67 -9.31 2.40 -2.18
N LEU A 68 -8.82 1.74 -3.21
CA LEU A 68 -9.22 2.09 -4.61
C LEU A 68 -10.72 1.94 -4.81
N ARG A 69 -11.34 1.08 -4.05
CA ARG A 69 -12.83 0.87 -4.17
C ARG A 69 -13.58 2.20 -4.11
N GLN A 70 -14.51 2.40 -5.01
CA GLN A 70 -15.30 3.68 -5.01
C GLN A 70 -16.60 3.50 -5.79
N LYS A 1 -9.36 7.56 -15.15
CA LYS A 1 -9.55 6.19 -14.62
C LYS A 1 -8.28 5.35 -14.80
N ALA A 2 -7.84 4.73 -13.74
CA ALA A 2 -6.60 3.88 -13.80
C ALA A 2 -6.94 2.41 -13.54
N LYS A 3 -6.07 1.51 -13.92
CA LYS A 3 -6.35 0.07 -13.70
C LYS A 3 -5.44 -0.51 -12.62
N THR A 4 -5.83 -1.62 -12.05
CA THR A 4 -5.02 -2.27 -10.97
C THR A 4 -3.56 -2.42 -11.45
N GLU A 5 -3.38 -2.59 -12.73
CA GLU A 5 -2.00 -2.73 -13.32
C GLU A 5 -1.09 -1.58 -12.86
N ASP A 6 -1.63 -0.40 -12.74
CA ASP A 6 -0.80 0.76 -12.29
C ASP A 6 -0.33 0.54 -10.85
N PHE A 7 -1.22 0.11 -10.00
CA PHE A 7 -0.86 -0.13 -8.57
C PHE A 7 -0.05 -1.43 -8.43
N VAL A 8 -0.38 -2.45 -9.17
CA VAL A 8 0.36 -3.75 -9.04
C VAL A 8 1.82 -3.60 -9.51
N LYS A 9 2.02 -3.00 -10.65
CA LYS A 9 3.41 -2.85 -11.19
C LYS A 9 4.31 -2.06 -10.23
N ALA A 10 3.75 -1.08 -9.56
CA ALA A 10 4.56 -0.25 -8.63
C ALA A 10 5.17 -1.08 -7.49
N PHE A 11 4.37 -1.83 -6.79
CA PHE A 11 4.90 -2.64 -5.65
C PHE A 11 5.64 -3.88 -6.16
N GLN A 12 5.00 -4.68 -6.97
CA GLN A 12 5.63 -5.95 -7.46
C GLN A 12 7.06 -5.75 -7.97
N VAL A 13 7.37 -4.65 -8.61
CA VAL A 13 8.76 -4.46 -9.12
C VAL A 13 9.76 -4.45 -7.94
N PHE A 14 9.36 -3.89 -6.82
CA PHE A 14 10.28 -3.87 -5.63
C PHE A 14 10.42 -5.28 -5.08
N ASP A 15 9.33 -5.97 -4.83
CA ASP A 15 9.44 -7.36 -4.29
C ASP A 15 9.80 -8.33 -5.40
N LYS A 16 11.08 -8.42 -5.72
CA LYS A 16 11.54 -9.32 -6.80
C LYS A 16 11.19 -10.77 -6.48
N GLU A 17 11.09 -11.12 -5.22
CA GLU A 17 10.75 -12.54 -4.85
C GLU A 17 9.23 -12.74 -4.76
N SER A 18 8.45 -11.85 -5.33
CA SER A 18 6.96 -11.97 -5.34
C SER A 18 6.37 -12.51 -4.02
N THR A 19 6.92 -12.15 -2.89
CA THR A 19 6.36 -12.65 -1.60
C THR A 19 4.93 -12.13 -1.43
N GLY A 20 4.68 -10.92 -1.88
CA GLY A 20 3.32 -10.34 -1.77
C GLY A 20 3.16 -9.55 -0.46
N LYS A 21 4.24 -9.27 0.23
CA LYS A 21 4.13 -8.50 1.50
C LYS A 21 5.15 -7.36 1.52
N VAL A 22 4.88 -6.29 2.25
CA VAL A 22 5.85 -5.16 2.31
C VAL A 22 5.74 -4.44 3.66
N SER A 23 6.74 -3.69 4.02
CA SER A 23 6.72 -2.94 5.32
C SER A 23 5.94 -1.64 5.15
N VAL A 24 5.24 -1.20 6.17
CA VAL A 24 4.46 0.06 6.07
C VAL A 24 5.37 1.24 5.70
N GLY A 25 6.55 1.30 6.25
CA GLY A 25 7.48 2.42 5.95
C GLY A 25 7.79 2.46 4.44
N ASP A 26 8.00 1.32 3.84
CA ASP A 26 8.31 1.27 2.38
C ASP A 26 7.02 1.39 1.56
N LEU A 27 5.98 0.71 1.99
CA LEU A 27 4.69 0.77 1.24
C LEU A 27 4.18 2.22 1.18
N ARG A 28 4.13 2.89 2.30
CA ARG A 28 3.64 4.30 2.31
C ARG A 28 4.58 5.19 1.49
N TYR A 29 5.85 4.88 1.47
CA TYR A 29 6.82 5.73 0.71
C TYR A 29 6.54 5.62 -0.80
N MET A 30 6.41 4.41 -1.31
CA MET A 30 6.16 4.24 -2.77
C MET A 30 4.73 4.64 -3.11
N LEU A 31 3.80 4.41 -2.22
CA LEU A 31 2.38 4.77 -2.51
C LEU A 31 2.30 6.25 -2.90
N THR A 32 2.98 7.10 -2.17
CA THR A 32 2.96 8.56 -2.49
C THR A 32 3.67 8.83 -3.83
N GLY A 33 4.43 7.89 -4.31
CA GLY A 33 5.13 8.07 -5.62
C GLY A 33 4.22 7.64 -6.78
N LEU A 34 3.16 6.93 -6.48
CA LEU A 34 2.24 6.42 -7.54
C LEU A 34 1.05 7.36 -7.81
N GLY A 35 1.03 8.53 -7.22
CA GLY A 35 -0.13 9.45 -7.44
C GLY A 35 -1.01 9.42 -6.18
N GLU A 36 -0.40 9.21 -5.04
CA GLU A 36 -1.15 9.21 -3.75
C GLU A 36 -0.70 10.39 -2.89
N LYS A 37 -1.60 11.27 -2.52
CA LYS A 37 -1.19 12.42 -1.67
C LYS A 37 -2.01 12.45 -0.37
N LEU A 38 -1.90 11.39 0.39
CA LEU A 38 -2.61 11.31 1.70
C LEU A 38 -1.67 11.88 2.77
N THR A 39 -2.22 12.49 3.79
CA THR A 39 -1.34 13.06 4.87
C THR A 39 -1.50 12.25 6.16
N ASP A 40 -0.43 12.03 6.90
CA ASP A 40 -0.49 11.21 8.16
C ASP A 40 -1.77 11.48 8.96
N ALA A 41 -2.29 12.68 8.89
CA ALA A 41 -3.56 13.00 9.60
C ALA A 41 -4.68 12.10 9.04
N GLU A 42 -4.82 12.09 7.74
CA GLU A 42 -5.86 11.23 7.09
C GLU A 42 -5.40 9.76 7.05
N VAL A 43 -4.14 9.55 6.75
CA VAL A 43 -3.60 8.15 6.69
C VAL A 43 -3.70 7.47 8.06
N ASP A 44 -3.52 8.20 9.13
CA ASP A 44 -3.62 7.58 10.48
C ASP A 44 -5.04 7.08 10.70
N GLU A 45 -6.01 7.83 10.24
CA GLU A 45 -7.44 7.40 10.40
C GLU A 45 -7.65 6.05 9.68
N LEU A 46 -7.16 5.94 8.47
CA LEU A 46 -7.29 4.67 7.71
C LEU A 46 -6.57 3.54 8.45
N LEU A 47 -5.36 3.80 8.87
CA LEU A 47 -4.56 2.76 9.60
C LEU A 47 -5.25 2.34 10.89
N LYS A 48 -6.17 3.13 11.38
CA LYS A 48 -6.86 2.79 12.66
C LYS A 48 -7.52 1.42 12.60
N GLY A 49 -7.80 0.93 11.41
CA GLY A 49 -8.45 -0.40 11.27
C GLY A 49 -7.50 -1.39 10.59
N VAL A 50 -6.41 -0.93 10.03
CA VAL A 50 -5.46 -1.87 9.35
C VAL A 50 -4.75 -2.74 10.39
N GLU A 51 -4.68 -4.02 10.12
CA GLU A 51 -4.03 -4.97 11.06
C GLU A 51 -2.63 -5.36 10.60
N VAL A 52 -1.63 -4.80 11.22
CA VAL A 52 -0.22 -5.15 10.87
C VAL A 52 0.19 -6.40 11.67
N ASP A 53 1.17 -7.13 11.21
CA ASP A 53 1.60 -8.36 11.94
C ASP A 53 2.75 -8.07 12.90
N SER A 54 3.22 -9.08 13.58
CA SER A 54 4.33 -8.91 14.55
C SER A 54 5.68 -8.64 13.84
N ASN A 55 5.71 -8.66 12.53
CA ASN A 55 6.98 -8.38 11.80
C ASN A 55 6.94 -6.98 11.15
N GLY A 56 5.79 -6.36 11.10
CA GLY A 56 5.68 -5.00 10.49
C GLY A 56 5.38 -5.13 8.99
N GLU A 57 4.74 -6.21 8.59
CA GLU A 57 4.43 -6.40 7.14
C GLU A 57 2.93 -6.28 6.88
N ILE A 58 2.57 -5.57 5.85
CA ILE A 58 1.13 -5.40 5.50
C ILE A 58 0.93 -5.77 4.02
N ASP A 59 -0.16 -6.43 3.72
CA ASP A 59 -0.41 -6.84 2.31
C ASP A 59 -0.72 -5.59 1.47
N TYR A 60 0.18 -5.24 0.57
CA TYR A 60 -0.03 -4.02 -0.27
C TYR A 60 -1.25 -4.13 -1.19
N LYS A 61 -1.56 -5.32 -1.66
CA LYS A 61 -2.73 -5.48 -2.58
C LYS A 61 -4.05 -5.30 -1.83
N LYS A 62 -4.11 -5.74 -0.60
CA LYS A 62 -5.37 -5.63 0.20
C LYS A 62 -5.67 -4.17 0.58
N PHE A 63 -4.67 -3.45 1.02
CA PHE A 63 -4.91 -2.04 1.45
C PHE A 63 -5.21 -1.13 0.25
N ILE A 64 -4.69 -1.45 -0.91
CA ILE A 64 -4.97 -0.59 -2.11
C ILE A 64 -6.35 -0.92 -2.69
N GLU A 65 -6.68 -2.19 -2.81
CA GLU A 65 -8.02 -2.56 -3.36
C GLU A 65 -9.13 -2.04 -2.44
N ASP A 66 -8.84 -1.86 -1.18
CA ASP A 66 -9.89 -1.32 -0.25
C ASP A 66 -9.85 0.21 -0.23
N VAL A 67 -8.82 0.81 -0.79
CA VAL A 67 -8.76 2.30 -0.86
C VAL A 67 -9.29 2.73 -2.25
N LEU A 68 -8.92 1.99 -3.25
CA LEU A 68 -9.39 2.29 -4.64
C LEU A 68 -10.91 2.30 -4.73
N ARG A 69 -11.60 1.70 -3.78
CA ARG A 69 -13.10 1.68 -3.83
C ARG A 69 -13.64 3.11 -3.82
N GLN A 70 -13.05 3.98 -3.04
CA GLN A 70 -13.54 5.39 -2.99
C GLN A 70 -12.75 6.26 -3.98
N LYS A 1 -10.80 4.80 -13.96
CA LYS A 1 -9.78 5.68 -14.61
C LYS A 1 -8.47 4.93 -14.76
N ALA A 2 -7.95 4.42 -13.68
CA ALA A 2 -6.67 3.66 -13.70
C ALA A 2 -6.93 2.17 -13.45
N LYS A 3 -6.01 1.32 -13.82
CA LYS A 3 -6.23 -0.15 -13.60
C LYS A 3 -5.31 -0.68 -12.49
N THR A 4 -5.68 -1.81 -11.94
CA THR A 4 -4.87 -2.43 -10.84
C THR A 4 -3.40 -2.51 -11.28
N GLU A 5 -3.18 -2.66 -12.56
CA GLU A 5 -1.78 -2.76 -13.10
C GLU A 5 -0.92 -1.58 -12.63
N ASP A 6 -1.50 -0.41 -12.54
CA ASP A 6 -0.71 0.78 -12.08
C ASP A 6 -0.16 0.53 -10.67
N PHE A 7 -1.01 0.14 -9.77
CA PHE A 7 -0.56 -0.13 -8.36
C PHE A 7 0.19 -1.46 -8.28
N VAL A 8 -0.26 -2.48 -8.98
CA VAL A 8 0.43 -3.80 -8.90
C VAL A 8 1.88 -3.68 -9.39
N LYS A 9 2.07 -3.09 -10.54
CA LYS A 9 3.46 -2.94 -11.10
C LYS A 9 4.35 -2.13 -10.16
N ALA A 10 3.78 -1.15 -9.50
CA ALA A 10 4.58 -0.30 -8.58
C ALA A 10 5.16 -1.11 -7.42
N PHE A 11 4.36 -1.90 -6.76
CA PHE A 11 4.86 -2.70 -5.60
C PHE A 11 5.66 -3.93 -6.06
N GLN A 12 5.06 -4.76 -6.87
CA GLN A 12 5.75 -6.02 -7.31
C GLN A 12 7.17 -5.79 -7.81
N VAL A 13 7.46 -4.67 -8.44
CA VAL A 13 8.86 -4.46 -8.93
C VAL A 13 9.84 -4.44 -7.75
N PHE A 14 9.40 -3.92 -6.62
CA PHE A 14 10.28 -3.90 -5.41
C PHE A 14 10.39 -5.32 -4.86
N ASP A 15 9.30 -5.99 -4.62
CA ASP A 15 9.38 -7.39 -4.08
C ASP A 15 9.57 -8.37 -5.23
N LYS A 16 10.78 -8.52 -5.68
CA LYS A 16 11.06 -9.45 -6.82
C LYS A 16 10.67 -10.89 -6.47
N GLU A 17 10.57 -11.21 -5.20
CA GLU A 17 10.19 -12.61 -4.81
C GLU A 17 8.67 -12.75 -4.68
N SER A 18 7.92 -11.85 -5.28
CA SER A 18 6.42 -11.92 -5.24
C SER A 18 5.84 -12.41 -3.90
N THR A 19 6.42 -12.02 -2.80
CA THR A 19 5.87 -12.48 -1.47
C THR A 19 4.46 -11.91 -1.28
N GLY A 20 4.23 -10.71 -1.75
CA GLY A 20 2.89 -10.08 -1.61
C GLY A 20 2.80 -9.27 -0.31
N LYS A 21 3.91 -9.02 0.35
CA LYS A 21 3.87 -8.22 1.61
C LYS A 21 4.93 -7.13 1.59
N VAL A 22 4.70 -6.03 2.27
CA VAL A 22 5.71 -4.93 2.29
C VAL A 22 5.64 -4.17 3.63
N SER A 23 6.66 -3.42 3.95
CA SER A 23 6.67 -2.65 5.22
C SER A 23 5.96 -1.31 5.03
N VAL A 24 5.31 -0.80 6.06
CA VAL A 24 4.59 0.52 5.91
C VAL A 24 5.56 1.60 5.43
N GLY A 25 6.77 1.62 5.94
CA GLY A 25 7.75 2.66 5.51
C GLY A 25 7.95 2.61 4.00
N ASP A 26 8.04 1.42 3.46
CA ASP A 26 8.23 1.28 1.98
C ASP A 26 6.89 1.43 1.26
N LEU A 27 5.85 0.82 1.80
CA LEU A 27 4.50 0.91 1.15
C LEU A 27 4.05 2.37 1.07
N ARG A 28 4.12 3.10 2.15
CA ARG A 28 3.67 4.52 2.13
C ARG A 28 4.60 5.37 1.26
N TYR A 29 5.86 5.01 1.18
CA TYR A 29 6.81 5.83 0.36
C TYR A 29 6.48 5.69 -1.13
N MET A 30 6.30 4.47 -1.60
CA MET A 30 6.00 4.29 -3.06
C MET A 30 4.65 4.90 -3.40
N LEU A 31 3.66 4.73 -2.56
CA LEU A 31 2.32 5.34 -2.87
C LEU A 31 2.50 6.83 -3.11
N THR A 32 3.25 7.48 -2.25
CA THR A 32 3.50 8.95 -2.41
C THR A 32 4.17 9.22 -3.76
N GLY A 33 4.91 8.25 -4.25
CA GLY A 33 5.58 8.40 -5.57
C GLY A 33 4.64 7.95 -6.70
N LEU A 34 3.58 7.26 -6.36
CA LEU A 34 2.63 6.73 -7.39
C LEU A 34 1.42 7.66 -7.63
N GLY A 35 1.40 8.83 -7.05
CA GLY A 35 0.22 9.74 -7.25
C GLY A 35 -0.66 9.70 -5.99
N GLU A 36 -0.06 9.49 -4.86
CA GLU A 36 -0.82 9.48 -3.57
C GLU A 36 -0.41 10.66 -2.70
N LYS A 37 -1.32 11.52 -2.35
CA LYS A 37 -0.96 12.67 -1.48
C LYS A 37 -1.80 12.64 -0.20
N LEU A 38 -1.69 11.57 0.54
CA LEU A 38 -2.42 11.43 1.83
C LEU A 38 -1.52 11.96 2.95
N THR A 39 -2.10 12.50 3.99
CA THR A 39 -1.27 13.03 5.10
C THR A 39 -1.45 12.16 6.35
N ASP A 40 -0.39 11.92 7.12
CA ASP A 40 -0.50 11.03 8.33
C ASP A 40 -1.80 11.26 9.12
N ALA A 41 -2.35 12.44 9.06
CA ALA A 41 -3.65 12.70 9.74
C ALA A 41 -4.73 11.79 9.14
N GLU A 42 -4.86 11.81 7.84
CA GLU A 42 -5.87 10.92 7.16
C GLU A 42 -5.34 9.48 7.10
N VAL A 43 -4.08 9.31 6.76
CA VAL A 43 -3.50 7.93 6.67
C VAL A 43 -3.60 7.22 8.04
N ASP A 44 -3.45 7.94 9.12
CA ASP A 44 -3.54 7.28 10.45
C ASP A 44 -4.95 6.70 10.64
N GLU A 45 -5.95 7.40 10.16
CA GLU A 45 -7.36 6.89 10.29
C GLU A 45 -7.48 5.54 9.57
N LEU A 46 -6.95 5.45 8.38
CA LEU A 46 -7.01 4.16 7.61
C LEU A 46 -6.28 3.06 8.39
N LEU A 47 -5.09 3.36 8.84
CA LEU A 47 -4.28 2.37 9.62
C LEU A 47 -4.97 2.03 10.95
N LYS A 48 -5.84 2.89 11.42
CA LYS A 48 -6.51 2.65 12.73
C LYS A 48 -7.26 1.30 12.73
N GLY A 49 -7.60 0.81 11.56
CA GLY A 49 -8.33 -0.49 11.49
C GLY A 49 -7.46 -1.54 10.78
N VAL A 50 -6.40 -1.14 10.12
CA VAL A 50 -5.53 -2.13 9.41
C VAL A 50 -4.80 -3.00 10.43
N GLU A 51 -4.80 -4.29 10.20
CA GLU A 51 -4.13 -5.24 11.13
C GLU A 51 -2.71 -5.57 10.68
N VAL A 52 -1.74 -4.92 11.28
CA VAL A 52 -0.32 -5.20 10.95
C VAL A 52 0.14 -6.43 11.74
N ASP A 53 1.15 -7.12 11.27
CA ASP A 53 1.62 -8.36 11.97
C ASP A 53 2.80 -8.04 12.90
N SER A 54 3.33 -9.05 13.54
CA SER A 54 4.48 -8.86 14.47
C SER A 54 5.78 -8.55 13.72
N ASN A 55 5.76 -8.51 12.41
CA ASN A 55 7.00 -8.18 11.64
C ASN A 55 6.91 -6.77 11.04
N GLY A 56 5.73 -6.17 11.06
CA GLY A 56 5.58 -4.79 10.50
C GLY A 56 5.28 -4.86 9.01
N GLU A 57 4.66 -5.93 8.57
CA GLU A 57 4.34 -6.08 7.11
C GLU A 57 2.83 -6.01 6.87
N ILE A 58 2.43 -5.28 5.86
CA ILE A 58 0.97 -5.18 5.54
C ILE A 58 0.77 -5.53 4.06
N ASP A 59 -0.29 -6.23 3.77
CA ASP A 59 -0.57 -6.62 2.36
C ASP A 59 -0.93 -5.39 1.51
N TYR A 60 -0.03 -4.95 0.65
CA TYR A 60 -0.32 -3.74 -0.18
C TYR A 60 -1.50 -3.95 -1.12
N LYS A 61 -1.68 -5.14 -1.65
CA LYS A 61 -2.81 -5.39 -2.59
C LYS A 61 -4.16 -5.08 -1.93
N LYS A 62 -4.43 -5.72 -0.81
CA LYS A 62 -5.73 -5.51 -0.11
C LYS A 62 -5.92 -4.05 0.30
N PHE A 63 -4.87 -3.40 0.75
CA PHE A 63 -5.01 -1.98 1.19
C PHE A 63 -5.26 -1.09 -0.02
N ILE A 64 -4.77 -1.47 -1.17
CA ILE A 64 -4.99 -0.66 -2.40
C ILE A 64 -6.36 -1.01 -3.00
N GLU A 65 -6.64 -2.27 -3.19
CA GLU A 65 -7.97 -2.68 -3.75
C GLU A 65 -9.10 -2.20 -2.86
N ASP A 66 -8.85 -2.04 -1.58
CA ASP A 66 -9.92 -1.56 -0.66
C ASP A 66 -9.95 -0.02 -0.61
N VAL A 67 -8.93 0.63 -1.13
CA VAL A 67 -8.95 2.13 -1.17
C VAL A 67 -9.45 2.54 -2.55
N LEU A 68 -9.03 1.84 -3.57
CA LEU A 68 -9.48 2.14 -4.97
C LEU A 68 -11.00 2.08 -5.06
N ARG A 69 -11.62 1.29 -4.22
CA ARG A 69 -13.12 1.17 -4.24
C ARG A 69 -13.79 2.56 -4.17
N GLN A 70 -14.83 2.76 -4.91
CA GLN A 70 -15.54 4.08 -4.89
C GLN A 70 -16.95 3.94 -5.45
N LYS A 1 -9.76 7.51 -15.43
CA LYS A 1 -9.96 6.12 -14.91
C LYS A 1 -8.66 5.32 -15.05
N ALA A 2 -8.16 4.84 -13.95
CA ALA A 2 -6.90 4.04 -13.95
C ALA A 2 -7.19 2.57 -13.63
N LYS A 3 -6.30 1.68 -13.97
CA LYS A 3 -6.54 0.24 -13.70
C LYS A 3 -5.63 -0.28 -12.58
N THR A 4 -6.03 -1.38 -11.98
CA THR A 4 -5.22 -1.98 -10.87
C THR A 4 -3.76 -2.13 -11.33
N GLU A 5 -3.57 -2.34 -12.61
CA GLU A 5 -2.18 -2.49 -13.17
C GLU A 5 -1.28 -1.34 -12.73
N ASP A 6 -1.81 -0.14 -12.65
CA ASP A 6 -0.98 1.03 -12.23
C ASP A 6 -0.42 0.79 -10.83
N PHE A 7 -1.27 0.43 -9.90
CA PHE A 7 -0.80 0.17 -8.50
C PHE A 7 -0.09 -1.18 -8.40
N VAL A 8 -0.61 -2.19 -9.06
CA VAL A 8 0.01 -3.55 -8.96
C VAL A 8 1.46 -3.53 -9.46
N LYS A 9 1.67 -3.11 -10.68
CA LYS A 9 3.07 -3.08 -11.25
C LYS A 9 4.02 -2.29 -10.34
N ALA A 10 3.49 -1.28 -9.69
CA ALA A 10 4.35 -0.44 -8.80
C ALA A 10 4.88 -1.23 -7.60
N PHE A 11 4.05 -2.01 -6.96
CA PHE A 11 4.55 -2.79 -5.77
C PHE A 11 5.28 -4.04 -6.21
N GLN A 12 4.62 -4.87 -6.97
CA GLN A 12 5.21 -6.17 -7.41
C GLN A 12 6.63 -6.02 -7.97
N VAL A 13 6.93 -4.95 -8.68
CA VAL A 13 8.31 -4.80 -9.24
C VAL A 13 9.33 -4.78 -8.09
N PHE A 14 8.97 -4.21 -6.98
CA PHE A 14 9.91 -4.18 -5.81
C PHE A 14 9.98 -5.59 -5.22
N ASP A 15 8.86 -6.24 -5.01
CA ASP A 15 8.89 -7.62 -4.42
C ASP A 15 9.58 -8.60 -5.37
N LYS A 16 10.89 -8.61 -5.37
CA LYS A 16 11.64 -9.53 -6.27
C LYS A 16 11.29 -11.00 -5.96
N GLU A 17 11.12 -11.34 -4.71
CA GLU A 17 10.78 -12.75 -4.35
C GLU A 17 9.26 -12.95 -4.29
N SER A 18 8.50 -12.08 -4.92
CA SER A 18 7.00 -12.20 -4.96
C SER A 18 6.38 -12.70 -3.65
N THR A 19 6.90 -12.30 -2.51
CA THR A 19 6.31 -12.77 -1.22
C THR A 19 4.88 -12.23 -1.08
N GLY A 20 4.65 -11.05 -1.58
CA GLY A 20 3.29 -10.45 -1.50
C GLY A 20 3.14 -9.59 -0.23
N LYS A 21 4.22 -9.29 0.44
CA LYS A 21 4.14 -8.46 1.67
C LYS A 21 5.17 -7.33 1.64
N VAL A 22 4.90 -6.23 2.29
CA VAL A 22 5.87 -5.10 2.31
C VAL A 22 5.77 -4.34 3.62
N SER A 23 6.79 -3.61 4.00
CA SER A 23 6.74 -2.85 5.27
C SER A 23 5.94 -1.56 5.08
N VAL A 24 5.20 -1.14 6.08
CA VAL A 24 4.39 0.12 5.95
C VAL A 24 5.29 1.30 5.56
N GLY A 25 6.48 1.37 6.10
CA GLY A 25 7.38 2.51 5.76
C GLY A 25 7.67 2.52 4.25
N ASP A 26 7.88 1.36 3.68
CA ASP A 26 8.15 1.28 2.21
C ASP A 26 6.85 1.35 1.41
N LEU A 27 5.82 0.70 1.90
CA LEU A 27 4.51 0.72 1.16
C LEU A 27 4.00 2.16 1.00
N ARG A 28 3.98 2.91 2.07
CA ARG A 28 3.47 4.32 1.98
C ARG A 28 4.41 5.18 1.14
N TYR A 29 5.69 4.86 1.11
CA TYR A 29 6.63 5.69 0.31
C TYR A 29 6.33 5.56 -1.18
N MET A 30 6.17 4.36 -1.68
CA MET A 30 5.87 4.20 -3.13
C MET A 30 4.53 4.85 -3.47
N LEU A 31 3.54 4.70 -2.63
CA LEU A 31 2.23 5.36 -2.93
C LEU A 31 2.46 6.85 -3.13
N THR A 32 3.24 7.44 -2.26
CA THR A 32 3.56 8.90 -2.39
C THR A 32 4.24 9.16 -3.73
N GLY A 33 4.98 8.20 -4.21
CA GLY A 33 5.67 8.34 -5.53
C GLY A 33 4.72 7.90 -6.66
N LEU A 34 3.65 7.22 -6.34
CA LEU A 34 2.70 6.72 -7.37
C LEU A 34 1.51 7.67 -7.58
N GLY A 35 1.50 8.84 -6.99
CA GLY A 35 0.34 9.77 -7.16
C GLY A 35 -0.53 9.72 -5.90
N GLU A 36 0.09 9.52 -4.76
CA GLU A 36 -0.66 9.50 -3.48
C GLU A 36 -0.26 10.68 -2.60
N LYS A 37 -1.19 11.54 -2.26
CA LYS A 37 -0.84 12.71 -1.39
C LYS A 37 -1.71 12.68 -0.13
N LEU A 38 -1.62 11.62 0.62
CA LEU A 38 -2.38 11.50 1.89
C LEU A 38 -1.52 12.06 3.02
N THR A 39 -2.13 12.62 4.04
CA THR A 39 -1.34 13.17 5.17
C THR A 39 -1.56 12.32 6.43
N ASP A 40 -0.55 12.09 7.23
CA ASP A 40 -0.69 11.22 8.46
C ASP A 40 -2.02 11.48 9.21
N ALA A 41 -2.57 12.65 9.10
CA ALA A 41 -3.88 12.92 9.78
C ALA A 41 -4.94 11.99 9.17
N GLU A 42 -5.08 12.00 7.88
CA GLU A 42 -6.08 11.10 7.21
C GLU A 42 -5.56 9.66 7.18
N VAL A 43 -4.30 9.48 6.89
CA VAL A 43 -3.71 8.11 6.83
C VAL A 43 -3.84 7.43 8.20
N ASP A 44 -3.71 8.17 9.27
CA ASP A 44 -3.84 7.54 10.62
C ASP A 44 -5.27 7.01 10.80
N GLU A 45 -6.24 7.74 10.29
CA GLU A 45 -7.66 7.27 10.39
C GLU A 45 -7.82 5.96 9.62
N LEU A 46 -7.36 5.94 8.39
CA LEU A 46 -7.47 4.70 7.57
C LEU A 46 -6.72 3.55 8.24
N LEU A 47 -5.51 3.81 8.66
CA LEU A 47 -4.70 2.75 9.34
C LEU A 47 -5.37 2.28 10.64
N LYS A 48 -6.31 3.05 11.14
CA LYS A 48 -6.99 2.67 12.42
C LYS A 48 -7.62 1.28 12.34
N GLY A 49 -7.87 0.79 11.13
CA GLY A 49 -8.48 -0.55 10.98
C GLY A 49 -7.53 -1.48 10.23
N VAL A 50 -6.24 -1.22 10.29
CA VAL A 50 -5.27 -2.11 9.57
C VAL A 50 -4.50 -2.96 10.59
N GLU A 51 -4.46 -4.24 10.35
CA GLU A 51 -3.77 -5.18 11.29
C GLU A 51 -2.36 -5.57 10.80
N VAL A 52 -1.36 -4.94 11.36
CA VAL A 52 0.05 -5.28 10.99
C VAL A 52 0.49 -6.50 11.82
N ASP A 53 1.49 -7.20 11.37
CA ASP A 53 1.95 -8.41 12.13
C ASP A 53 3.11 -8.09 13.06
N SER A 54 3.59 -9.08 13.75
CA SER A 54 4.73 -8.88 14.71
C SER A 54 6.06 -8.61 13.98
N ASN A 55 6.07 -8.62 12.67
CA ASN A 55 7.33 -8.33 11.93
C ASN A 55 7.26 -6.95 11.27
N GLY A 56 6.10 -6.34 11.22
CA GLY A 56 5.98 -4.98 10.60
C GLY A 56 5.66 -5.13 9.11
N GLU A 57 5.01 -6.20 8.75
CA GLU A 57 4.67 -6.41 7.30
C GLU A 57 3.17 -6.28 7.06
N ILE A 58 2.81 -5.58 6.01
CA ILE A 58 1.37 -5.40 5.67
C ILE A 58 1.14 -5.87 4.22
N ASP A 59 -0.09 -6.00 3.81
CA ASP A 59 -0.37 -6.45 2.41
C ASP A 59 -0.67 -5.24 1.52
N TYR A 60 0.20 -4.94 0.58
CA TYR A 60 0.00 -3.76 -0.30
C TYR A 60 -1.22 -3.93 -1.22
N LYS A 61 -1.50 -5.14 -1.66
CA LYS A 61 -2.67 -5.34 -2.59
C LYS A 61 -3.99 -5.14 -1.84
N LYS A 62 -4.07 -5.62 -0.63
CA LYS A 62 -5.34 -5.49 0.15
C LYS A 62 -5.64 -4.02 0.49
N PHE A 63 -4.64 -3.29 0.92
CA PHE A 63 -4.87 -1.86 1.31
C PHE A 63 -5.13 -1.00 0.08
N ILE A 64 -4.62 -1.37 -1.06
CA ILE A 64 -4.84 -0.56 -2.29
C ILE A 64 -6.18 -0.94 -2.94
N GLU A 65 -6.41 -2.20 -3.17
CA GLU A 65 -7.69 -2.64 -3.81
C GLU A 65 -8.89 -2.26 -2.94
N ASP A 66 -8.71 -2.14 -1.64
CA ASP A 66 -9.86 -1.78 -0.77
C ASP A 66 -9.99 -0.26 -0.64
N VAL A 67 -8.97 0.49 -0.99
CA VAL A 67 -9.07 1.98 -0.91
C VAL A 67 -9.41 2.54 -2.31
N LEU A 68 -8.78 2.00 -3.33
CA LEU A 68 -9.04 2.48 -4.72
C LEU A 68 -10.46 2.13 -5.18
N ARG A 69 -11.13 1.23 -4.49
CA ARG A 69 -12.52 0.85 -4.89
C ARG A 69 -13.43 2.08 -4.84
N GLN A 70 -14.26 2.25 -5.85
CA GLN A 70 -15.18 3.43 -5.87
C GLN A 70 -16.43 3.12 -6.71
N LYS A 1 -9.92 7.66 -13.95
CA LYS A 1 -10.15 6.20 -14.07
C LYS A 1 -8.82 5.46 -14.24
N ALA A 2 -8.21 5.10 -13.14
CA ALA A 2 -6.91 4.37 -13.18
C ALA A 2 -7.14 2.88 -12.92
N LYS A 3 -6.20 2.04 -13.29
CA LYS A 3 -6.38 0.58 -13.08
C LYS A 3 -5.47 0.07 -11.96
N THR A 4 -5.88 -1.02 -11.35
CA THR A 4 -5.06 -1.62 -10.23
C THR A 4 -3.61 -1.78 -10.71
N GLU A 5 -3.44 -2.01 -11.98
CA GLU A 5 -2.07 -2.18 -12.57
C GLU A 5 -1.13 -1.06 -12.15
N ASP A 6 -1.63 0.14 -12.03
CA ASP A 6 -0.76 1.29 -11.63
C ASP A 6 -0.25 1.10 -10.21
N PHE A 7 -1.13 0.76 -9.30
CA PHE A 7 -0.71 0.57 -7.88
C PHE A 7 0.00 -0.77 -7.63
N VAL A 8 -0.45 -1.85 -8.24
CA VAL A 8 0.21 -3.16 -7.98
C VAL A 8 1.63 -3.18 -8.57
N LYS A 9 1.81 -2.64 -9.75
CA LYS A 9 3.16 -2.63 -10.38
C LYS A 9 4.14 -1.86 -9.50
N ALA A 10 3.66 -0.83 -8.83
CA ALA A 10 4.55 -0.02 -7.95
C ALA A 10 5.19 -0.88 -6.87
N PHE A 11 4.40 -1.57 -6.08
CA PHE A 11 4.99 -2.41 -4.99
C PHE A 11 5.56 -3.72 -5.55
N GLN A 12 4.77 -4.45 -6.29
CA GLN A 12 5.23 -5.77 -6.83
C GLN A 12 6.60 -5.69 -7.52
N VAL A 13 6.86 -4.66 -8.30
CA VAL A 13 8.20 -4.58 -8.98
C VAL A 13 9.31 -4.56 -7.92
N PHE A 14 9.10 -3.86 -6.82
CA PHE A 14 10.13 -3.84 -5.74
C PHE A 14 10.24 -5.25 -5.15
N ASP A 15 9.14 -5.90 -4.91
CA ASP A 15 9.19 -7.29 -4.32
C ASP A 15 9.87 -8.25 -5.30
N LYS A 16 11.18 -8.25 -5.32
CA LYS A 16 11.92 -9.16 -6.25
C LYS A 16 11.62 -10.63 -5.93
N GLU A 17 11.49 -10.97 -4.67
CA GLU A 17 11.21 -12.40 -4.30
C GLU A 17 9.69 -12.67 -4.24
N SER A 18 8.90 -11.80 -4.82
CA SER A 18 7.41 -11.99 -4.87
C SER A 18 6.80 -12.59 -3.58
N THR A 19 7.30 -12.23 -2.42
CA THR A 19 6.72 -12.81 -1.17
C THR A 19 5.27 -12.36 -1.02
N GLY A 20 4.96 -11.17 -1.47
CA GLY A 20 3.55 -10.67 -1.39
C GLY A 20 3.34 -9.81 -0.14
N LYS A 21 4.40 -9.43 0.54
CA LYS A 21 4.23 -8.59 1.76
C LYS A 21 5.19 -7.40 1.71
N VAL A 22 4.87 -6.31 2.36
CA VAL A 22 5.78 -5.12 2.35
C VAL A 22 5.67 -4.35 3.66
N SER A 23 6.66 -3.56 3.97
CA SER A 23 6.64 -2.75 5.23
C SER A 23 5.88 -1.44 5.00
N VAL A 24 5.21 -0.94 6.02
CA VAL A 24 4.45 0.34 5.85
C VAL A 24 5.40 1.47 5.39
N GLY A 25 6.60 1.51 5.92
CA GLY A 25 7.56 2.58 5.52
C GLY A 25 7.81 2.53 4.00
N ASP A 26 7.95 1.35 3.45
CA ASP A 26 8.18 1.22 1.98
C ASP A 26 6.85 1.35 1.23
N LEU A 27 5.81 0.77 1.77
CA LEU A 27 4.48 0.84 1.08
C LEU A 27 4.04 2.30 0.94
N ARG A 28 4.11 3.07 1.99
CA ARG A 28 3.67 4.50 1.91
C ARG A 28 4.61 5.30 1.00
N TYR A 29 5.86 4.92 0.92
CA TYR A 29 6.82 5.70 0.06
C TYR A 29 6.49 5.53 -1.42
N MET A 30 6.30 4.31 -1.88
CA MET A 30 6.00 4.10 -3.32
C MET A 30 4.61 4.62 -3.66
N LEU A 31 3.65 4.44 -2.80
CA LEU A 31 2.28 4.96 -3.10
C LEU A 31 2.36 6.46 -3.41
N THR A 32 3.13 7.16 -2.61
CA THR A 32 3.32 8.62 -2.84
C THR A 32 3.97 8.86 -4.21
N GLY A 33 4.69 7.88 -4.70
CA GLY A 33 5.35 8.00 -6.03
C GLY A 33 4.39 7.54 -7.14
N LEU A 34 3.32 6.87 -6.78
CA LEU A 34 2.36 6.33 -7.80
C LEU A 34 1.19 7.30 -8.04
N GLY A 35 1.21 8.48 -7.50
CA GLY A 35 0.07 9.43 -7.69
C GLY A 35 -0.77 9.44 -6.42
N GLU A 36 -0.14 9.26 -5.30
CA GLU A 36 -0.85 9.28 -3.99
C GLU A 36 -0.42 10.49 -3.16
N LYS A 37 -1.32 11.36 -2.81
CA LYS A 37 -0.93 12.53 -1.97
C LYS A 37 -1.77 12.54 -0.68
N LEU A 38 -1.65 11.49 0.06
CA LEU A 38 -2.37 11.37 1.37
C LEU A 38 -1.45 11.92 2.46
N THR A 39 -2.01 12.48 3.50
CA THR A 39 -1.16 13.02 4.60
C THR A 39 -1.35 12.18 5.87
N ASP A 40 -0.30 11.93 6.63
CA ASP A 40 -0.41 11.08 7.87
C ASP A 40 -1.70 11.34 8.67
N ALA A 41 -2.23 12.54 8.59
CA ALA A 41 -3.51 12.85 9.30
C ALA A 41 -4.62 11.94 8.76
N GLU A 42 -4.79 11.93 7.45
CA GLU A 42 -5.85 11.07 6.84
C GLU A 42 -5.38 9.61 6.81
N VAL A 43 -4.14 9.38 6.44
CA VAL A 43 -3.60 7.99 6.38
C VAL A 43 -3.67 7.32 7.76
N ASP A 44 -3.46 8.06 8.82
CA ASP A 44 -3.54 7.45 10.18
C ASP A 44 -4.96 6.93 10.43
N GLU A 45 -5.95 7.66 9.98
CA GLU A 45 -7.37 7.21 10.16
C GLU A 45 -7.57 5.85 9.49
N LEU A 46 -7.10 5.72 8.27
CA LEU A 46 -7.25 4.42 7.52
C LEU A 46 -6.52 3.30 8.28
N LEU A 47 -5.28 3.54 8.63
CA LEU A 47 -4.48 2.52 9.37
C LEU A 47 -5.15 2.14 10.70
N LYS A 48 -6.04 2.98 11.19
CA LYS A 48 -6.70 2.70 12.50
C LYS A 48 -7.40 1.33 12.49
N GLY A 49 -7.73 0.84 11.32
CA GLY A 49 -8.43 -0.48 11.24
C GLY A 49 -7.52 -1.52 10.55
N VAL A 50 -6.45 -1.10 9.93
CA VAL A 50 -5.54 -2.08 9.24
C VAL A 50 -4.81 -2.94 10.29
N GLU A 51 -4.85 -4.22 10.09
CA GLU A 51 -4.21 -5.17 11.04
C GLU A 51 -2.84 -5.64 10.53
N VAL A 52 -1.79 -5.10 11.09
CA VAL A 52 -0.41 -5.51 10.70
C VAL A 52 0.01 -6.72 11.53
N ASP A 53 0.98 -7.48 11.09
CA ASP A 53 1.42 -8.68 11.85
C ASP A 53 2.59 -8.37 12.78
N SER A 54 3.09 -9.37 13.46
CA SER A 54 4.24 -9.18 14.40
C SER A 54 5.55 -8.86 13.66
N ASN A 55 5.55 -8.84 12.35
CA ASN A 55 6.80 -8.50 11.61
C ASN A 55 6.71 -7.08 11.03
N GLY A 56 5.56 -6.44 11.16
CA GLY A 56 5.41 -5.05 10.62
C GLY A 56 5.14 -5.10 9.11
N GLU A 57 4.64 -6.19 8.62
CA GLU A 57 4.36 -6.30 7.15
C GLU A 57 2.86 -6.32 6.88
N ILE A 58 2.47 -5.76 5.77
CA ILE A 58 1.04 -5.72 5.39
C ILE A 58 0.89 -6.18 3.93
N ASP A 59 -0.32 -6.40 3.48
CA ASP A 59 -0.51 -6.84 2.07
C ASP A 59 -0.81 -5.63 1.18
N TYR A 60 0.04 -5.35 0.24
CA TYR A 60 -0.17 -4.16 -0.65
C TYR A 60 -1.41 -4.32 -1.53
N LYS A 61 -1.65 -5.50 -2.04
CA LYS A 61 -2.84 -5.72 -2.92
C LYS A 61 -4.14 -5.50 -2.15
N LYS A 62 -4.18 -5.96 -0.93
CA LYS A 62 -5.41 -5.81 -0.10
C LYS A 62 -5.66 -4.34 0.25
N PHE A 63 -4.64 -3.62 0.64
CA PHE A 63 -4.83 -2.19 1.03
C PHE A 63 -5.15 -1.35 -0.20
N ILE A 64 -4.68 -1.75 -1.35
CA ILE A 64 -4.99 -0.99 -2.60
C ILE A 64 -6.43 -1.29 -3.04
N GLU A 65 -6.81 -2.55 -3.04
CA GLU A 65 -8.21 -2.90 -3.45
C GLU A 65 -9.22 -2.27 -2.49
N ASP A 66 -8.85 -2.04 -1.25
CA ASP A 66 -9.81 -1.42 -0.28
C ASP A 66 -9.72 0.12 -0.35
N VAL A 67 -8.72 0.66 -0.99
CA VAL A 67 -8.62 2.15 -1.12
C VAL A 67 -9.24 2.54 -2.46
N LEU A 68 -9.01 1.72 -3.46
CA LEU A 68 -9.58 1.99 -4.82
C LEU A 68 -11.11 2.12 -4.75
N ARG A 69 -11.72 1.59 -3.72
CA ARG A 69 -13.21 1.68 -3.60
C ARG A 69 -13.67 3.15 -3.61
N GLN A 70 -14.75 3.43 -4.28
CA GLN A 70 -15.25 4.85 -4.34
C GLN A 70 -16.66 4.93 -3.76
N LYS A 1 -10.21 6.58 -15.70
CA LYS A 1 -9.62 6.24 -14.38
C LYS A 1 -8.37 5.39 -14.56
N ALA A 2 -7.86 4.86 -13.46
CA ALA A 2 -6.64 4.02 -13.50
C ALA A 2 -6.99 2.55 -13.21
N LYS A 3 -6.15 1.63 -13.59
CA LYS A 3 -6.44 0.19 -13.35
C LYS A 3 -5.52 -0.37 -12.26
N THR A 4 -5.91 -1.48 -11.69
CA THR A 4 -5.10 -2.13 -10.62
C THR A 4 -3.65 -2.27 -11.08
N GLU A 5 -3.45 -2.45 -12.37
CA GLU A 5 -2.08 -2.60 -12.94
C GLU A 5 -1.16 -1.46 -12.47
N ASP A 6 -1.70 -0.27 -12.33
CA ASP A 6 -0.87 0.89 -11.87
C ASP A 6 -0.28 0.59 -10.49
N PHE A 7 -1.12 0.19 -9.56
CA PHE A 7 -0.63 -0.12 -8.19
C PHE A 7 0.08 -1.47 -8.15
N VAL A 8 -0.43 -2.46 -8.86
CA VAL A 8 0.21 -3.82 -8.83
C VAL A 8 1.66 -3.73 -9.32
N LYS A 9 1.86 -3.16 -10.49
CA LYS A 9 3.25 -3.04 -11.04
C LYS A 9 4.13 -2.24 -10.10
N ALA A 10 3.57 -1.26 -9.44
CA ALA A 10 4.37 -0.41 -8.50
C ALA A 10 5.00 -1.26 -7.39
N PHE A 11 4.20 -2.01 -6.68
CA PHE A 11 4.75 -2.85 -5.57
C PHE A 11 5.45 -4.11 -6.10
N GLN A 12 4.74 -4.89 -6.89
CA GLN A 12 5.32 -6.17 -7.40
C GLN A 12 6.72 -6.01 -7.99
N VAL A 13 6.99 -4.95 -8.71
CA VAL A 13 8.37 -4.79 -9.30
C VAL A 13 9.42 -4.79 -8.18
N PHE A 14 9.11 -4.18 -7.06
CA PHE A 14 10.07 -4.17 -5.92
C PHE A 14 10.16 -5.59 -5.35
N ASP A 15 9.04 -6.24 -5.15
CA ASP A 15 9.07 -7.62 -4.57
C ASP A 15 9.76 -8.59 -5.55
N LYS A 16 11.07 -8.61 -5.55
CA LYS A 16 11.82 -9.52 -6.46
C LYS A 16 11.45 -10.99 -6.19
N GLU A 17 11.30 -11.35 -4.94
CA GLU A 17 10.94 -12.77 -4.61
C GLU A 17 9.42 -12.95 -4.53
N SER A 18 8.66 -12.06 -5.13
CA SER A 18 7.17 -12.16 -5.15
C SER A 18 6.56 -12.67 -3.83
N THR A 19 7.08 -12.28 -2.69
CA THR A 19 6.50 -12.76 -1.40
C THR A 19 5.07 -12.23 -1.26
N GLY A 20 4.82 -11.04 -1.74
CA GLY A 20 3.46 -10.46 -1.66
C GLY A 20 3.29 -9.60 -0.39
N LYS A 21 4.39 -9.26 0.27
CA LYS A 21 4.27 -8.43 1.51
C LYS A 21 5.27 -7.28 1.47
N VAL A 22 5.00 -6.21 2.18
CA VAL A 22 5.95 -5.06 2.20
C VAL A 22 5.84 -4.33 3.56
N SER A 23 6.85 -3.57 3.91
CA SER A 23 6.82 -2.83 5.21
C SER A 23 6.02 -1.54 5.04
N VAL A 24 5.30 -1.13 6.06
CA VAL A 24 4.49 0.12 5.97
C VAL A 24 5.37 1.32 5.62
N GLY A 25 6.56 1.39 6.15
CA GLY A 25 7.47 2.54 5.85
C GLY A 25 7.76 2.60 4.36
N ASP A 26 7.98 1.47 3.74
CA ASP A 26 8.26 1.46 2.26
C ASP A 26 6.96 1.56 1.47
N LEU A 27 5.92 0.90 1.92
CA LEU A 27 4.61 0.95 1.19
C LEU A 27 4.11 2.39 1.10
N ARG A 28 4.08 3.09 2.21
CA ARG A 28 3.58 4.50 2.18
C ARG A 28 4.51 5.37 1.31
N TYR A 29 5.77 5.03 1.24
CA TYR A 29 6.71 5.86 0.41
C TYR A 29 6.38 5.71 -1.08
N MET A 30 6.19 4.50 -1.55
CA MET A 30 5.89 4.31 -3.01
C MET A 30 4.53 4.90 -3.35
N LEU A 31 3.55 4.73 -2.49
CA LEU A 31 2.19 5.29 -2.79
C LEU A 31 2.34 6.79 -3.07
N THR A 32 3.11 7.46 -2.25
CA THR A 32 3.34 8.92 -2.45
C THR A 32 4.01 9.17 -3.81
N GLY A 33 4.73 8.19 -4.29
CA GLY A 33 5.41 8.29 -5.62
C GLY A 33 4.46 7.87 -6.75
N LEU A 34 3.38 7.21 -6.41
CA LEU A 34 2.42 6.71 -7.45
C LEU A 34 1.25 7.67 -7.68
N GLY A 35 1.27 8.85 -7.10
CA GLY A 35 0.13 9.80 -7.28
C GLY A 35 -0.73 9.78 -6.01
N GLU A 36 -0.10 9.59 -4.89
CA GLU A 36 -0.85 9.60 -3.60
C GLU A 36 -0.42 10.79 -2.74
N LYS A 37 -1.34 11.66 -2.40
CA LYS A 37 -0.98 12.82 -1.54
C LYS A 37 -1.83 12.81 -0.28
N LEU A 38 -1.71 11.74 0.47
CA LEU A 38 -2.45 11.61 1.76
C LEU A 38 -1.56 12.17 2.87
N THR A 39 -2.14 12.73 3.90
CA THR A 39 -1.31 13.27 5.02
C THR A 39 -1.49 12.41 6.26
N ASP A 40 -0.45 12.17 7.04
CA ASP A 40 -0.54 11.30 8.27
C ASP A 40 -1.85 11.54 9.04
N ALA A 41 -2.40 12.72 8.98
CA ALA A 41 -3.69 12.99 9.68
C ALA A 41 -4.78 12.09 9.08
N GLU A 42 -4.92 12.09 7.78
CA GLU A 42 -5.93 11.22 7.12
C GLU A 42 -5.44 9.75 7.07
N VAL A 43 -4.19 9.56 6.75
CA VAL A 43 -3.63 8.16 6.67
C VAL A 43 -3.73 7.47 8.03
N ASP A 44 -3.59 8.20 9.11
CA ASP A 44 -3.69 7.54 10.46
C ASP A 44 -5.12 7.04 10.66
N GLU A 45 -6.11 7.76 10.17
CA GLU A 45 -7.52 7.31 10.30
C GLU A 45 -7.70 5.97 9.58
N LEU A 46 -7.21 5.87 8.37
CA LEU A 46 -7.32 4.60 7.61
C LEU A 46 -6.59 3.47 8.34
N LEU A 47 -5.38 3.76 8.77
CA LEU A 47 -4.57 2.73 9.51
C LEU A 47 -5.25 2.30 10.81
N LYS A 48 -6.17 3.11 11.31
CA LYS A 48 -6.85 2.77 12.60
C LYS A 48 -7.52 1.40 12.55
N GLY A 49 -7.79 0.91 11.36
CA GLY A 49 -8.45 -0.42 11.24
C GLY A 49 -7.50 -1.43 10.56
N VAL A 50 -6.41 -0.96 9.99
CA VAL A 50 -5.45 -1.92 9.32
C VAL A 50 -4.76 -2.78 10.37
N GLU A 51 -4.76 -4.06 10.14
CA GLU A 51 -4.12 -5.03 11.07
C GLU A 51 -2.75 -5.49 10.56
N VAL A 52 -1.70 -4.97 11.15
CA VAL A 52 -0.32 -5.39 10.75
C VAL A 52 0.09 -6.62 11.56
N ASP A 53 1.07 -7.35 11.11
CA ASP A 53 1.51 -8.57 11.85
C ASP A 53 2.67 -8.25 12.80
N SER A 54 3.18 -9.27 13.45
CA SER A 54 4.31 -9.07 14.41
C SER A 54 5.63 -8.72 13.69
N ASN A 55 5.63 -8.66 12.37
CA ASN A 55 6.87 -8.31 11.63
C ASN A 55 6.78 -6.89 11.05
N GLY A 56 5.61 -6.28 11.09
CA GLY A 56 5.46 -4.91 10.53
C GLY A 56 5.21 -4.97 9.03
N GLU A 57 4.65 -6.06 8.56
CA GLU A 57 4.37 -6.20 7.10
C GLU A 57 2.87 -6.14 6.80
N ILE A 58 2.51 -5.48 5.75
CA ILE A 58 1.07 -5.37 5.36
C ILE A 58 0.91 -5.74 3.88
N ASP A 59 -0.15 -6.43 3.56
CA ASP A 59 -0.38 -6.83 2.14
C ASP A 59 -0.70 -5.59 1.30
N TYR A 60 0.19 -5.20 0.42
CA TYR A 60 -0.04 -3.98 -0.42
C TYR A 60 -1.26 -4.15 -1.33
N LYS A 61 -1.52 -5.33 -1.82
CA LYS A 61 -2.69 -5.53 -2.73
C LYS A 61 -4.01 -5.36 -1.97
N LYS A 62 -4.06 -5.84 -0.76
CA LYS A 62 -5.31 -5.74 0.05
C LYS A 62 -5.60 -4.30 0.46
N PHE A 63 -4.60 -3.58 0.92
CA PHE A 63 -4.84 -2.18 1.37
C PHE A 63 -5.13 -1.27 0.18
N ILE A 64 -4.60 -1.60 -0.98
CA ILE A 64 -4.86 -0.77 -2.18
C ILE A 64 -6.24 -1.10 -2.76
N GLU A 65 -6.54 -2.37 -2.92
CA GLU A 65 -7.88 -2.76 -3.47
C GLU A 65 -8.99 -2.24 -2.55
N ASP A 66 -8.72 -2.06 -1.28
CA ASP A 66 -9.77 -1.55 -0.37
C ASP A 66 -9.77 -0.01 -0.33
N VAL A 67 -8.74 0.62 -0.85
CA VAL A 67 -8.71 2.11 -0.89
C VAL A 67 -9.21 2.57 -2.27
N LEU A 68 -8.74 1.91 -3.31
CA LEU A 68 -9.17 2.25 -4.69
C LEU A 68 -10.69 2.13 -4.86
N ARG A 69 -11.35 1.42 -3.98
CA ARG A 69 -12.84 1.27 -4.09
C ARG A 69 -13.52 2.64 -4.03
N GLN A 70 -13.04 3.51 -3.18
CA GLN A 70 -13.65 4.87 -3.07
C GLN A 70 -12.55 5.94 -3.07
N LYS A 1 -9.37 8.08 -14.97
CA LYS A 1 -9.74 6.72 -15.47
C LYS A 1 -8.48 5.85 -15.59
N ALA A 2 -7.99 5.38 -14.48
CA ALA A 2 -6.77 4.52 -14.48
C ALA A 2 -7.14 3.08 -14.11
N LYS A 3 -6.30 2.12 -14.44
CA LYS A 3 -6.63 0.71 -14.13
C LYS A 3 -5.71 0.17 -13.02
N THR A 4 -6.15 -0.90 -12.39
CA THR A 4 -5.35 -1.51 -11.28
C THR A 4 -3.91 -1.75 -11.76
N GLU A 5 -3.75 -1.99 -13.03
CA GLU A 5 -2.38 -2.24 -13.61
C GLU A 5 -1.41 -1.12 -13.22
N ASP A 6 -1.88 0.09 -13.14
CA ASP A 6 -0.98 1.23 -12.76
C ASP A 6 -0.51 1.05 -11.31
N PHE A 7 -1.42 0.70 -10.44
CA PHE A 7 -1.05 0.50 -9.00
C PHE A 7 -0.34 -0.85 -8.79
N VAL A 8 -0.80 -1.88 -9.44
CA VAL A 8 -0.17 -3.23 -9.24
C VAL A 8 1.29 -3.23 -9.72
N LYS A 9 1.53 -2.81 -10.94
CA LYS A 9 2.93 -2.81 -11.48
C LYS A 9 3.88 -2.01 -10.58
N ALA A 10 3.38 -0.99 -9.95
CA ALA A 10 4.26 -0.14 -9.08
C ALA A 10 4.73 -0.88 -7.83
N PHE A 11 3.89 -1.67 -7.21
CA PHE A 11 4.32 -2.40 -5.97
C PHE A 11 5.13 -3.64 -6.33
N GLN A 12 4.54 -4.51 -7.09
CA GLN A 12 5.20 -5.81 -7.44
C GLN A 12 6.65 -5.65 -7.94
N VAL A 13 6.99 -4.58 -8.61
CA VAL A 13 8.39 -4.43 -9.11
C VAL A 13 9.36 -4.41 -7.91
N PHE A 14 8.91 -3.90 -6.79
CA PHE A 14 9.79 -3.87 -5.58
C PHE A 14 9.89 -5.28 -5.01
N ASP A 15 8.78 -5.97 -4.84
CA ASP A 15 8.83 -7.36 -4.27
C ASP A 15 9.55 -8.30 -5.25
N LYS A 16 10.86 -8.28 -5.25
CA LYS A 16 11.63 -9.17 -6.17
C LYS A 16 11.34 -10.65 -5.85
N GLU A 17 11.14 -10.98 -4.60
CA GLU A 17 10.86 -12.41 -4.25
C GLU A 17 9.35 -12.68 -4.22
N SER A 18 8.57 -11.82 -4.85
CA SER A 18 7.08 -11.99 -4.91
C SER A 18 6.45 -12.55 -3.62
N THR A 19 6.96 -12.19 -2.47
CA THR A 19 6.37 -12.70 -1.21
C THR A 19 4.93 -12.18 -1.07
N GLY A 20 4.69 -10.98 -1.55
CA GLY A 20 3.32 -10.40 -1.46
C GLY A 20 3.15 -9.56 -0.19
N LYS A 21 4.22 -9.27 0.51
CA LYS A 21 4.12 -8.46 1.76
C LYS A 21 5.15 -7.33 1.75
N VAL A 22 4.89 -6.25 2.43
CA VAL A 22 5.87 -5.13 2.47
C VAL A 22 5.76 -4.38 3.80
N SER A 23 6.80 -3.65 4.16
CA SER A 23 6.77 -2.88 5.43
C SER A 23 6.00 -1.58 5.24
N VAL A 24 5.28 -1.15 6.25
CA VAL A 24 4.50 0.13 6.14
C VAL A 24 5.41 1.30 5.73
N GLY A 25 6.61 1.35 6.27
CA GLY A 25 7.54 2.46 5.92
C GLY A 25 7.83 2.47 4.42
N ASP A 26 8.00 1.31 3.84
CA ASP A 26 8.28 1.23 2.37
C ASP A 26 6.99 1.36 1.57
N LEU A 27 5.93 0.70 2.02
CA LEU A 27 4.63 0.78 1.27
C LEU A 27 4.16 2.23 1.20
N ARG A 28 4.13 2.92 2.32
CA ARG A 28 3.66 4.34 2.31
C ARG A 28 4.61 5.20 1.48
N TYR A 29 5.88 4.88 1.49
CA TYR A 29 6.86 5.69 0.70
C TYR A 29 6.58 5.55 -0.79
N MET A 30 6.40 4.34 -1.26
CA MET A 30 6.13 4.14 -2.72
C MET A 30 4.72 4.54 -3.06
N LEU A 31 3.82 4.49 -2.11
CA LEU A 31 2.40 4.88 -2.40
C LEU A 31 2.39 6.33 -2.86
N THR A 32 3.11 7.18 -2.17
CA THR A 32 3.16 8.62 -2.56
C THR A 32 3.86 8.78 -3.92
N GLY A 33 4.57 7.77 -4.35
CA GLY A 33 5.25 7.82 -5.68
C GLY A 33 4.29 7.36 -6.78
N LEU A 34 3.20 6.74 -6.41
CA LEU A 34 2.23 6.21 -7.41
C LEU A 34 1.09 7.21 -7.70
N GLY A 35 1.16 8.42 -7.19
CA GLY A 35 0.06 9.40 -7.41
C GLY A 35 -0.80 9.48 -6.14
N GLU A 36 -0.18 9.31 -5.01
CA GLU A 36 -0.91 9.40 -3.71
C GLU A 36 -0.43 10.60 -2.89
N LYS A 37 -1.32 11.50 -2.56
CA LYS A 37 -0.90 12.68 -1.73
C LYS A 37 -1.74 12.71 -0.46
N LEU A 38 -1.66 11.66 0.31
CA LEU A 38 -2.40 11.57 1.60
C LEU A 38 -1.48 12.10 2.71
N THR A 39 -2.04 12.68 3.73
CA THR A 39 -1.19 13.20 4.85
C THR A 39 -1.41 12.35 6.11
N ASP A 40 -0.38 12.10 6.89
CA ASP A 40 -0.53 11.24 8.12
C ASP A 40 -1.84 11.51 8.90
N ALA A 41 -2.37 12.70 8.80
CA ALA A 41 -3.67 12.99 9.47
C ALA A 41 -4.75 12.09 8.88
N GLU A 42 -4.89 12.08 7.58
CA GLU A 42 -5.91 11.21 6.92
C GLU A 42 -5.43 9.75 6.89
N VAL A 43 -4.18 9.54 6.56
CA VAL A 43 -3.62 8.15 6.51
C VAL A 43 -3.74 7.47 7.88
N ASP A 44 -3.56 8.21 8.95
CA ASP A 44 -3.67 7.58 10.30
C ASP A 44 -5.11 7.05 10.50
N GLU A 45 -6.08 7.78 10.04
CA GLU A 45 -7.50 7.32 10.16
C GLU A 45 -7.67 5.98 9.44
N LEU A 46 -7.18 5.90 8.22
CA LEU A 46 -7.30 4.62 7.44
C LEU A 46 -6.58 3.49 8.18
N LEU A 47 -5.38 3.75 8.61
CA LEU A 47 -4.58 2.71 9.34
C LEU A 47 -5.29 2.28 10.64
N LYS A 48 -6.22 3.08 11.10
CA LYS A 48 -6.92 2.74 12.39
C LYS A 48 -7.58 1.36 12.31
N GLY A 49 -7.83 0.87 11.12
CA GLY A 49 -8.46 -0.47 10.98
C GLY A 49 -7.51 -1.43 10.25
N VAL A 50 -6.22 -1.20 10.33
CA VAL A 50 -5.26 -2.10 9.65
C VAL A 50 -4.51 -2.94 10.68
N GLU A 51 -4.49 -4.23 10.46
CA GLU A 51 -3.82 -5.16 11.42
C GLU A 51 -2.45 -5.62 10.90
N VAL A 52 -1.40 -5.06 11.44
CA VAL A 52 -0.02 -5.47 11.03
C VAL A 52 0.39 -6.69 11.88
N ASP A 53 1.37 -7.43 11.44
CA ASP A 53 1.80 -8.64 12.20
C ASP A 53 2.98 -8.32 13.14
N SER A 54 3.47 -9.32 13.81
CA SER A 54 4.61 -9.12 14.76
C SER A 54 5.93 -8.82 14.02
N ASN A 55 5.92 -8.80 12.71
CA ASN A 55 7.16 -8.48 11.95
C ASN A 55 7.08 -7.07 11.34
N GLY A 56 5.94 -6.44 11.39
CA GLY A 56 5.80 -5.07 10.81
C GLY A 56 5.49 -5.17 9.32
N GLU A 57 4.85 -6.24 8.89
CA GLU A 57 4.53 -6.41 7.45
C GLU A 57 3.02 -6.29 7.20
N ILE A 58 2.66 -5.62 6.13
CA ILE A 58 1.22 -5.45 5.79
C ILE A 58 0.97 -5.90 4.35
N ASP A 59 -0.16 -6.51 4.10
CA ASP A 59 -0.46 -6.99 2.73
C ASP A 59 -0.70 -5.79 1.79
N TYR A 60 0.16 -5.62 0.82
CA TYR A 60 0.02 -4.46 -0.12
C TYR A 60 -1.24 -4.58 -0.99
N LYS A 61 -1.61 -5.77 -1.39
CA LYS A 61 -2.80 -5.94 -2.27
C LYS A 61 -4.09 -5.65 -1.49
N LYS A 62 -4.17 -6.09 -0.27
CA LYS A 62 -5.40 -5.87 0.55
C LYS A 62 -5.63 -4.39 0.85
N PHE A 63 -4.60 -3.68 1.23
CA PHE A 63 -4.77 -2.23 1.57
C PHE A 63 -5.06 -1.42 0.31
N ILE A 64 -4.59 -1.87 -0.82
CA ILE A 64 -4.86 -1.13 -2.09
C ILE A 64 -6.27 -1.43 -2.60
N GLU A 65 -6.64 -2.69 -2.66
CA GLU A 65 -8.01 -3.05 -3.14
C GLU A 65 -9.07 -2.42 -2.23
N ASP A 66 -8.75 -2.18 -0.99
CA ASP A 66 -9.75 -1.55 -0.07
C ASP A 66 -9.64 -0.02 -0.11
N VAL A 67 -8.55 0.51 -0.63
CA VAL A 67 -8.42 1.99 -0.74
C VAL A 67 -8.81 2.43 -2.16
N LEU A 68 -8.29 1.76 -3.15
CA LEU A 68 -8.61 2.10 -4.57
C LEU A 68 -10.10 1.90 -4.86
N ARG A 69 -10.75 1.05 -4.12
CA ARG A 69 -12.21 0.79 -4.34
C ARG A 69 -13.01 2.11 -4.29
N GLN A 70 -12.77 2.92 -3.28
CA GLN A 70 -13.50 4.21 -3.18
C GLN A 70 -12.54 5.33 -2.75
N LYS A 1 -10.68 4.86 -14.03
CA LYS A 1 -9.76 5.60 -14.93
C LYS A 1 -8.44 4.83 -15.10
N ALA A 2 -7.95 4.28 -14.03
CA ALA A 2 -6.67 3.51 -14.06
C ALA A 2 -6.94 2.03 -13.78
N LYS A 3 -6.03 1.16 -14.14
CA LYS A 3 -6.23 -0.29 -13.90
C LYS A 3 -5.33 -0.80 -12.78
N THR A 4 -5.69 -1.93 -12.20
CA THR A 4 -4.88 -2.52 -11.09
C THR A 4 -3.42 -2.59 -11.52
N GLU A 5 -3.18 -2.77 -12.79
CA GLU A 5 -1.78 -2.86 -13.32
C GLU A 5 -0.93 -1.67 -12.87
N ASP A 6 -1.53 -0.50 -12.80
CA ASP A 6 -0.75 0.70 -12.36
C ASP A 6 -0.23 0.50 -10.93
N PHE A 7 -1.10 0.11 -10.04
CA PHE A 7 -0.67 -0.11 -8.62
C PHE A 7 0.11 -1.43 -8.47
N VAL A 8 -0.29 -2.47 -9.16
CA VAL A 8 0.43 -3.77 -9.02
C VAL A 8 1.88 -3.66 -9.50
N LYS A 9 2.08 -3.14 -10.68
CA LYS A 9 3.46 -3.01 -11.24
C LYS A 9 4.33 -2.13 -10.33
N ALA A 10 3.74 -1.15 -9.71
CA ALA A 10 4.51 -0.22 -8.82
C ALA A 10 5.02 -0.94 -7.57
N PHE A 11 4.20 -1.73 -6.93
CA PHE A 11 4.65 -2.44 -5.69
C PHE A 11 5.50 -3.66 -6.02
N GLN A 12 4.95 -4.59 -6.76
CA GLN A 12 5.68 -5.86 -7.08
C GLN A 12 7.12 -5.63 -7.55
N VAL A 13 7.41 -4.51 -8.18
CA VAL A 13 8.80 -4.28 -8.67
C VAL A 13 9.77 -4.25 -7.47
N PHE A 14 9.32 -3.77 -6.33
CA PHE A 14 10.19 -3.74 -5.12
C PHE A 14 10.37 -5.17 -4.61
N ASP A 15 9.30 -5.90 -4.42
CA ASP A 15 9.43 -7.31 -3.92
C ASP A 15 9.59 -8.25 -5.11
N LYS A 16 10.79 -8.36 -5.63
CA LYS A 16 11.03 -9.26 -6.80
C LYS A 16 10.75 -10.73 -6.43
N GLU A 17 10.70 -11.05 -5.16
CA GLU A 17 10.43 -12.48 -4.75
C GLU A 17 8.92 -12.73 -4.63
N SER A 18 8.10 -11.86 -5.17
CA SER A 18 6.61 -12.03 -5.14
C SER A 18 6.07 -12.59 -3.81
N THR A 19 6.66 -12.22 -2.69
CA THR A 19 6.14 -12.75 -1.39
C THR A 19 4.70 -12.27 -1.16
N GLY A 20 4.39 -11.07 -1.61
CA GLY A 20 3.00 -10.54 -1.44
C GLY A 20 2.89 -9.68 -0.19
N LYS A 21 4.00 -9.36 0.46
CA LYS A 21 3.93 -8.52 1.69
C LYS A 21 4.95 -7.38 1.62
N VAL A 22 4.71 -6.30 2.33
CA VAL A 22 5.68 -5.16 2.30
C VAL A 22 5.62 -4.41 3.64
N SER A 23 6.64 -3.65 3.95
CA SER A 23 6.65 -2.87 5.23
C SER A 23 5.87 -1.57 5.04
N VAL A 24 5.17 -1.13 6.06
CA VAL A 24 4.37 0.13 5.96
C VAL A 24 5.27 1.31 5.54
N GLY A 25 6.47 1.39 6.08
CA GLY A 25 7.38 2.52 5.73
C GLY A 25 7.66 2.53 4.22
N ASP A 26 7.86 1.38 3.64
CA ASP A 26 8.13 1.31 2.18
C ASP A 26 6.82 1.41 1.38
N LEU A 27 5.79 0.78 1.86
CA LEU A 27 4.47 0.82 1.15
C LEU A 27 3.98 2.27 1.04
N ARG A 28 3.97 2.99 2.13
CA ARG A 28 3.50 4.40 2.08
C ARG A 28 4.41 5.26 1.20
N TYR A 29 5.68 4.92 1.13
CA TYR A 29 6.61 5.75 0.29
C TYR A 29 6.27 5.59 -1.19
N MET A 30 6.10 4.38 -1.66
CA MET A 30 5.79 4.19 -3.11
C MET A 30 4.44 4.81 -3.44
N LEU A 31 3.46 4.66 -2.58
CA LEU A 31 2.13 5.28 -2.87
C LEU A 31 2.32 6.78 -3.09
N THR A 32 3.11 7.39 -2.25
CA THR A 32 3.40 8.85 -2.40
C THR A 32 4.06 9.11 -3.76
N GLY A 33 4.80 8.15 -4.24
CA GLY A 33 5.47 8.27 -5.56
C GLY A 33 4.52 7.80 -6.68
N LEU A 34 3.47 7.11 -6.33
CA LEU A 34 2.52 6.56 -7.36
C LEU A 34 1.31 7.48 -7.60
N GLY A 35 1.29 8.67 -7.05
CA GLY A 35 0.11 9.57 -7.26
C GLY A 35 -0.76 9.54 -5.99
N GLU A 36 -0.14 9.37 -4.86
CA GLU A 36 -0.89 9.36 -3.57
C GLU A 36 -0.49 10.58 -2.73
N LYS A 37 -1.42 11.44 -2.40
CA LYS A 37 -1.07 12.62 -1.55
C LYS A 37 -1.92 12.60 -0.29
N LEU A 38 -1.80 11.55 0.47
CA LEU A 38 -2.52 11.42 1.76
C LEU A 38 -1.63 11.99 2.87
N THR A 39 -2.21 12.55 3.90
CA THR A 39 -1.37 13.11 5.00
C THR A 39 -1.55 12.26 6.27
N ASP A 40 -0.49 12.03 7.02
CA ASP A 40 -0.59 11.18 8.27
C ASP A 40 -1.88 11.45 9.08
N ALA A 41 -2.42 12.64 8.98
CA ALA A 41 -3.70 12.93 9.69
C ALA A 41 -4.80 12.01 9.14
N GLU A 42 -4.97 12.00 7.84
CA GLU A 42 -6.00 11.12 7.22
C GLU A 42 -5.51 9.67 7.18
N VAL A 43 -4.26 9.47 6.81
CA VAL A 43 -3.69 8.09 6.75
C VAL A 43 -3.77 7.41 8.13
N ASP A 44 -3.59 8.16 9.20
CA ASP A 44 -3.67 7.52 10.55
C ASP A 44 -5.08 6.98 10.78
N GLU A 45 -6.08 7.70 10.32
CA GLU A 45 -7.49 7.21 10.47
C GLU A 45 -7.65 5.89 9.71
N LEU A 46 -7.21 5.86 8.48
CA LEU A 46 -7.33 4.62 7.66
C LEU A 46 -6.56 3.47 8.32
N LEU A 47 -5.33 3.73 8.69
CA LEU A 47 -4.48 2.68 9.33
C LEU A 47 -5.09 2.23 10.66
N LYS A 48 -5.99 2.99 11.22
CA LYS A 48 -6.58 2.63 12.55
C LYS A 48 -7.24 1.24 12.52
N GLY A 49 -7.52 0.70 11.36
CA GLY A 49 -8.16 -0.64 11.29
C GLY A 49 -7.23 -1.67 10.65
N VAL A 50 -6.14 -1.25 10.06
CA VAL A 50 -5.22 -2.24 9.41
C VAL A 50 -4.51 -3.10 10.47
N GLU A 51 -4.48 -4.38 10.23
CA GLU A 51 -3.83 -5.32 11.19
C GLU A 51 -2.46 -5.78 10.68
N VAL A 52 -1.41 -5.21 11.22
CA VAL A 52 -0.03 -5.62 10.81
C VAL A 52 0.40 -6.83 11.64
N ASP A 53 1.39 -7.56 11.19
CA ASP A 53 1.85 -8.76 11.95
C ASP A 53 3.03 -8.42 12.86
N SER A 54 3.56 -9.42 13.53
CA SER A 54 4.71 -9.20 14.47
C SER A 54 6.01 -8.84 13.72
N ASN A 55 5.98 -8.80 12.40
CA ASN A 55 7.21 -8.44 11.64
C ASN A 55 7.09 -7.02 11.06
N GLY A 56 5.92 -6.41 11.15
CA GLY A 56 5.75 -5.04 10.59
C GLY A 56 5.44 -5.12 9.09
N GLU A 57 4.85 -6.20 8.67
CA GLU A 57 4.52 -6.38 7.23
C GLU A 57 3.01 -6.27 6.99
N ILE A 58 2.64 -5.62 5.91
CA ILE A 58 1.20 -5.46 5.57
C ILE A 58 0.99 -5.90 4.12
N ASP A 59 -0.24 -6.04 3.69
CA ASP A 59 -0.50 -6.47 2.29
C ASP A 59 -0.78 -5.25 1.40
N TYR A 60 0.10 -4.98 0.47
CA TYR A 60 -0.09 -3.79 -0.42
C TYR A 60 -1.33 -3.94 -1.32
N LYS A 61 -1.61 -5.14 -1.78
CA LYS A 61 -2.79 -5.35 -2.66
C LYS A 61 -4.10 -5.13 -1.91
N LYS A 62 -4.14 -5.55 -0.66
CA LYS A 62 -5.38 -5.41 0.14
C LYS A 62 -5.67 -3.94 0.49
N PHE A 63 -4.66 -3.21 0.90
CA PHE A 63 -4.89 -1.78 1.28
C PHE A 63 -5.21 -0.93 0.05
N ILE A 64 -4.71 -1.31 -1.10
CA ILE A 64 -5.01 -0.54 -2.34
C ILE A 64 -6.42 -0.86 -2.81
N GLU A 65 -6.81 -2.12 -2.84
CA GLU A 65 -8.20 -2.48 -3.26
C GLU A 65 -9.22 -1.80 -2.35
N ASP A 66 -8.85 -1.51 -1.13
CA ASP A 66 -9.80 -0.84 -0.21
C ASP A 66 -9.68 0.69 -0.33
N VAL A 67 -8.65 1.18 -1.01
CA VAL A 67 -8.51 2.65 -1.21
C VAL A 67 -9.10 3.00 -2.58
N LEU A 68 -8.81 2.19 -3.56
CA LEU A 68 -9.35 2.41 -4.95
C LEU A 68 -10.88 2.51 -4.95
N ARG A 69 -11.53 2.00 -3.92
CA ARG A 69 -13.02 2.08 -3.86
C ARG A 69 -13.49 3.54 -3.91
N GLN A 70 -12.79 4.41 -3.23
CA GLN A 70 -13.18 5.86 -3.24
C GLN A 70 -11.97 6.72 -3.62
N LYS A 1 -10.60 5.69 -14.55
CA LYS A 1 -9.93 5.91 -15.87
C LYS A 1 -8.66 5.05 -15.97
N ALA A 2 -8.04 4.80 -14.85
CA ALA A 2 -6.80 3.97 -14.82
C ALA A 2 -7.14 2.53 -14.42
N LYS A 3 -6.27 1.60 -14.69
CA LYS A 3 -6.56 0.19 -14.33
C LYS A 3 -5.64 -0.31 -13.22
N THR A 4 -6.01 -1.42 -12.61
CA THR A 4 -5.21 -1.99 -11.49
C THR A 4 -3.73 -2.11 -11.90
N GLU A 5 -3.49 -2.31 -13.17
CA GLU A 5 -2.09 -2.44 -13.68
C GLU A 5 -1.23 -1.25 -13.25
N ASP A 6 -1.80 -0.08 -13.22
CA ASP A 6 -1.02 1.13 -12.80
C ASP A 6 -0.50 0.96 -11.37
N PHE A 7 -1.38 0.61 -10.46
CA PHE A 7 -0.98 0.42 -9.04
C PHE A 7 -0.23 -0.92 -8.85
N VAL A 8 -0.68 -1.96 -9.51
CA VAL A 8 0.01 -3.30 -9.34
C VAL A 8 1.47 -3.19 -9.76
N LYS A 9 1.71 -2.61 -10.91
CA LYS A 9 3.12 -2.48 -11.39
C LYS A 9 3.96 -1.67 -10.40
N ALA A 10 3.35 -0.74 -9.72
CA ALA A 10 4.09 0.11 -8.75
C ALA A 10 4.71 -0.72 -7.61
N PHE A 11 3.90 -1.42 -6.84
CA PHE A 11 4.44 -2.21 -5.71
C PHE A 11 5.11 -3.51 -6.16
N GLN A 12 4.40 -4.33 -6.91
CA GLN A 12 4.98 -5.66 -7.32
C GLN A 12 6.40 -5.57 -7.88
N VAL A 13 6.73 -4.55 -8.63
CA VAL A 13 8.14 -4.46 -9.17
C VAL A 13 9.14 -4.42 -8.01
N PHE A 14 8.75 -3.86 -6.90
CA PHE A 14 9.65 -3.81 -5.72
C PHE A 14 9.80 -5.23 -5.15
N ASP A 15 8.71 -5.95 -5.00
CA ASP A 15 8.79 -7.34 -4.44
C ASP A 15 9.62 -8.26 -5.35
N LYS A 16 10.92 -8.19 -5.24
CA LYS A 16 11.80 -9.05 -6.10
C LYS A 16 11.56 -10.54 -5.81
N GLU A 17 11.39 -10.90 -4.55
CA GLU A 17 11.15 -12.33 -4.22
C GLU A 17 9.65 -12.67 -4.21
N SER A 18 8.84 -11.83 -4.80
CA SER A 18 7.36 -12.07 -4.88
C SER A 18 6.75 -12.70 -3.62
N THR A 19 7.24 -12.35 -2.45
CA THR A 19 6.66 -12.95 -1.21
C THR A 19 5.20 -12.52 -1.06
N GLY A 20 4.88 -11.33 -1.49
CA GLY A 20 3.47 -10.84 -1.41
C GLY A 20 3.27 -9.96 -0.16
N LYS A 21 4.33 -9.58 0.51
CA LYS A 21 4.18 -8.73 1.74
C LYS A 21 5.17 -7.56 1.69
N VAL A 22 4.86 -6.48 2.37
CA VAL A 22 5.80 -5.32 2.38
C VAL A 22 5.67 -4.54 3.70
N SER A 23 6.66 -3.77 4.04
CA SER A 23 6.60 -2.98 5.31
C SER A 23 5.81 -1.68 5.08
N VAL A 24 5.09 -1.24 6.08
CA VAL A 24 4.29 0.02 5.92
C VAL A 24 5.20 1.19 5.53
N GLY A 25 6.37 1.28 6.10
CA GLY A 25 7.29 2.40 5.76
C GLY A 25 7.61 2.40 4.26
N ASP A 26 7.82 1.23 3.70
CA ASP A 26 8.13 1.15 2.23
C ASP A 26 6.84 1.22 1.41
N LEU A 27 5.81 0.54 1.84
CA LEU A 27 4.52 0.57 1.08
C LEU A 27 3.99 2.00 1.00
N ARG A 28 3.92 2.67 2.12
CA ARG A 28 3.40 4.08 2.11
C ARG A 28 4.32 4.98 1.27
N TYR A 29 5.60 4.69 1.27
CA TYR A 29 6.54 5.54 0.48
C TYR A 29 6.24 5.42 -1.02
N MET A 30 6.09 4.21 -1.52
CA MET A 30 5.80 4.04 -2.97
C MET A 30 4.46 4.67 -3.31
N LEU A 31 3.47 4.52 -2.46
CA LEU A 31 2.14 5.14 -2.75
C LEU A 31 2.35 6.65 -2.95
N THR A 32 3.13 7.25 -2.09
CA THR A 32 3.44 8.70 -2.23
C THR A 32 4.13 8.96 -3.57
N GLY A 33 4.89 8.00 -4.02
CA GLY A 33 5.59 8.12 -5.33
C GLY A 33 4.66 7.67 -6.47
N LEU A 34 3.58 7.02 -6.14
CA LEU A 34 2.63 6.48 -7.16
C LEU A 34 1.46 7.46 -7.41
N GLY A 35 1.50 8.65 -6.89
CA GLY A 35 0.37 9.62 -7.11
C GLY A 35 -0.48 9.68 -5.83
N GLU A 36 0.15 9.54 -4.70
CA GLU A 36 -0.58 9.61 -3.41
C GLU A 36 -0.13 10.83 -2.60
N LYS A 37 -1.02 11.73 -2.28
CA LYS A 37 -0.64 12.91 -1.47
C LYS A 37 -1.50 12.95 -0.20
N LEU A 38 -1.41 11.91 0.57
CA LEU A 38 -2.16 11.82 1.86
C LEU A 38 -1.26 12.36 2.98
N THR A 39 -1.85 12.94 4.00
CA THR A 39 -1.02 13.46 5.13
C THR A 39 -1.24 12.59 6.38
N ASP A 40 -0.23 12.37 7.19
CA ASP A 40 -0.39 11.50 8.41
C ASP A 40 -1.72 11.73 9.14
N ALA A 41 -2.29 12.91 9.04
CA ALA A 41 -3.61 13.16 9.69
C ALA A 41 -4.66 12.23 9.08
N GLU A 42 -4.77 12.22 7.78
CA GLU A 42 -5.77 11.33 7.11
C GLU A 42 -5.30 9.87 7.10
N VAL A 43 -4.05 9.65 6.74
CA VAL A 43 -3.52 8.25 6.70
C VAL A 43 -3.64 7.59 8.07
N ASP A 44 -3.52 8.35 9.13
CA ASP A 44 -3.65 7.73 10.49
C ASP A 44 -5.08 7.21 10.67
N GLU A 45 -6.04 7.93 10.15
CA GLU A 45 -7.46 7.47 10.26
C GLU A 45 -7.63 6.13 9.53
N LEU A 46 -7.13 6.04 8.33
CA LEU A 46 -7.26 4.77 7.54
C LEU A 46 -6.51 3.62 8.23
N LEU A 47 -5.48 3.94 8.97
CA LEU A 47 -4.68 2.88 9.66
C LEU A 47 -5.34 2.40 10.95
N LYS A 48 -6.31 3.12 11.46
CA LYS A 48 -6.95 2.71 12.76
C LYS A 48 -7.55 1.29 12.66
N GLY A 49 -7.77 0.79 11.47
CA GLY A 49 -8.37 -0.57 11.31
C GLY A 49 -7.36 -1.52 10.65
N VAL A 50 -6.27 -1.01 10.11
CA VAL A 50 -5.27 -1.91 9.47
C VAL A 50 -4.55 -2.75 10.53
N GLU A 51 -4.51 -4.04 10.31
CA GLU A 51 -3.87 -4.97 11.28
C GLU A 51 -2.52 -5.48 10.76
N VAL A 52 -1.45 -4.98 11.33
CA VAL A 52 -0.09 -5.45 10.92
C VAL A 52 0.29 -6.64 11.78
N ASP A 53 1.25 -7.43 11.37
CA ASP A 53 1.65 -8.63 12.17
C ASP A 53 2.81 -8.29 13.12
N SER A 54 3.34 -9.31 13.75
CA SER A 54 4.47 -9.10 14.71
C SER A 54 5.79 -8.78 13.97
N ASN A 55 5.77 -8.73 12.65
CA ASN A 55 7.01 -8.39 11.90
C ASN A 55 6.90 -6.99 11.28
N GLY A 56 5.73 -6.40 11.28
CA GLY A 56 5.56 -5.04 10.70
C GLY A 56 5.29 -5.16 9.19
N GLU A 57 4.70 -6.25 8.77
CA GLU A 57 4.42 -6.45 7.32
C GLU A 57 2.92 -6.34 7.04
N ILE A 58 2.57 -5.69 5.96
CA ILE A 58 1.14 -5.53 5.59
C ILE A 58 0.94 -5.94 4.12
N ASP A 59 -0.12 -6.62 3.83
CA ASP A 59 -0.38 -7.06 2.42
C ASP A 59 -0.69 -5.84 1.55
N TYR A 60 0.21 -5.46 0.68
CA TYR A 60 -0.02 -4.27 -0.19
C TYR A 60 -1.26 -4.44 -1.08
N LYS A 61 -1.59 -5.66 -1.45
CA LYS A 61 -2.78 -5.85 -2.34
C LYS A 61 -4.08 -5.54 -1.59
N LYS A 62 -4.14 -5.94 -0.34
CA LYS A 62 -5.37 -5.70 0.47
C LYS A 62 -5.60 -4.20 0.72
N PHE A 63 -4.55 -3.48 1.07
CA PHE A 63 -4.72 -2.02 1.37
C PHE A 63 -5.01 -1.26 0.08
N ILE A 64 -4.55 -1.75 -1.04
CA ILE A 64 -4.81 -1.07 -2.34
C ILE A 64 -6.23 -1.42 -2.82
N GLU A 65 -6.56 -2.68 -2.85
CA GLU A 65 -7.92 -3.10 -3.32
C GLU A 65 -9.01 -2.50 -2.42
N ASP A 66 -8.71 -2.26 -1.17
CA ASP A 66 -9.75 -1.68 -0.27
C ASP A 66 -9.73 -0.14 -0.31
N VAL A 67 -8.68 0.44 -0.86
CA VAL A 67 -8.65 1.93 -0.98
C VAL A 67 -9.15 2.31 -2.38
N LEU A 68 -8.77 1.51 -3.35
CA LEU A 68 -9.21 1.75 -4.76
C LEU A 68 -10.75 1.76 -4.87
N ARG A 69 -11.44 1.20 -3.90
CA ARG A 69 -12.94 1.18 -3.97
C ARG A 69 -13.48 2.62 -4.01
N GLN A 70 -14.50 2.85 -4.81
CA GLN A 70 -15.07 4.22 -4.90
C GLN A 70 -16.12 4.43 -3.81
N LYS A 1 -9.21 7.59 -14.41
CA LYS A 1 -9.58 6.20 -14.84
C LYS A 1 -8.32 5.35 -15.00
N ALA A 2 -7.86 4.79 -13.91
CA ALA A 2 -6.63 3.94 -13.95
C ALA A 2 -6.99 2.48 -13.64
N LYS A 3 -6.13 1.55 -13.99
CA LYS A 3 -6.43 0.11 -13.73
C LYS A 3 -5.47 -0.46 -12.68
N THR A 4 -5.84 -1.60 -12.12
CA THR A 4 -4.99 -2.24 -11.07
C THR A 4 -3.55 -2.37 -11.57
N GLU A 5 -3.38 -2.55 -12.85
CA GLU A 5 -2.01 -2.69 -13.43
C GLU A 5 -1.10 -1.53 -13.01
N ASP A 6 -1.64 -0.33 -12.96
CA ASP A 6 -0.82 0.85 -12.56
C ASP A 6 -0.38 0.70 -11.10
N PHE A 7 -1.30 0.32 -10.25
CA PHE A 7 -0.98 0.14 -8.81
C PHE A 7 -0.16 -1.14 -8.56
N VAL A 8 -0.43 -2.20 -9.29
CA VAL A 8 0.32 -3.48 -9.06
C VAL A 8 1.77 -3.34 -9.55
N LYS A 9 1.96 -2.75 -10.71
CA LYS A 9 3.34 -2.61 -11.26
C LYS A 9 4.26 -1.83 -10.31
N ALA A 10 3.71 -0.85 -9.64
CA ALA A 10 4.55 -0.03 -8.70
C ALA A 10 5.09 -0.85 -7.54
N PHE A 11 4.25 -1.60 -6.85
CA PHE A 11 4.74 -2.40 -5.69
C PHE A 11 5.45 -3.69 -6.14
N GLN A 12 4.76 -4.52 -6.87
CA GLN A 12 5.33 -5.84 -7.31
C GLN A 12 6.74 -5.70 -7.91
N VAL A 13 7.01 -4.66 -8.65
CA VAL A 13 8.37 -4.51 -9.26
C VAL A 13 9.44 -4.52 -8.16
N PHE A 14 9.16 -3.90 -7.04
CA PHE A 14 10.14 -3.89 -5.91
C PHE A 14 10.30 -5.33 -5.40
N ASP A 15 9.21 -6.06 -5.27
CA ASP A 15 9.29 -7.46 -4.75
C ASP A 15 10.15 -8.35 -5.68
N LYS A 16 11.44 -8.28 -5.54
CA LYS A 16 12.34 -9.10 -6.40
C LYS A 16 12.15 -10.59 -6.11
N GLU A 17 11.69 -10.92 -4.93
CA GLU A 17 11.48 -12.37 -4.58
C GLU A 17 9.98 -12.70 -4.57
N SER A 18 9.16 -11.85 -5.14
CA SER A 18 7.68 -12.09 -5.22
C SER A 18 7.08 -12.75 -3.95
N THR A 19 7.15 -12.08 -2.82
CA THR A 19 6.57 -12.68 -1.59
C THR A 19 5.11 -12.22 -1.43
N GLY A 20 4.82 -11.01 -1.85
CA GLY A 20 3.43 -10.51 -1.75
C GLY A 20 3.23 -9.71 -0.45
N LYS A 21 4.28 -9.39 0.25
CA LYS A 21 4.14 -8.62 1.53
C LYS A 21 5.14 -7.46 1.55
N VAL A 22 4.85 -6.40 2.28
CA VAL A 22 5.80 -5.25 2.34
C VAL A 22 5.68 -4.54 3.70
N SER A 23 6.69 -3.79 4.07
CA SER A 23 6.65 -3.06 5.37
C SER A 23 5.87 -1.75 5.21
N VAL A 24 5.16 -1.33 6.23
CA VAL A 24 4.36 -0.07 6.14
C VAL A 24 5.27 1.11 5.75
N GLY A 25 6.46 1.17 6.29
CA GLY A 25 7.38 2.30 5.97
C GLY A 25 7.67 2.33 4.47
N ASP A 26 7.86 1.17 3.87
CA ASP A 26 8.14 1.12 2.40
C ASP A 26 6.85 1.26 1.61
N LEU A 27 5.79 0.62 2.05
CA LEU A 27 4.49 0.70 1.33
C LEU A 27 4.03 2.15 1.24
N ARG A 28 4.01 2.85 2.35
CA ARG A 28 3.56 4.28 2.34
C ARG A 28 4.50 5.12 1.49
N TYR A 29 5.76 4.78 1.44
CA TYR A 29 6.74 5.58 0.63
C TYR A 29 6.43 5.42 -0.85
N MET A 30 6.25 4.20 -1.32
CA MET A 30 5.96 4.00 -2.77
C MET A 30 4.55 4.44 -3.11
N LEU A 31 3.63 4.33 -2.19
CA LEU A 31 2.23 4.75 -2.49
C LEU A 31 2.22 6.22 -2.86
N THR A 32 2.97 7.03 -2.15
CA THR A 32 3.02 8.49 -2.47
C THR A 32 3.72 8.72 -3.82
N GLY A 33 4.46 7.74 -4.28
CA GLY A 33 5.15 7.84 -5.59
C GLY A 33 4.23 7.37 -6.72
N LEU A 34 3.16 6.69 -6.37
CA LEU A 34 2.22 6.13 -7.40
C LEU A 34 1.06 7.09 -7.72
N GLY A 35 1.07 8.29 -7.20
CA GLY A 35 -0.06 9.23 -7.45
C GLY A 35 -0.94 9.28 -6.19
N GLU A 36 -0.31 9.14 -5.06
CA GLU A 36 -1.06 9.20 -3.76
C GLU A 36 -0.60 10.42 -2.95
N LYS A 37 -1.50 11.31 -2.62
CA LYS A 37 -1.09 12.50 -1.81
C LYS A 37 -1.91 12.55 -0.52
N LEU A 38 -1.80 11.51 0.25
CA LEU A 38 -2.51 11.45 1.57
C LEU A 38 -1.58 12.01 2.63
N THR A 39 -2.12 12.61 3.67
CA THR A 39 -1.25 13.17 4.75
C THR A 39 -1.41 12.36 6.03
N ASP A 40 -0.36 12.13 6.78
CA ASP A 40 -0.44 11.32 8.05
C ASP A 40 -1.73 11.59 8.84
N ALA A 41 -2.26 12.79 8.74
CA ALA A 41 -3.54 13.11 9.44
C ALA A 41 -4.65 12.22 8.87
N GLU A 42 -4.80 12.22 7.57
CA GLU A 42 -5.85 11.37 6.92
C GLU A 42 -5.38 9.90 6.88
N VAL A 43 -4.12 9.69 6.55
CA VAL A 43 -3.59 8.29 6.50
C VAL A 43 -3.72 7.61 7.87
N ASP A 44 -3.58 8.35 8.94
CA ASP A 44 -3.71 7.72 10.29
C ASP A 44 -5.14 7.23 10.48
N GLU A 45 -6.10 7.96 9.97
CA GLU A 45 -7.53 7.54 10.09
C GLU A 45 -7.73 6.21 9.36
N LEU A 46 -7.25 6.13 8.14
CA LEU A 46 -7.39 4.87 7.36
C LEU A 46 -6.66 3.72 8.06
N LEU A 47 -5.45 3.98 8.49
CA LEU A 47 -4.65 2.93 9.19
C LEU A 47 -5.34 2.48 10.48
N LYS A 48 -6.29 3.24 10.96
CA LYS A 48 -6.97 2.87 12.24
C LYS A 48 -7.60 1.46 12.14
N GLY A 49 -7.82 0.97 10.95
CA GLY A 49 -8.43 -0.39 10.79
C GLY A 49 -7.46 -1.34 10.08
N VAL A 50 -6.17 -1.11 10.19
CA VAL A 50 -5.20 -2.03 9.51
C VAL A 50 -4.49 -2.91 10.55
N GLU A 51 -4.51 -4.20 10.31
CA GLU A 51 -3.87 -5.17 11.26
C GLU A 51 -2.52 -5.66 10.73
N VAL A 52 -1.45 -5.19 11.30
CA VAL A 52 -0.09 -5.65 10.88
C VAL A 52 0.29 -6.87 11.73
N ASP A 53 1.25 -7.64 11.29
CA ASP A 53 1.65 -8.85 12.07
C ASP A 53 2.80 -8.53 13.02
N SER A 54 3.28 -9.53 13.71
CA SER A 54 4.39 -9.33 14.70
C SER A 54 5.72 -9.00 14.00
N ASN A 55 5.76 -8.96 12.68
CA ASN A 55 7.03 -8.62 11.97
C ASN A 55 6.94 -7.21 11.35
N GLY A 56 5.78 -6.59 11.37
CA GLY A 56 5.65 -5.23 10.79
C GLY A 56 5.39 -5.33 9.28
N GLU A 57 4.82 -6.43 8.84
CA GLU A 57 4.54 -6.60 7.38
C GLU A 57 3.04 -6.52 7.09
N ILE A 58 2.70 -5.87 6.02
CA ILE A 58 1.26 -5.74 5.63
C ILE A 58 1.09 -6.14 4.16
N ASP A 59 -0.12 -6.30 3.72
CA ASP A 59 -0.36 -6.69 2.29
C ASP A 59 -0.64 -5.44 1.45
N TYR A 60 0.25 -5.10 0.56
CA TYR A 60 0.06 -3.88 -0.28
C TYR A 60 -1.20 -3.97 -1.16
N LYS A 61 -1.67 -5.17 -1.46
CA LYS A 61 -2.87 -5.28 -2.33
C LYS A 61 -4.16 -5.11 -1.52
N LYS A 62 -4.16 -5.52 -0.29
CA LYS A 62 -5.39 -5.42 0.55
C LYS A 62 -5.72 -3.95 0.89
N PHE A 63 -4.73 -3.20 1.32
CA PHE A 63 -4.99 -1.78 1.70
C PHE A 63 -5.31 -0.91 0.48
N ILE A 64 -4.81 -1.25 -0.68
CA ILE A 64 -5.12 -0.41 -1.89
C ILE A 64 -6.52 -0.74 -2.44
N GLU A 65 -6.88 -1.99 -2.51
CA GLU A 65 -8.23 -2.36 -3.04
C GLU A 65 -9.34 -1.82 -2.11
N ASP A 66 -9.05 -1.65 -0.86
CA ASP A 66 -10.10 -1.12 0.07
C ASP A 66 -10.08 0.42 0.09
N VAL A 67 -9.07 1.04 -0.46
CA VAL A 67 -9.04 2.53 -0.52
C VAL A 67 -9.58 2.97 -1.90
N LEU A 68 -9.16 2.26 -2.92
CA LEU A 68 -9.63 2.58 -4.31
C LEU A 68 -11.16 2.50 -4.43
N ARG A 69 -11.80 1.84 -3.50
CA ARG A 69 -13.30 1.73 -3.57
C ARG A 69 -13.94 3.12 -3.53
N GLN A 70 -13.41 4.00 -2.72
CA GLN A 70 -13.98 5.38 -2.62
C GLN A 70 -12.87 6.42 -2.79
N LYS A 1 -10.73 5.42 -14.38
CA LYS A 1 -9.75 6.11 -15.27
C LYS A 1 -8.48 5.28 -15.41
N ALA A 2 -8.03 4.73 -14.31
CA ALA A 2 -6.78 3.89 -14.32
C ALA A 2 -7.12 2.44 -13.98
N LYS A 3 -6.26 1.52 -14.33
CA LYS A 3 -6.53 0.08 -14.05
C LYS A 3 -5.63 -0.44 -12.93
N THR A 4 -6.04 -1.53 -12.33
CA THR A 4 -5.23 -2.13 -11.21
C THR A 4 -3.78 -2.29 -11.66
N GLU A 5 -3.57 -2.51 -12.93
CA GLU A 5 -2.20 -2.67 -13.49
C GLU A 5 -1.29 -1.51 -13.06
N ASP A 6 -1.81 -0.32 -13.02
CA ASP A 6 -0.98 0.86 -12.61
C ASP A 6 -0.47 0.66 -11.19
N PHE A 7 -1.34 0.32 -10.29
CA PHE A 7 -0.92 0.11 -8.86
C PHE A 7 -0.20 -1.23 -8.69
N VAL A 8 -0.66 -2.27 -9.36
CA VAL A 8 0.01 -3.60 -9.21
C VAL A 8 1.47 -3.53 -9.65
N LYS A 9 1.70 -3.02 -10.83
CA LYS A 9 3.11 -2.92 -11.35
C LYS A 9 3.98 -2.08 -10.39
N ALA A 10 3.39 -1.12 -9.76
CA ALA A 10 4.16 -0.24 -8.82
C ALA A 10 4.72 -1.03 -7.63
N PHE A 11 3.88 -1.72 -6.89
CA PHE A 11 4.38 -2.49 -5.71
C PHE A 11 5.04 -3.82 -6.14
N GLN A 12 4.31 -4.65 -6.83
CA GLN A 12 4.84 -5.99 -7.23
C GLN A 12 6.24 -5.93 -7.83
N VAL A 13 6.54 -4.92 -8.63
CA VAL A 13 7.91 -4.85 -9.25
C VAL A 13 8.98 -4.84 -8.14
N PHE A 14 8.70 -4.20 -7.04
CA PHE A 14 9.69 -4.18 -5.91
C PHE A 14 9.79 -5.58 -5.33
N ASP A 15 8.68 -6.26 -5.14
CA ASP A 15 8.72 -7.64 -4.55
C ASP A 15 9.47 -8.60 -5.48
N LYS A 16 10.78 -8.58 -5.42
CA LYS A 16 11.59 -9.49 -6.29
C LYS A 16 11.27 -10.95 -5.99
N GLU A 17 11.09 -11.30 -4.73
CA GLU A 17 10.78 -12.73 -4.39
C GLU A 17 9.26 -12.94 -4.31
N SER A 18 8.49 -12.07 -4.93
CA SER A 18 6.99 -12.20 -4.95
C SER A 18 6.38 -12.71 -3.64
N THR A 19 6.92 -12.32 -2.51
CA THR A 19 6.34 -12.81 -1.21
C THR A 19 4.91 -12.27 -1.07
N GLY A 20 4.66 -11.09 -1.55
CA GLY A 20 3.29 -10.49 -1.46
C GLY A 20 3.14 -9.65 -0.20
N LYS A 21 4.22 -9.33 0.49
CA LYS A 21 4.11 -8.51 1.73
C LYS A 21 5.14 -7.37 1.70
N VAL A 22 4.87 -6.29 2.40
CA VAL A 22 5.85 -5.15 2.44
C VAL A 22 5.72 -4.41 3.76
N SER A 23 6.73 -3.65 4.13
CA SER A 23 6.68 -2.88 5.40
C SER A 23 5.88 -1.59 5.22
N VAL A 24 5.13 -1.19 6.21
CA VAL A 24 4.31 0.05 6.09
C VAL A 24 5.20 1.26 5.73
N GLY A 25 6.36 1.35 6.33
CA GLY A 25 7.26 2.51 6.03
C GLY A 25 7.60 2.56 4.54
N ASP A 26 7.85 1.42 3.95
CA ASP A 26 8.18 1.38 2.50
C ASP A 26 6.91 1.45 1.65
N LEU A 27 5.86 0.79 2.09
CA LEU A 27 4.58 0.81 1.32
C LEU A 27 4.06 2.24 1.19
N ARG A 28 3.98 2.96 2.27
CA ARG A 28 3.47 4.36 2.21
C ARG A 28 4.40 5.23 1.36
N TYR A 29 5.67 4.91 1.30
CA TYR A 29 6.61 5.74 0.49
C TYR A 29 6.29 5.61 -1.00
N MET A 30 6.12 4.39 -1.49
CA MET A 30 5.83 4.22 -2.94
C MET A 30 4.48 4.84 -3.29
N LEU A 31 3.49 4.68 -2.45
CA LEU A 31 2.16 5.30 -2.76
C LEU A 31 2.36 6.80 -2.98
N THR A 32 3.13 7.41 -2.11
CA THR A 32 3.42 8.87 -2.26
C THR A 32 4.11 9.13 -3.60
N GLY A 33 4.85 8.17 -4.07
CA GLY A 33 5.54 8.28 -5.39
C GLY A 33 4.61 7.82 -6.52
N LEU A 34 3.53 7.16 -6.19
CA LEU A 34 2.59 6.62 -7.22
C LEU A 34 1.41 7.57 -7.49
N GLY A 35 1.41 8.76 -6.94
CA GLY A 35 0.26 9.69 -7.16
C GLY A 35 -0.64 9.68 -5.91
N GLU A 36 -0.02 9.49 -4.77
CA GLU A 36 -0.79 9.50 -3.49
C GLU A 36 -0.38 10.70 -2.64
N LYS A 37 -1.30 11.57 -2.30
CA LYS A 37 -0.95 12.73 -1.44
C LYS A 37 -1.82 12.72 -0.19
N LEU A 38 -1.72 11.66 0.56
CA LEU A 38 -2.49 11.54 1.83
C LEU A 38 -1.61 12.09 2.96
N THR A 39 -2.20 12.66 3.99
CA THR A 39 -1.38 13.20 5.11
C THR A 39 -1.59 12.36 6.36
N ASP A 40 -0.56 12.13 7.16
CA ASP A 40 -0.70 11.27 8.39
C ASP A 40 -2.01 11.52 9.15
N ALA A 41 -2.55 12.71 9.06
CA ALA A 41 -3.86 12.99 9.72
C ALA A 41 -4.93 12.07 9.14
N GLU A 42 -5.07 12.05 7.84
CA GLU A 42 -6.07 11.16 7.18
C GLU A 42 -5.56 9.71 7.15
N VAL A 43 -4.30 9.53 6.84
CA VAL A 43 -3.71 8.15 6.77
C VAL A 43 -3.81 7.48 8.15
N ASP A 44 -3.64 8.22 9.22
CA ASP A 44 -3.73 7.60 10.57
C ASP A 44 -5.16 7.06 10.78
N GLU A 45 -6.14 7.80 10.34
CA GLU A 45 -7.56 7.34 10.48
C GLU A 45 -7.75 6.01 9.75
N LEU A 46 -7.27 5.93 8.53
CA LEU A 46 -7.41 4.68 7.73
C LEU A 46 -6.66 3.52 8.40
N LEU A 47 -5.50 3.81 8.92
CA LEU A 47 -4.67 2.75 9.58
C LEU A 47 -5.32 2.22 10.87
N LYS A 48 -6.27 2.94 11.41
CA LYS A 48 -6.90 2.50 12.70
C LYS A 48 -7.49 1.08 12.59
N GLY A 49 -7.70 0.59 11.39
CA GLY A 49 -8.30 -0.77 11.24
C GLY A 49 -7.30 -1.75 10.59
N VAL A 50 -6.20 -1.27 10.07
CA VAL A 50 -5.22 -2.20 9.43
C VAL A 50 -4.51 -3.05 10.50
N GLU A 51 -4.45 -4.34 10.26
CA GLU A 51 -3.81 -5.28 11.22
C GLU A 51 -2.40 -5.66 10.77
N VAL A 52 -1.41 -5.03 11.34
CA VAL A 52 0.00 -5.37 10.99
C VAL A 52 0.45 -6.58 11.83
N ASP A 53 1.46 -7.28 11.40
CA ASP A 53 1.92 -8.49 12.16
C ASP A 53 3.08 -8.14 13.11
N SER A 54 3.56 -9.13 13.81
CA SER A 54 4.68 -8.92 14.78
C SER A 54 6.02 -8.63 14.06
N ASN A 55 6.04 -8.65 12.75
CA ASN A 55 7.32 -8.35 12.02
C ASN A 55 7.24 -6.96 11.37
N GLY A 56 6.08 -6.35 11.32
CA GLY A 56 5.96 -5.00 10.70
C GLY A 56 5.66 -5.16 9.21
N GLU A 57 4.99 -6.22 8.84
CA GLU A 57 4.66 -6.45 7.40
C GLU A 57 3.16 -6.30 7.14
N ILE A 58 2.82 -5.61 6.08
CA ILE A 58 1.39 -5.41 5.71
C ILE A 58 1.20 -5.87 4.26
N ASP A 59 -0.02 -5.98 3.82
CA ASP A 59 -0.27 -6.42 2.41
C ASP A 59 -0.52 -5.22 1.50
N TYR A 60 0.35 -4.97 0.57
CA TYR A 60 0.19 -3.80 -0.34
C TYR A 60 -1.01 -3.96 -1.28
N LYS A 61 -1.27 -5.16 -1.73
CA LYS A 61 -2.42 -5.37 -2.68
C LYS A 61 -3.76 -5.16 -1.97
N LYS A 62 -3.86 -5.61 -0.74
CA LYS A 62 -5.14 -5.47 0.02
C LYS A 62 -5.42 -4.00 0.35
N PHE A 63 -4.42 -3.26 0.77
CA PHE A 63 -4.64 -1.83 1.12
C PHE A 63 -4.91 -1.00 -0.13
N ILE A 64 -4.39 -1.42 -1.26
CA ILE A 64 -4.63 -0.68 -2.53
C ILE A 64 -6.02 -1.00 -3.07
N GLU A 65 -6.36 -2.26 -3.16
CA GLU A 65 -7.72 -2.66 -3.67
C GLU A 65 -8.81 -2.07 -2.78
N ASP A 66 -8.53 -1.83 -1.52
CA ASP A 66 -9.56 -1.24 -0.63
C ASP A 66 -9.53 0.30 -0.69
N VAL A 67 -8.49 0.87 -1.27
CA VAL A 67 -8.43 2.36 -1.40
C VAL A 67 -8.95 2.72 -2.80
N LEU A 68 -8.58 1.92 -3.78
CA LEU A 68 -9.04 2.16 -5.18
C LEU A 68 -10.57 2.14 -5.29
N ARG A 69 -11.23 1.51 -4.34
CA ARG A 69 -12.72 1.45 -4.37
C ARG A 69 -13.32 2.85 -4.38
N GLN A 70 -14.38 3.06 -5.11
CA GLN A 70 -15.02 4.41 -5.16
C GLN A 70 -15.57 4.78 -3.78
N LYS A 1 -11.09 5.57 -13.98
CA LYS A 1 -10.05 6.41 -14.65
C LYS A 1 -8.76 5.62 -14.79
N ALA A 2 -8.27 5.10 -13.70
CA ALA A 2 -7.00 4.31 -13.71
C ALA A 2 -7.30 2.84 -13.44
N LYS A 3 -6.41 1.95 -13.81
CA LYS A 3 -6.65 0.50 -13.59
C LYS A 3 -5.75 -0.06 -12.50
N THR A 4 -6.13 -1.17 -11.92
CA THR A 4 -5.32 -1.80 -10.84
C THR A 4 -3.87 -1.95 -11.30
N GLU A 5 -3.68 -2.12 -12.59
CA GLU A 5 -2.29 -2.26 -13.15
C GLU A 5 -1.38 -1.13 -12.68
N ASP A 6 -1.92 0.06 -12.55
CA ASP A 6 -1.08 1.22 -12.10
C ASP A 6 -0.46 0.91 -10.72
N PHE A 7 -1.27 0.56 -9.77
CA PHE A 7 -0.74 0.24 -8.40
C PHE A 7 -0.09 -1.14 -8.37
N VAL A 8 -0.64 -2.11 -9.06
CA VAL A 8 -0.05 -3.49 -9.03
C VAL A 8 1.41 -3.45 -9.49
N LYS A 9 1.65 -2.85 -10.63
CA LYS A 9 3.06 -2.77 -11.16
C LYS A 9 3.95 -2.02 -10.18
N ALA A 10 3.40 -1.07 -9.47
CA ALA A 10 4.21 -0.28 -8.50
C ALA A 10 4.84 -1.18 -7.42
N PHE A 11 4.03 -1.92 -6.69
CA PHE A 11 4.60 -2.78 -5.60
C PHE A 11 5.26 -4.03 -6.15
N GLN A 12 4.56 -4.80 -6.95
CA GLN A 12 5.12 -6.08 -7.48
C GLN A 12 6.53 -5.93 -8.05
N VAL A 13 6.83 -4.86 -8.77
CA VAL A 13 8.20 -4.71 -9.34
C VAL A 13 9.24 -4.70 -8.20
N PHE A 14 8.91 -4.09 -7.09
CA PHE A 14 9.87 -4.08 -5.94
C PHE A 14 9.96 -5.50 -5.36
N ASP A 15 8.85 -6.15 -5.16
CA ASP A 15 8.87 -7.54 -4.60
C ASP A 15 9.63 -8.50 -5.52
N LYS A 16 10.93 -8.51 -5.42
CA LYS A 16 11.75 -9.41 -6.30
C LYS A 16 11.42 -10.88 -6.01
N GLU A 17 11.26 -11.24 -4.76
CA GLU A 17 10.94 -12.66 -4.42
C GLU A 17 9.42 -12.89 -4.35
N SER A 18 8.64 -11.99 -4.94
CA SER A 18 7.15 -12.13 -4.97
C SER A 18 6.55 -12.68 -3.67
N THR A 19 7.07 -12.32 -2.52
CA THR A 19 6.50 -12.84 -1.25
C THR A 19 5.05 -12.34 -1.10
N GLY A 20 4.80 -11.13 -1.54
CA GLY A 20 3.41 -10.57 -1.46
C GLY A 20 3.25 -9.72 -0.19
N LYS A 21 4.32 -9.37 0.48
CA LYS A 21 4.19 -8.55 1.72
C LYS A 21 5.19 -7.39 1.70
N VAL A 22 4.91 -6.32 2.40
CA VAL A 22 5.85 -5.17 2.42
C VAL A 22 5.73 -4.42 3.76
N SER A 23 6.72 -3.64 4.12
CA SER A 23 6.66 -2.88 5.41
C SER A 23 5.88 -1.58 5.20
N VAL A 24 5.15 -1.15 6.20
CA VAL A 24 4.36 0.12 6.07
C VAL A 24 5.28 1.29 5.71
N GLY A 25 6.45 1.36 6.28
CA GLY A 25 7.38 2.48 5.96
C GLY A 25 7.69 2.51 4.46
N ASP A 26 7.90 1.36 3.87
CA ASP A 26 8.19 1.29 2.40
C ASP A 26 6.90 1.41 1.60
N LEU A 27 5.85 0.77 2.05
CA LEU A 27 4.55 0.82 1.32
C LEU A 27 4.07 2.28 1.20
N ARG A 28 4.03 3.00 2.29
CA ARG A 28 3.56 4.41 2.25
C ARG A 28 4.50 5.27 1.39
N TYR A 29 5.77 4.92 1.35
CA TYR A 29 6.73 5.73 0.56
C TYR A 29 6.46 5.58 -0.94
N MET A 30 6.30 4.37 -1.42
CA MET A 30 6.05 4.18 -2.89
C MET A 30 4.70 4.76 -3.27
N LEU A 31 3.69 4.59 -2.45
CA LEU A 31 2.35 5.17 -2.79
C LEU A 31 2.52 6.66 -3.05
N THR A 32 3.25 7.32 -2.19
CA THR A 32 3.51 8.78 -2.37
C THR A 32 4.21 9.04 -3.70
N GLY A 33 4.96 8.07 -4.17
CA GLY A 33 5.66 8.20 -5.48
C GLY A 33 4.75 7.76 -6.63
N LEU A 34 3.66 7.09 -6.33
CA LEU A 34 2.73 6.58 -7.38
C LEU A 34 1.57 7.55 -7.65
N GLY A 35 1.59 8.74 -7.10
CA GLY A 35 0.45 9.70 -7.31
C GLY A 35 -0.43 9.70 -6.06
N GLU A 36 0.19 9.52 -4.92
CA GLU A 36 -0.58 9.54 -3.64
C GLU A 36 -0.16 10.74 -2.80
N LYS A 37 -1.07 11.62 -2.49
CA LYS A 37 -0.71 12.79 -1.62
C LYS A 37 -1.58 12.79 -0.37
N LEU A 38 -1.50 11.73 0.37
CA LEU A 38 -2.26 11.59 1.64
C LEU A 38 -1.40 12.15 2.78
N THR A 39 -2.02 12.70 3.79
CA THR A 39 -1.23 13.24 4.94
C THR A 39 -1.47 12.37 6.16
N ASP A 40 -0.47 12.16 7.01
CA ASP A 40 -0.66 11.27 8.21
C ASP A 40 -2.02 11.47 8.91
N ALA A 41 -2.60 12.64 8.80
CA ALA A 41 -3.94 12.86 9.41
C ALA A 41 -4.96 11.97 8.68
N GLU A 42 -5.00 12.04 7.37
CA GLU A 42 -5.95 11.20 6.59
C GLU A 42 -5.47 9.74 6.54
N VAL A 43 -4.18 9.54 6.61
CA VAL A 43 -3.63 8.14 6.56
C VAL A 43 -3.77 7.46 7.94
N ASP A 44 -3.65 8.21 9.01
CA ASP A 44 -3.78 7.58 10.37
C ASP A 44 -5.20 7.05 10.58
N GLU A 45 -6.22 7.82 10.24
CA GLU A 45 -7.62 7.32 10.40
C GLU A 45 -7.80 6.01 9.62
N LEU A 46 -7.26 5.93 8.42
CA LEU A 46 -7.38 4.69 7.62
C LEU A 46 -6.65 3.54 8.33
N LEU A 47 -5.45 3.80 8.77
CA LEU A 47 -4.66 2.75 9.48
C LEU A 47 -5.37 2.29 10.76
N LYS A 48 -6.31 3.06 11.24
CA LYS A 48 -7.03 2.70 12.50
C LYS A 48 -7.67 1.31 12.39
N GLY A 49 -7.91 0.85 11.18
CA GLY A 49 -8.54 -0.49 10.99
C GLY A 49 -7.58 -1.42 10.24
N VAL A 50 -6.29 -1.18 10.34
CA VAL A 50 -5.32 -2.07 9.63
C VAL A 50 -4.57 -2.93 10.65
N GLU A 51 -4.53 -4.21 10.39
CA GLU A 51 -3.87 -5.17 11.32
C GLU A 51 -2.46 -5.55 10.85
N VAL A 52 -1.46 -4.96 11.44
CA VAL A 52 -0.06 -5.30 11.09
C VAL A 52 0.37 -6.54 11.88
N ASP A 53 1.38 -7.24 11.42
CA ASP A 53 1.81 -8.47 12.13
C ASP A 53 2.98 -8.18 13.08
N SER A 54 3.48 -9.20 13.73
CA SER A 54 4.61 -9.03 14.68
C SER A 54 5.94 -8.74 13.96
N ASN A 55 5.93 -8.71 12.64
CA ASN A 55 7.19 -8.41 11.89
C ASN A 55 7.12 -7.00 11.27
N GLY A 56 5.96 -6.42 11.20
CA GLY A 56 5.83 -5.05 10.61
C GLY A 56 5.53 -5.15 9.12
N GLU A 57 4.87 -6.21 8.72
CA GLU A 57 4.55 -6.40 7.27
C GLU A 57 3.05 -6.25 7.00
N ILE A 58 2.70 -5.50 5.99
CA ILE A 58 1.26 -5.31 5.65
C ILE A 58 1.04 -5.71 4.18
N ASP A 59 -0.05 -6.35 3.90
CA ASP A 59 -0.34 -6.78 2.49
C ASP A 59 -0.66 -5.56 1.62
N TYR A 60 0.21 -5.26 0.68
CA TYR A 60 -0.01 -4.06 -0.21
C TYR A 60 -1.19 -4.27 -1.18
N LYS A 61 -1.30 -5.43 -1.75
CA LYS A 61 -2.39 -5.70 -2.75
C LYS A 61 -3.78 -5.51 -2.14
N LYS A 62 -3.91 -5.76 -0.86
CA LYS A 62 -5.24 -5.63 -0.20
C LYS A 62 -5.53 -4.18 0.21
N PHE A 63 -4.54 -3.48 0.70
CA PHE A 63 -4.78 -2.08 1.16
C PHE A 63 -5.05 -1.15 -0.01
N ILE A 64 -4.49 -1.42 -1.17
CA ILE A 64 -4.73 -0.52 -2.34
C ILE A 64 -6.06 -0.88 -3.03
N GLU A 65 -6.34 -2.14 -3.22
CA GLU A 65 -7.62 -2.54 -3.88
C GLU A 65 -8.82 -2.22 -2.99
N ASP A 66 -8.63 -2.21 -1.69
CA ASP A 66 -9.78 -1.89 -0.78
C ASP A 66 -9.92 -0.37 -0.63
N VAL A 67 -8.92 0.40 -0.98
CA VAL A 67 -9.04 1.88 -0.91
C VAL A 67 -9.46 2.39 -2.29
N LEU A 68 -8.93 1.77 -3.31
CA LEU A 68 -9.29 2.16 -4.72
C LEU A 68 -10.79 1.97 -4.98
N ARG A 69 -11.47 1.20 -4.16
CA ARG A 69 -12.94 0.99 -4.38
C ARG A 69 -13.68 2.33 -4.33
N GLN A 70 -14.56 2.57 -5.27
CA GLN A 70 -15.31 3.85 -5.29
C GLN A 70 -16.70 3.64 -5.91
N LYS A 1 -10.76 5.84 -14.05
CA LYS A 1 -10.03 6.16 -15.32
C LYS A 1 -8.77 5.29 -15.44
N ALA A 2 -8.19 4.96 -14.32
CA ALA A 2 -6.95 4.12 -14.31
C ALA A 2 -7.30 2.68 -13.93
N LYS A 3 -6.45 1.74 -14.27
CA LYS A 3 -6.76 0.32 -13.95
C LYS A 3 -5.82 -0.21 -12.86
N THR A 4 -6.23 -1.30 -12.23
CA THR A 4 -5.40 -1.91 -11.14
C THR A 4 -3.96 -2.11 -11.63
N GLU A 5 -3.81 -2.34 -12.91
CA GLU A 5 -2.45 -2.54 -13.51
C GLU A 5 -1.49 -1.42 -13.10
N ASP A 6 -1.98 -0.21 -13.02
CA ASP A 6 -1.10 0.94 -12.63
C ASP A 6 -0.57 0.72 -11.21
N PHE A 7 -1.44 0.36 -10.30
CA PHE A 7 -1.00 0.13 -8.88
C PHE A 7 -0.26 -1.20 -8.75
N VAL A 8 -0.70 -2.23 -9.43
CA VAL A 8 -0.03 -3.56 -9.29
C VAL A 8 1.44 -3.47 -9.76
N LYS A 9 1.66 -2.91 -10.91
CA LYS A 9 3.06 -2.81 -11.44
C LYS A 9 3.96 -1.99 -10.50
N ALA A 10 3.40 -1.00 -9.86
CA ALA A 10 4.22 -0.15 -8.94
C ALA A 10 4.81 -0.95 -7.78
N PHE A 11 4.00 -1.63 -7.01
CA PHE A 11 4.54 -2.40 -5.84
C PHE A 11 5.18 -3.72 -6.29
N GLN A 12 4.49 -4.53 -7.02
CA GLN A 12 5.04 -5.87 -7.43
C GLN A 12 6.45 -5.78 -8.00
N VAL A 13 6.79 -4.75 -8.75
CA VAL A 13 8.17 -4.69 -9.32
C VAL A 13 9.21 -4.66 -8.18
N PHE A 14 8.89 -4.01 -7.08
CA PHE A 14 9.85 -3.99 -5.93
C PHE A 14 9.98 -5.40 -5.37
N ASP A 15 8.90 -6.13 -5.24
CA ASP A 15 8.97 -7.51 -4.68
C ASP A 15 9.82 -8.42 -5.56
N LYS A 16 11.12 -8.35 -5.42
CA LYS A 16 12.02 -9.21 -6.25
C LYS A 16 11.74 -10.70 -5.96
N GLU A 17 11.53 -11.05 -4.72
CA GLU A 17 11.24 -12.47 -4.38
C GLU A 17 9.73 -12.72 -4.32
N SER A 18 8.96 -11.86 -4.95
CA SER A 18 7.46 -12.01 -4.99
C SER A 18 6.84 -12.51 -3.68
N THR A 19 7.36 -12.12 -2.54
CA THR A 19 6.75 -12.60 -1.26
C THR A 19 5.31 -12.09 -1.15
N GLY A 20 5.03 -10.92 -1.66
CA GLY A 20 3.65 -10.37 -1.61
C GLY A 20 3.41 -9.57 -0.32
N LYS A 21 4.44 -9.26 0.43
CA LYS A 21 4.26 -8.49 1.68
C LYS A 21 5.26 -7.32 1.73
N VAL A 22 4.95 -6.25 2.42
CA VAL A 22 5.91 -5.11 2.49
C VAL A 22 5.76 -4.38 3.83
N SER A 23 6.77 -3.63 4.21
CA SER A 23 6.72 -2.87 5.50
C SER A 23 5.93 -1.57 5.31
N VAL A 24 5.22 -1.14 6.32
CA VAL A 24 4.42 0.13 6.21
C VAL A 24 5.33 1.29 5.78
N GLY A 25 6.53 1.35 6.29
CA GLY A 25 7.47 2.46 5.92
C GLY A 25 7.72 2.44 4.41
N ASP A 26 7.88 1.26 3.84
CA ASP A 26 8.13 1.16 2.38
C ASP A 26 6.82 1.29 1.59
N LEU A 27 5.78 0.64 2.05
CA LEU A 27 4.48 0.70 1.32
C LEU A 27 3.98 2.16 1.25
N ARG A 28 3.96 2.84 2.35
CA ARG A 28 3.49 4.26 2.34
C ARG A 28 4.42 5.12 1.48
N TYR A 29 5.69 4.78 1.43
CA TYR A 29 6.64 5.59 0.61
C TYR A 29 6.32 5.44 -0.88
N MET A 30 6.13 4.22 -1.34
CA MET A 30 5.84 4.02 -2.80
C MET A 30 4.50 4.65 -3.15
N LEU A 31 3.51 4.51 -2.30
CA LEU A 31 2.18 5.14 -2.60
C LEU A 31 2.39 6.63 -2.86
N THR A 32 3.17 7.25 -2.01
CA THR A 32 3.47 8.71 -2.20
C THR A 32 4.16 8.93 -3.55
N GLY A 33 4.88 7.94 -4.00
CA GLY A 33 5.57 8.03 -5.33
C GLY A 33 4.63 7.56 -6.45
N LEU A 34 3.54 6.91 -6.10
CA LEU A 34 2.60 6.37 -7.11
C LEU A 34 1.43 7.33 -7.40
N GLY A 35 1.45 8.53 -6.89
CA GLY A 35 0.32 9.48 -7.13
C GLY A 35 -0.57 9.51 -5.87
N GLU A 36 0.04 9.35 -4.73
CA GLU A 36 -0.72 9.41 -3.45
C GLU A 36 -0.28 10.62 -2.63
N LYS A 37 -1.18 11.51 -2.33
CA LYS A 37 -0.81 12.69 -1.50
C LYS A 37 -1.68 12.73 -0.24
N LEU A 38 -1.58 11.68 0.53
CA LEU A 38 -2.32 11.59 1.81
C LEU A 38 -1.43 12.13 2.93
N THR A 39 -1.99 12.71 3.95
CA THR A 39 -1.15 13.24 5.07
C THR A 39 -1.37 12.40 6.32
N ASP A 40 -0.34 12.16 7.12
CA ASP A 40 -0.48 11.31 8.36
C ASP A 40 -1.80 11.56 9.11
N ALA A 41 -2.34 12.75 9.01
CA ALA A 41 -3.65 13.05 9.68
C ALA A 41 -4.72 12.13 9.10
N GLU A 42 -4.85 12.12 7.79
CA GLU A 42 -5.86 11.23 7.14
C GLU A 42 -5.37 9.78 7.12
N VAL A 43 -4.11 9.58 6.80
CA VAL A 43 -3.54 8.19 6.75
C VAL A 43 -3.65 7.52 8.12
N ASP A 44 -3.49 8.27 9.18
CA ASP A 44 -3.60 7.65 10.54
C ASP A 44 -5.03 7.13 10.74
N GLU A 45 -6.01 7.85 10.27
CA GLU A 45 -7.43 7.39 10.40
C GLU A 45 -7.60 6.04 9.70
N LEU A 46 -7.11 5.92 8.50
CA LEU A 46 -7.23 4.64 7.74
C LEU A 46 -6.51 3.52 8.50
N LEU A 47 -5.29 3.77 8.89
CA LEU A 47 -4.50 2.75 9.64
C LEU A 47 -5.19 2.36 10.95
N LYS A 48 -6.10 3.19 11.42
CA LYS A 48 -6.79 2.89 12.72
C LYS A 48 -7.48 1.53 12.69
N GLY A 49 -7.75 1.01 11.52
CA GLY A 49 -8.43 -0.31 11.42
C GLY A 49 -7.51 -1.34 10.74
N VAL A 50 -6.43 -0.90 10.13
CA VAL A 50 -5.50 -1.87 9.46
C VAL A 50 -4.78 -2.71 10.51
N GLU A 51 -4.75 -4.01 10.29
CA GLU A 51 -4.10 -4.94 11.26
C GLU A 51 -2.72 -5.40 10.77
N VAL A 52 -1.69 -4.82 11.31
CA VAL A 52 -0.30 -5.22 10.95
C VAL A 52 0.11 -6.43 11.79
N ASP A 53 1.10 -7.18 11.37
CA ASP A 53 1.51 -8.38 12.15
C ASP A 53 2.70 -8.07 13.07
N SER A 54 3.19 -9.07 13.75
CA SER A 54 4.34 -8.88 14.69
C SER A 54 5.66 -8.62 13.94
N ASN A 55 5.64 -8.63 12.62
CA ASN A 55 6.90 -8.36 11.85
C ASN A 55 6.84 -6.97 11.20
N GLY A 56 5.69 -6.34 11.19
CA GLY A 56 5.58 -4.98 10.57
C GLY A 56 5.29 -5.10 9.08
N GLU A 57 4.66 -6.18 8.67
CA GLU A 57 4.36 -6.38 7.23
C GLU A 57 2.85 -6.28 6.96
N ILE A 58 2.50 -5.66 5.86
CA ILE A 58 1.07 -5.51 5.50
C ILE A 58 0.87 -5.93 4.04
N ASP A 59 -0.23 -6.57 3.75
CA ASP A 59 -0.49 -7.02 2.35
C ASP A 59 -0.74 -5.81 1.45
N TYR A 60 0.15 -5.55 0.53
CA TYR A 60 0.00 -4.37 -0.38
C TYR A 60 -1.27 -4.48 -1.25
N LYS A 61 -1.65 -5.68 -1.63
CA LYS A 61 -2.85 -5.84 -2.50
C LYS A 61 -4.13 -5.51 -1.73
N LYS A 62 -4.15 -5.84 -0.47
CA LYS A 62 -5.37 -5.58 0.36
C LYS A 62 -5.58 -4.08 0.61
N PHE A 63 -4.53 -3.37 0.93
CA PHE A 63 -4.67 -1.91 1.24
C PHE A 63 -4.88 -1.11 -0.05
N ILE A 64 -4.38 -1.59 -1.16
CA ILE A 64 -4.56 -0.87 -2.45
C ILE A 64 -5.94 -1.19 -3.05
N GLU A 65 -6.27 -2.45 -3.17
CA GLU A 65 -7.60 -2.83 -3.74
C GLU A 65 -8.74 -2.34 -2.85
N ASP A 66 -8.50 -2.17 -1.58
CA ASP A 66 -9.59 -1.67 -0.68
C ASP A 66 -9.63 -0.14 -0.66
N VAL A 67 -8.61 0.51 -1.15
CA VAL A 67 -8.63 2.01 -1.21
C VAL A 67 -9.11 2.42 -2.60
N LEU A 68 -8.69 1.68 -3.61
CA LEU A 68 -9.11 1.97 -5.01
C LEU A 68 -10.64 1.93 -5.16
N ARG A 69 -11.32 1.30 -4.23
CA ARG A 69 -12.82 1.24 -4.32
C ARG A 69 -13.40 2.66 -4.35
N GLN A 70 -14.27 2.93 -5.29
CA GLN A 70 -14.89 4.29 -5.39
C GLN A 70 -16.38 4.22 -5.04
#